data_6QGJ
# 
_entry.id   6QGJ 
# 
_audit_conform.dict_name       mmcif_pdbx.dic 
_audit_conform.dict_version    5.383 
_audit_conform.dict_location   http://mmcif.pdb.org/dictionaries/ascii/mmcif_pdbx.dic 
# 
loop_
_database_2.database_id 
_database_2.database_code 
_database_2.pdbx_database_accession 
_database_2.pdbx_DOI 
PDB   6QGJ         pdb_00006qgj 10.2210/pdb6qgj/pdb 
WWPDB D_1292100128 ?            ?                   
# 
loop_
_pdbx_audit_revision_history.ordinal 
_pdbx_audit_revision_history.data_content_type 
_pdbx_audit_revision_history.major_revision 
_pdbx_audit_revision_history.minor_revision 
_pdbx_audit_revision_history.revision_date 
1 'Structure model' 1 0 2019-06-12 
2 'Structure model' 1 1 2019-09-11 
3 'Structure model' 1 2 2019-09-18 
4 'Structure model' 1 3 2024-01-24 
# 
_pdbx_audit_revision_details.ordinal             1 
_pdbx_audit_revision_details.revision_ordinal    1 
_pdbx_audit_revision_details.data_content_type   'Structure model' 
_pdbx_audit_revision_details.provider            repository 
_pdbx_audit_revision_details.type                'Initial release' 
_pdbx_audit_revision_details.description         ? 
_pdbx_audit_revision_details.details             ? 
# 
loop_
_pdbx_audit_revision_group.ordinal 
_pdbx_audit_revision_group.revision_ordinal 
_pdbx_audit_revision_group.data_content_type 
_pdbx_audit_revision_group.group 
1 2 'Structure model' 'Data collection'        
2 2 'Structure model' 'Database references'    
3 3 'Structure model' 'Data collection'        
4 3 'Structure model' 'Refinement description' 
5 4 'Structure model' 'Data collection'        
6 4 'Structure model' 'Database references'    
7 4 'Structure model' 'Refinement description' 
# 
loop_
_pdbx_audit_revision_category.ordinal 
_pdbx_audit_revision_category.revision_ordinal 
_pdbx_audit_revision_category.data_content_type 
_pdbx_audit_revision_category.category 
1 2 'Structure model' citation                      
2 2 'Structure model' citation_author               
3 3 'Structure model' software                      
4 4 'Structure model' chem_comp_atom                
5 4 'Structure model' chem_comp_bond                
6 4 'Structure model' database_2                    
7 4 'Structure model' pdbx_initial_refinement_model 
# 
loop_
_pdbx_audit_revision_item.ordinal 
_pdbx_audit_revision_item.revision_ordinal 
_pdbx_audit_revision_item.data_content_type 
_pdbx_audit_revision_item.item 
1  2 'Structure model' '_citation.journal_volume'            
2  2 'Structure model' '_citation.page_first'                
3  2 'Structure model' '_citation.page_last'                 
4  2 'Structure model' '_citation.pdbx_database_id_PubMed'   
5  2 'Structure model' '_citation.title'                     
6  2 'Structure model' '_citation_author.identifier_ORCID'   
7  2 'Structure model' '_citation_author.name'               
8  3 'Structure model' '_software.version'                   
9  4 'Structure model' '_database_2.pdbx_DOI'                
10 4 'Structure model' '_database_2.pdbx_database_accession' 
# 
_pdbx_database_status.status_code                     REL 
_pdbx_database_status.status_code_sf                  REL 
_pdbx_database_status.status_code_mr                  ? 
_pdbx_database_status.entry_id                        6QGJ 
_pdbx_database_status.recvd_initial_deposition_date   2019-01-11 
_pdbx_database_status.SG_entry                        N 
_pdbx_database_status.deposit_site                    PDBE 
_pdbx_database_status.process_site                    PDBE 
_pdbx_database_status.status_code_cs                  ? 
_pdbx_database_status.methods_development_category    ? 
_pdbx_database_status.pdb_format_compatible           Y 
_pdbx_database_status.status_code_nmr_data            ? 
# 
loop_
_pdbx_database_related.db_name 
_pdbx_database_related.details 
_pdbx_database_related.db_id 
_pdbx_database_related.content_type 
PDB 'Bcl-2 complex with PUMA peptide'     6QG8 unspecified 
PDB 'Bcl-2 complex with ABT-737 analogue' 6QGG unspecified 
PDB 'Bcl-2 complex with ABT-263'          6QGH unspecified 
# 
loop_
_audit_author.name 
_audit_author.pdbx_ordinal 
_audit_author.identifier_ORCID 
'Dokurno, P.'      1  0000-0002-7332-8889 
'Murray, J.'       2  0000-0003-1007-8218 
'Davidson, J.'     3  0000-0002-8301-1607 
'Chen, I.'         4  ?                   
'Davis, B.'        5  0000-0001-6759-7575 
'Graham, C.J.'     6  ?                   
'Harris, R.'       7  ?                   
'Jordan, A.M.'     8  0000-0003-3449-3993 
'Matassova, N.'    9  0000-0002-2432-4929 
'Pedder, C.'       10 ?                   
'Ray, S.'          11 0000-0003-4670-2086 
'Roughley, S.'     12 0000-0003-0683-5693 
'Smith, J.'        13 ?                   
'Walmsley, C.'     14 ?                   
'Wang, Y.'         15 ?                   
'Whitehead, N.'    16 ?                   
'Williamson, D.S.' 17 0000-0002-5094-5200 
'Casara, P.'       18 ?                   
'Le Diguarher, T.' 19 ?                   
'Hickman, J.'      20 ?                   
'Stark, J.'        21 ?                   
'Kotschy, A.'      22 0000-0002-7675-3864 
'Geneste, O.'      23 ?                   
'Hubbard, R.E.'    24 0000-0002-8233-7461 
# 
_citation.abstract                  ? 
_citation.abstract_id_CAS           ? 
_citation.book_id_ISBN              ? 
_citation.book_publisher            ? 
_citation.book_publisher_city       ? 
_citation.book_title                ? 
_citation.coordinate_linkage        ? 
_citation.country                   US 
_citation.database_id_Medline       ? 
_citation.details                   ? 
_citation.id                        primary 
_citation.journal_abbrev            'Acs Omega' 
_citation.journal_id_ASTM           ? 
_citation.journal_id_CSD            ? 
_citation.journal_id_ISSN           2470-1343 
_citation.journal_full              ? 
_citation.journal_issue             ? 
_citation.journal_volume            4 
_citation.language                  ? 
_citation.page_first                8892 
_citation.page_last                 8906 
_citation.title                     
'Establishing Drug Discovery and Identification of Hit Series for the Anti-apoptotic Proteins, Bcl-2 and Mcl-1.' 
_citation.year                      2019 
_citation.database_id_CSD           ? 
_citation.pdbx_database_id_DOI      10.1021/acsomega.9b00611 
_citation.pdbx_database_id_PubMed   31459977 
_citation.unpublished_flag          ? 
# 
loop_
_citation_author.citation_id 
_citation_author.name 
_citation_author.ordinal 
_citation_author.identifier_ORCID 
primary 'Murray, J.B.'     1  ? 
primary 'Davidson, J.'     2  ? 
primary 'Chen, I.'         3  ? 
primary 'Davis, B.'        4  ? 
primary 'Dokurno, P.'      5  ? 
primary 'Graham, C.J.'     6  ? 
primary 'Harris, R.'       7  ? 
primary 'Jordan, A.'       8  ? 
primary 'Matassova, N.'    9  ? 
primary 'Pedder, C.'       10 ? 
primary 'Ray, S.'          11 ? 
primary 'Roughley, S.D.'   12 ? 
primary 'Smith, J.'        13 ? 
primary 'Walmsley, C.'     14 ? 
primary 'Wang, Y.'         15 ? 
primary 'Whitehead, N.'    16 ? 
primary 'Williamson, D.S.' 17 ? 
primary 'Casara, P.'       18 ? 
primary 'Le Diguarher, T.' 19 ? 
primary 'Hickman, J.'      20 ? 
primary 'Stark, J.'        21 ? 
primary 'Kotschy, A.'      22 ? 
primary 'Geneste, O.'      23 ? 
primary 'Hubbard, R.E.'    24 ? 
# 
loop_
_entity.id 
_entity.type 
_entity.src_method 
_entity.pdbx_description 
_entity.formula_weight 
_entity.pdbx_number_of_molecules 
_entity.pdbx_ec 
_entity.pdbx_mutation 
_entity.pdbx_fragment 
_entity.details 
1 polymer     man 'Apoptosis regulator Bcl-2,Bcl-2-like protein 1,Apoptosis regulator Bcl-2,Bcl-2-like protein 1' 20442.461 1  ? 
'H20S, L95Q, R106L, F124G, R127Y, G128A, R129S, P168V, L175A, T178A, E179T, R183D' ? ? 
2 non-polymer syn 
;4-[4-[(1~{R})-1-(6-methoxy-1,3-benzodioxol-5-yl)-2-pyrrolidin-1-yl-ethyl]phenyl]-~{N}-[4-[[(2~{R})-4-morpholin-4-yl-1-phenylsulfanyl-butan-2-yl]amino]-3-(trifluoromethylsulfonyl)phenyl]sulfonyl-benzamide
;
981.130   1  ? ?                                                                                  ? ? 
3 water       nat water 18.015    83 ? ?                                                                                  ? ? 
# 
_entity_name_com.entity_id   1 
_entity_name_com.name        'Bcl2-L-1,Apoptosis regulator Bcl-X,Bcl2-L-1,Apoptosis regulator Bcl-X' 
# 
_entity_poly.entity_id                      1 
_entity_poly.type                           'polypeptide(L)' 
_entity_poly.nstd_linkage                   no 
_entity_poly.nstd_monomer                   no 
_entity_poly.pdbx_seq_one_letter_code       
;MSQDNREIVMKYISYKLSQRGYEWDAGDVEENRTEAPEGTESEVVHQTLRQAGDDFSLRYRRDFAEMSSQLHLTPGTAYA
SFATVVEELFRDGVNWGRIVAFFEFGGVMCVESVNREMSVLVDNIAAWMATYLNDHLHTWIQDNGGWDAFVELYGNNAAA
ESRKGQERFLEHHHHHH
;
_entity_poly.pdbx_seq_one_letter_code_can   
;MSQDNREIVMKYISYKLSQRGYEWDAGDVEENRTEAPEGTESEVVHQTLRQAGDDFSLRYRRDFAEMSSQLHLTPGTAYA
SFATVVEELFRDGVNWGRIVAFFEFGGVMCVESVNREMSVLVDNIAAWMATYLNDHLHTWIQDNGGWDAFVELYGNNAAA
ESRKGQERFLEHHHHHH
;
_entity_poly.pdbx_strand_id                 A 
_entity_poly.pdbx_target_identifier         ? 
# 
loop_
_pdbx_entity_nonpoly.entity_id 
_pdbx_entity_nonpoly.name 
_pdbx_entity_nonpoly.comp_id 
2 
;4-[4-[(1~{R})-1-(6-methoxy-1,3-benzodioxol-5-yl)-2-pyrrolidin-1-yl-ethyl]phenyl]-~{N}-[4-[[(2~{R})-4-morpholin-4-yl-1-phenylsulfanyl-butan-2-yl]amino]-3-(trifluoromethylsulfonyl)phenyl]sulfonyl-benzamide
;
J1T 
3 water HOH 
# 
loop_
_entity_poly_seq.entity_id 
_entity_poly_seq.num 
_entity_poly_seq.mon_id 
_entity_poly_seq.hetero 
1 1   MET n 
1 2   SER n 
1 3   GLN n 
1 4   ASP n 
1 5   ASN n 
1 6   ARG n 
1 7   GLU n 
1 8   ILE n 
1 9   VAL n 
1 10  MET n 
1 11  LYS n 
1 12  TYR n 
1 13  ILE n 
1 14  SER n 
1 15  TYR n 
1 16  LYS n 
1 17  LEU n 
1 18  SER n 
1 19  GLN n 
1 20  ARG n 
1 21  GLY n 
1 22  TYR n 
1 23  GLU n 
1 24  TRP n 
1 25  ASP n 
1 26  ALA n 
1 27  GLY n 
1 28  ASP n 
1 29  VAL n 
1 30  GLU n 
1 31  GLU n 
1 32  ASN n 
1 33  ARG n 
1 34  THR n 
1 35  GLU n 
1 36  ALA n 
1 37  PRO n 
1 38  GLU n 
1 39  GLY n 
1 40  THR n 
1 41  GLU n 
1 42  SER n 
1 43  GLU n 
1 44  VAL n 
1 45  VAL n 
1 46  HIS n 
1 47  GLN n 
1 48  THR n 
1 49  LEU n 
1 50  ARG n 
1 51  GLN n 
1 52  ALA n 
1 53  GLY n 
1 54  ASP n 
1 55  ASP n 
1 56  PHE n 
1 57  SER n 
1 58  LEU n 
1 59  ARG n 
1 60  TYR n 
1 61  ARG n 
1 62  ARG n 
1 63  ASP n 
1 64  PHE n 
1 65  ALA n 
1 66  GLU n 
1 67  MET n 
1 68  SER n 
1 69  SER n 
1 70  GLN n 
1 71  LEU n 
1 72  HIS n 
1 73  LEU n 
1 74  THR n 
1 75  PRO n 
1 76  GLY n 
1 77  THR n 
1 78  ALA n 
1 79  TYR n 
1 80  ALA n 
1 81  SER n 
1 82  PHE n 
1 83  ALA n 
1 84  THR n 
1 85  VAL n 
1 86  VAL n 
1 87  GLU n 
1 88  GLU n 
1 89  LEU n 
1 90  PHE n 
1 91  ARG n 
1 92  ASP n 
1 93  GLY n 
1 94  VAL n 
1 95  ASN n 
1 96  TRP n 
1 97  GLY n 
1 98  ARG n 
1 99  ILE n 
1 100 VAL n 
1 101 ALA n 
1 102 PHE n 
1 103 PHE n 
1 104 GLU n 
1 105 PHE n 
1 106 GLY n 
1 107 GLY n 
1 108 VAL n 
1 109 MET n 
1 110 CYS n 
1 111 VAL n 
1 112 GLU n 
1 113 SER n 
1 114 VAL n 
1 115 ASN n 
1 116 ARG n 
1 117 GLU n 
1 118 MET n 
1 119 SER n 
1 120 VAL n 
1 121 LEU n 
1 122 VAL n 
1 123 ASP n 
1 124 ASN n 
1 125 ILE n 
1 126 ALA n 
1 127 ALA n 
1 128 TRP n 
1 129 MET n 
1 130 ALA n 
1 131 THR n 
1 132 TYR n 
1 133 LEU n 
1 134 ASN n 
1 135 ASP n 
1 136 HIS n 
1 137 LEU n 
1 138 HIS n 
1 139 THR n 
1 140 TRP n 
1 141 ILE n 
1 142 GLN n 
1 143 ASP n 
1 144 ASN n 
1 145 GLY n 
1 146 GLY n 
1 147 TRP n 
1 148 ASP n 
1 149 ALA n 
1 150 PHE n 
1 151 VAL n 
1 152 GLU n 
1 153 LEU n 
1 154 TYR n 
1 155 GLY n 
1 156 ASN n 
1 157 ASN n 
1 158 ALA n 
1 159 ALA n 
1 160 ALA n 
1 161 GLU n 
1 162 SER n 
1 163 ARG n 
1 164 LYS n 
1 165 GLY n 
1 166 GLN n 
1 167 GLU n 
1 168 ARG n 
1 169 PHE n 
1 170 LEU n 
1 171 GLU n 
1 172 HIS n 
1 173 HIS n 
1 174 HIS n 
1 175 HIS n 
1 176 HIS n 
1 177 HIS n 
# 
loop_
_entity_src_gen.entity_id 
_entity_src_gen.pdbx_src_id 
_entity_src_gen.pdbx_alt_source_flag 
_entity_src_gen.pdbx_seq_type 
_entity_src_gen.pdbx_beg_seq_num 
_entity_src_gen.pdbx_end_seq_num 
_entity_src_gen.gene_src_common_name 
_entity_src_gen.gene_src_genus 
_entity_src_gen.pdbx_gene_src_gene 
_entity_src_gen.gene_src_species 
_entity_src_gen.gene_src_strain 
_entity_src_gen.gene_src_tissue 
_entity_src_gen.gene_src_tissue_fraction 
_entity_src_gen.gene_src_details 
_entity_src_gen.pdbx_gene_src_fragment 
_entity_src_gen.pdbx_gene_src_scientific_name 
_entity_src_gen.pdbx_gene_src_ncbi_taxonomy_id 
_entity_src_gen.pdbx_gene_src_variant 
_entity_src_gen.pdbx_gene_src_cell_line 
_entity_src_gen.pdbx_gene_src_atcc 
_entity_src_gen.pdbx_gene_src_organ 
_entity_src_gen.pdbx_gene_src_organelle 
_entity_src_gen.pdbx_gene_src_cell 
_entity_src_gen.pdbx_gene_src_cellular_location 
_entity_src_gen.host_org_common_name 
_entity_src_gen.pdbx_host_org_scientific_name 
_entity_src_gen.pdbx_host_org_ncbi_taxonomy_id 
_entity_src_gen.host_org_genus 
_entity_src_gen.pdbx_host_org_gene 
_entity_src_gen.pdbx_host_org_organ 
_entity_src_gen.host_org_species 
_entity_src_gen.pdbx_host_org_tissue 
_entity_src_gen.pdbx_host_org_tissue_fraction 
_entity_src_gen.pdbx_host_org_strain 
_entity_src_gen.pdbx_host_org_variant 
_entity_src_gen.pdbx_host_org_cell_line 
_entity_src_gen.pdbx_host_org_atcc 
_entity_src_gen.pdbx_host_org_culture_collection 
_entity_src_gen.pdbx_host_org_cell 
_entity_src_gen.pdbx_host_org_organelle 
_entity_src_gen.pdbx_host_org_cellular_location 
_entity_src_gen.pdbx_host_org_vector_type 
_entity_src_gen.pdbx_host_org_vector 
_entity_src_gen.host_org_details 
_entity_src_gen.expression_system_id 
_entity_src_gen.plasmid_name 
_entity_src_gen.plasmid_details 
_entity_src_gen.pdbx_description 
1 1 sample 'Biological sequence' 1   27  Human ? BCL2                  ? ? ? ? ? ? 'Homo sapiens' 9606 ? ? ? ? ? ? ? ? 
'Escherichia coli BL21' 511693 ? ? ? ? ? ? ? pLysS ? ? ? ? ? ? ? ? ? ? ? ? ? 
1 2 sample 'Biological sequence' 28  43  Human ? 'BCL2L1, BCL2L, BCLX' ? ? ? ? ? ? 'Homo sapiens' 9606 ? ? ? ? ? ? ? ? 
'Escherichia coli BL21' 511693 ? ? ? ? ? ? ? pLysS ? ? ? ? ? ? ? ? ? ? ? ? ? 
1 3 sample 'Biological sequence' 44  155 Human ? BCL2                  ? ? ? ? ? ? 'Homo sapiens' 9606 ? ? ? ? ? ? ? ? 
'Escherichia coli BL21' 511693 ? ? ? ? ? ? ? pLysS ? ? ? ? ? ? ? ? ? ? ? ? ? 
1 4 sample 'Biological sequence' 156 177 Human ? 'BCL2L1, BCL2L, BCLX' ? ? ? ? ? ? 'Homo sapiens' 9606 ? ? ? ? ? ? ? ? 
'Escherichia coli BL21' 511693 ? ? ? ? ? ? ? pLysS ? ? ? ? ? ? ? ? ? ? ? ? ? 
# 
loop_
_chem_comp.id 
_chem_comp.type 
_chem_comp.mon_nstd_flag 
_chem_comp.name 
_chem_comp.pdbx_synonyms 
_chem_comp.formula 
_chem_comp.formula_weight 
ALA 'L-peptide linking' y ALANINE ? 'C3 H7 N O2'          89.093  
ARG 'L-peptide linking' y ARGININE ? 'C6 H15 N4 O2 1'      175.209 
ASN 'L-peptide linking' y ASPARAGINE ? 'C4 H8 N2 O3'         132.118 
ASP 'L-peptide linking' y 'ASPARTIC ACID' ? 'C4 H7 N O4'          133.103 
CYS 'L-peptide linking' y CYSTEINE ? 'C3 H7 N O2 S'        121.158 
GLN 'L-peptide linking' y GLUTAMINE ? 'C5 H10 N2 O3'        146.144 
GLU 'L-peptide linking' y 'GLUTAMIC ACID' ? 'C5 H9 N O4'          147.129 
GLY 'peptide linking'   y GLYCINE ? 'C2 H5 N O2'          75.067  
HIS 'L-peptide linking' y HISTIDINE ? 'C6 H10 N3 O2 1'      156.162 
HOH non-polymer         . WATER ? 'H2 O'                18.015  
ILE 'L-peptide linking' y ISOLEUCINE ? 'C6 H13 N O2'         131.173 
J1T non-polymer         . 
;4-[4-[(1~{R})-1-(6-methoxy-1,3-benzodioxol-5-yl)-2-pyrrolidin-1-yl-ethyl]phenyl]-~{N}-[4-[[(2~{R})-4-morpholin-4-yl-1-phenylsulfanyl-butan-2-yl]amino]-3-(trifluoromethylsulfonyl)phenyl]sulfonyl-benzamide
;
? 'C48 H51 F3 N4 O9 S3' 981.130 
LEU 'L-peptide linking' y LEUCINE ? 'C6 H13 N O2'         131.173 
LYS 'L-peptide linking' y LYSINE ? 'C6 H15 N2 O2 1'      147.195 
MET 'L-peptide linking' y METHIONINE ? 'C5 H11 N O2 S'       149.211 
PHE 'L-peptide linking' y PHENYLALANINE ? 'C9 H11 N O2'         165.189 
PRO 'L-peptide linking' y PROLINE ? 'C5 H9 N O2'          115.130 
SER 'L-peptide linking' y SERINE ? 'C3 H7 N O3'          105.093 
THR 'L-peptide linking' y THREONINE ? 'C4 H9 N O3'          119.119 
TRP 'L-peptide linking' y TRYPTOPHAN ? 'C11 H12 N2 O2'       204.225 
TYR 'L-peptide linking' y TYROSINE ? 'C9 H11 N O3'         181.189 
VAL 'L-peptide linking' y VALINE ? 'C5 H11 N O2'         117.146 
# 
loop_
_pdbx_poly_seq_scheme.asym_id 
_pdbx_poly_seq_scheme.entity_id 
_pdbx_poly_seq_scheme.seq_id 
_pdbx_poly_seq_scheme.mon_id 
_pdbx_poly_seq_scheme.ndb_seq_num 
_pdbx_poly_seq_scheme.pdb_seq_num 
_pdbx_poly_seq_scheme.auth_seq_num 
_pdbx_poly_seq_scheme.pdb_mon_id 
_pdbx_poly_seq_scheme.auth_mon_id 
_pdbx_poly_seq_scheme.pdb_strand_id 
_pdbx_poly_seq_scheme.pdb_ins_code 
_pdbx_poly_seq_scheme.hetero 
A 1 1   MET 1   7   ?   ?   ?   A . n 
A 1 2   SER 2   8   ?   ?   ?   A . n 
A 1 3   GLN 3   9   ?   ?   ?   A . n 
A 1 4   ASP 4   10  ?   ?   ?   A . n 
A 1 5   ASN 5   11  11  ASN ASN A . n 
A 1 6   ARG 6   12  12  ARG ARG A . n 
A 1 7   GLU 7   13  13  GLU GLU A . n 
A 1 8   ILE 8   14  14  ILE ILE A . n 
A 1 9   VAL 9   15  15  VAL VAL A . n 
A 1 10  MET 10  16  16  MET MET A . n 
A 1 11  LYS 11  17  17  LYS LYS A . n 
A 1 12  TYR 12  18  18  TYR TYR A . n 
A 1 13  ILE 13  19  19  ILE ILE A . n 
A 1 14  SER 14  20  20  SER SER A . n 
A 1 15  TYR 15  21  21  TYR TYR A . n 
A 1 16  LYS 16  22  22  LYS LYS A . n 
A 1 17  LEU 17  23  23  LEU LEU A . n 
A 1 18  SER 18  24  24  SER SER A . n 
A 1 19  GLN 19  25  25  GLN GLN A . n 
A 1 20  ARG 20  26  26  ARG ARG A . n 
A 1 21  GLY 21  27  27  GLY GLY A . n 
A 1 22  TYR 22  28  28  TYR TYR A . n 
A 1 23  GLU 23  29  29  GLU GLU A . n 
A 1 24  TRP 24  30  30  TRP TRP A . n 
A 1 25  ASP 25  31  ?   ?   ?   A . n 
A 1 26  ALA 26  32  ?   ?   ?   A . n 
A 1 27  GLY 27  33  ?   ?   ?   A . n 
A 1 28  ASP 28  34  ?   ?   ?   A . n 
A 1 29  VAL 29  35  ?   ?   ?   A . n 
A 1 30  GLU 30  36  ?   ?   ?   A . n 
A 1 31  GLU 31  37  ?   ?   ?   A . n 
A 1 32  ASN 32  38  ?   ?   ?   A . n 
A 1 33  ARG 33  39  ?   ?   ?   A . n 
A 1 34  THR 34  40  ?   ?   ?   A . n 
A 1 35  GLU 35  41  ?   ?   ?   A . n 
A 1 36  ALA 36  42  ?   ?   ?   A . n 
A 1 37  PRO 37  43  ?   ?   ?   A . n 
A 1 38  GLU 38  44  ?   ?   ?   A . n 
A 1 39  GLY 39  45  ?   ?   ?   A . n 
A 1 40  THR 40  46  ?   ?   ?   A . n 
A 1 41  GLU 41  47  89  GLU GLU A . n 
A 1 42  SER 42  48  90  SER SER A . n 
A 1 43  GLU 43  49  91  GLU GLU A . n 
A 1 44  VAL 44  92  92  VAL VAL A . n 
A 1 45  VAL 45  93  93  VAL VAL A . n 
A 1 46  HIS 46  94  94  HIS HIS A . n 
A 1 47  GLN 47  95  95  GLN GLN A . n 
A 1 48  THR 48  96  96  THR THR A . n 
A 1 49  LEU 49  97  97  LEU LEU A . n 
A 1 50  ARG 50  98  98  ARG ARG A . n 
A 1 51  GLN 51  99  99  GLN GLN A . n 
A 1 52  ALA 52  100 100 ALA ALA A . n 
A 1 53  GLY 53  101 101 GLY GLY A . n 
A 1 54  ASP 54  102 102 ASP ASP A . n 
A 1 55  ASP 55  103 103 ASP ASP A . n 
A 1 56  PHE 56  104 104 PHE PHE A . n 
A 1 57  SER 57  105 105 SER SER A . n 
A 1 58  LEU 58  106 106 LEU LEU A . n 
A 1 59  ARG 59  107 107 ARG ARG A . n 
A 1 60  TYR 60  108 108 TYR TYR A . n 
A 1 61  ARG 61  109 109 ARG ARG A . n 
A 1 62  ARG 62  110 110 ARG ARG A . n 
A 1 63  ASP 63  111 111 ASP ASP A . n 
A 1 64  PHE 64  112 112 PHE PHE A . n 
A 1 65  ALA 65  113 113 ALA ALA A . n 
A 1 66  GLU 66  114 114 GLU GLU A . n 
A 1 67  MET 67  115 115 MET MET A . n 
A 1 68  SER 68  116 116 SER SER A . n 
A 1 69  SER 69  117 117 SER SER A . n 
A 1 70  GLN 70  118 118 GLN GLN A . n 
A 1 71  LEU 71  119 119 LEU LEU A . n 
A 1 72  HIS 72  120 120 HIS HIS A . n 
A 1 73  LEU 73  121 121 LEU LEU A . n 
A 1 74  THR 74  122 122 THR THR A . n 
A 1 75  PRO 75  123 123 PRO PRO A . n 
A 1 76  GLY 76  124 124 GLY GLY A . n 
A 1 77  THR 77  125 125 THR THR A . n 
A 1 78  ALA 78  126 126 ALA ALA A . n 
A 1 79  TYR 79  127 127 TYR TYR A . n 
A 1 80  ALA 80  128 128 ALA ALA A . n 
A 1 81  SER 81  129 129 SER SER A . n 
A 1 82  PHE 82  130 130 PHE PHE A . n 
A 1 83  ALA 83  131 131 ALA ALA A . n 
A 1 84  THR 84  132 132 THR THR A . n 
A 1 85  VAL 85  133 133 VAL VAL A . n 
A 1 86  VAL 86  134 134 VAL VAL A . n 
A 1 87  GLU 87  135 135 GLU GLU A . n 
A 1 88  GLU 88  136 136 GLU GLU A . n 
A 1 89  LEU 89  137 137 LEU LEU A . n 
A 1 90  PHE 90  138 138 PHE PHE A . n 
A 1 91  ARG 91  139 139 ARG ARG A . n 
A 1 92  ASP 92  140 140 ASP ASP A . n 
A 1 93  GLY 93  141 141 GLY GLY A . n 
A 1 94  VAL 94  142 142 VAL VAL A . n 
A 1 95  ASN 95  143 143 ASN ASN A . n 
A 1 96  TRP 96  144 144 TRP TRP A . n 
A 1 97  GLY 97  145 145 GLY GLY A . n 
A 1 98  ARG 98  146 146 ARG ARG A . n 
A 1 99  ILE 99  147 147 ILE ILE A . n 
A 1 100 VAL 100 148 148 VAL VAL A . n 
A 1 101 ALA 101 149 149 ALA ALA A . n 
A 1 102 PHE 102 150 150 PHE PHE A . n 
A 1 103 PHE 103 151 151 PHE PHE A . n 
A 1 104 GLU 104 152 152 GLU GLU A . n 
A 1 105 PHE 105 153 153 PHE PHE A . n 
A 1 106 GLY 106 154 154 GLY GLY A . n 
A 1 107 GLY 107 155 155 GLY GLY A . n 
A 1 108 VAL 108 156 156 VAL VAL A . n 
A 1 109 MET 109 157 157 MET MET A . n 
A 1 110 CYS 110 158 158 CYS CYS A . n 
A 1 111 VAL 111 159 159 VAL VAL A . n 
A 1 112 GLU 112 160 160 GLU GLU A . n 
A 1 113 SER 113 161 161 SER SER A . n 
A 1 114 VAL 114 162 162 VAL VAL A . n 
A 1 115 ASN 115 163 163 ASN ASN A . n 
A 1 116 ARG 116 164 164 ARG ARG A . n 
A 1 117 GLU 117 165 165 GLU GLU A . n 
A 1 118 MET 118 166 166 MET MET A . n 
A 1 119 SER 119 167 167 SER SER A . n 
A 1 120 VAL 120 168 168 VAL VAL A . n 
A 1 121 LEU 121 169 169 LEU LEU A . n 
A 1 122 VAL 122 170 170 VAL VAL A . n 
A 1 123 ASP 123 171 171 ASP ASP A . n 
A 1 124 ASN 124 172 172 ASN ASN A . n 
A 1 125 ILE 125 173 173 ILE ILE A . n 
A 1 126 ALA 126 174 174 ALA ALA A . n 
A 1 127 ALA 127 175 175 ALA ALA A . n 
A 1 128 TRP 128 176 176 TRP TRP A . n 
A 1 129 MET 129 177 177 MET MET A . n 
A 1 130 ALA 130 178 178 ALA ALA A . n 
A 1 131 THR 131 179 179 THR THR A . n 
A 1 132 TYR 132 180 180 TYR TYR A . n 
A 1 133 LEU 133 181 181 LEU LEU A . n 
A 1 134 ASN 134 182 182 ASN ASN A . n 
A 1 135 ASP 135 183 183 ASP ASP A . n 
A 1 136 HIS 136 184 184 HIS HIS A . n 
A 1 137 LEU 137 185 185 LEU LEU A . n 
A 1 138 HIS 138 186 186 HIS HIS A . n 
A 1 139 THR 139 187 187 THR THR A . n 
A 1 140 TRP 140 188 188 TRP TRP A . n 
A 1 141 ILE 141 189 189 ILE ILE A . n 
A 1 142 GLN 142 190 190 GLN GLN A . n 
A 1 143 ASP 143 191 191 ASP ASP A . n 
A 1 144 ASN 144 192 192 ASN ASN A . n 
A 1 145 GLY 145 193 193 GLY GLY A . n 
A 1 146 GLY 146 194 194 GLY GLY A . n 
A 1 147 TRP 147 195 195 TRP TRP A . n 
A 1 148 ASP 148 196 196 ASP ASP A . n 
A 1 149 ALA 149 197 197 ALA ALA A . n 
A 1 150 PHE 150 198 198 PHE PHE A . n 
A 1 151 VAL 151 199 199 VAL VAL A . n 
A 1 152 GLU 152 200 200 GLU GLU A . n 
A 1 153 LEU 153 201 201 LEU LEU A . n 
A 1 154 TYR 154 202 202 TYR TYR A . n 
A 1 155 GLY 155 203 203 GLY GLY A . n 
A 1 156 ASN 156 204 204 ASN ASN A . n 
A 1 157 ASN 157 205 205 ASN ASN A . n 
A 1 158 ALA 158 206 206 ALA ALA A . n 
A 1 159 ALA 159 207 207 ALA ALA A . n 
A 1 160 ALA 160 208 208 ALA ALA A . n 
A 1 161 GLU 161 209 209 GLU GLU A . n 
A 1 162 SER 162 210 210 SER SER A . n 
A 1 163 ARG 163 211 211 ARG ARG A . n 
A 1 164 LYS 164 212 212 LYS LYS A . n 
A 1 165 GLY 165 213 213 GLY GLY A . n 
A 1 166 GLN 166 214 214 GLN GLN A . n 
A 1 167 GLU 167 215 ?   ?   ?   A . n 
A 1 168 ARG 168 216 ?   ?   ?   A . n 
A 1 169 PHE 169 217 ?   ?   ?   A . n 
A 1 170 LEU 170 218 ?   ?   ?   A . n 
A 1 171 GLU 171 219 ?   ?   ?   A . n 
A 1 172 HIS 172 220 ?   ?   ?   A . n 
A 1 173 HIS 173 221 ?   ?   ?   A . n 
A 1 174 HIS 174 222 ?   ?   ?   A . n 
A 1 175 HIS 175 223 ?   ?   ?   A . n 
A 1 176 HIS 176 224 ?   ?   ?   A . n 
A 1 177 HIS 177 225 ?   ?   ?   A . n 
# 
loop_
_pdbx_nonpoly_scheme.asym_id 
_pdbx_nonpoly_scheme.entity_id 
_pdbx_nonpoly_scheme.mon_id 
_pdbx_nonpoly_scheme.ndb_seq_num 
_pdbx_nonpoly_scheme.pdb_seq_num 
_pdbx_nonpoly_scheme.auth_seq_num 
_pdbx_nonpoly_scheme.pdb_mon_id 
_pdbx_nonpoly_scheme.auth_mon_id 
_pdbx_nonpoly_scheme.pdb_strand_id 
_pdbx_nonpoly_scheme.pdb_ins_code 
B 2 J1T 1  301 1215 J1T UNK A . 
C 3 HOH 1  401 2053 HOH HOH A . 
C 3 HOH 2  402 1    HOH HOH A . 
C 3 HOH 3  403 2034 HOH HOH A . 
C 3 HOH 4  404 2011 HOH HOH A . 
C 3 HOH 5  405 2046 HOH HOH A . 
C 3 HOH 6  406 2017 HOH HOH A . 
C 3 HOH 7  407 5    HOH HOH A . 
C 3 HOH 8  408 2    HOH HOH A . 
C 3 HOH 9  409 3    HOH HOH A . 
C 3 HOH 10 410 2033 HOH HOH A . 
C 3 HOH 11 411 2067 HOH HOH A . 
C 3 HOH 12 412 2006 HOH HOH A . 
C 3 HOH 13 413 2031 HOH HOH A . 
C 3 HOH 14 414 2075 HOH HOH A . 
C 3 HOH 15 415 2063 HOH HOH A . 
C 3 HOH 16 416 6    HOH HOH A . 
C 3 HOH 17 417 2076 HOH HOH A . 
C 3 HOH 18 418 2028 HOH HOH A . 
C 3 HOH 19 419 2026 HOH HOH A . 
C 3 HOH 20 420 2027 HOH HOH A . 
C 3 HOH 21 421 2002 HOH HOH A . 
C 3 HOH 22 422 2055 HOH HOH A . 
C 3 HOH 23 423 2008 HOH HOH A . 
C 3 HOH 24 424 2038 HOH HOH A . 
C 3 HOH 25 425 2001 HOH HOH A . 
C 3 HOH 26 426 2060 HOH HOH A . 
C 3 HOH 27 427 2012 HOH HOH A . 
C 3 HOH 28 428 2010 HOH HOH A . 
C 3 HOH 29 429 2073 HOH HOH A . 
C 3 HOH 30 430 2059 HOH HOH A . 
C 3 HOH 31 431 2024 HOH HOH A . 
C 3 HOH 32 432 2004 HOH HOH A . 
C 3 HOH 33 433 2039 HOH HOH A . 
C 3 HOH 34 434 7    HOH HOH A . 
C 3 HOH 35 435 2015 HOH HOH A . 
C 3 HOH 36 436 2050 HOH HOH A . 
C 3 HOH 37 437 2072 HOH HOH A . 
C 3 HOH 38 438 2014 HOH HOH A . 
C 3 HOH 39 439 2037 HOH HOH A . 
C 3 HOH 40 440 2056 HOH HOH A . 
C 3 HOH 41 441 2021 HOH HOH A . 
C 3 HOH 42 442 2016 HOH HOH A . 
C 3 HOH 43 443 2051 HOH HOH A . 
C 3 HOH 44 444 2007 HOH HOH A . 
C 3 HOH 45 445 2032 HOH HOH A . 
C 3 HOH 46 446 2070 HOH HOH A . 
C 3 HOH 47 447 2013 HOH HOH A . 
C 3 HOH 48 448 2071 HOH HOH A . 
C 3 HOH 49 449 2036 HOH HOH A . 
C 3 HOH 50 450 2040 HOH HOH A . 
C 3 HOH 51 451 2058 HOH HOH A . 
C 3 HOH 52 452 2062 HOH HOH A . 
C 3 HOH 53 453 4    HOH HOH A . 
C 3 HOH 54 454 2009 HOH HOH A . 
C 3 HOH 55 455 2065 HOH HOH A . 
C 3 HOH 56 456 2068 HOH HOH A . 
C 3 HOH 57 457 2023 HOH HOH A . 
C 3 HOH 58 458 2003 HOH HOH A . 
C 3 HOH 59 459 2047 HOH HOH A . 
C 3 HOH 60 460 2057 HOH HOH A . 
C 3 HOH 61 461 2045 HOH HOH A . 
C 3 HOH 62 462 2048 HOH HOH A . 
C 3 HOH 63 463 2035 HOH HOH A . 
C 3 HOH 64 464 2061 HOH HOH A . 
C 3 HOH 65 465 2054 HOH HOH A . 
C 3 HOH 66 466 2019 HOH HOH A . 
C 3 HOH 67 467 2005 HOH HOH A . 
C 3 HOH 68 468 2052 HOH HOH A . 
C 3 HOH 69 469 2074 HOH HOH A . 
C 3 HOH 70 470 2042 HOH HOH A . 
C 3 HOH 71 471 2030 HOH HOH A . 
C 3 HOH 72 472 2066 HOH HOH A . 
C 3 HOH 73 473 2029 HOH HOH A . 
C 3 HOH 74 474 2025 HOH HOH A . 
C 3 HOH 75 475 2020 HOH HOH A . 
C 3 HOH 76 476 2064 HOH HOH A . 
C 3 HOH 77 477 2018 HOH HOH A . 
C 3 HOH 78 478 2069 HOH HOH A . 
C 3 HOH 79 479 2044 HOH HOH A . 
C 3 HOH 80 480 2049 HOH HOH A . 
C 3 HOH 81 481 2022 HOH HOH A . 
C 3 HOH 82 482 2043 HOH HOH A . 
C 3 HOH 83 483 2041 HOH HOH A . 
# 
loop_
_pdbx_unobs_or_zero_occ_atoms.id 
_pdbx_unobs_or_zero_occ_atoms.PDB_model_num 
_pdbx_unobs_or_zero_occ_atoms.polymer_flag 
_pdbx_unobs_or_zero_occ_atoms.occupancy_flag 
_pdbx_unobs_or_zero_occ_atoms.auth_asym_id 
_pdbx_unobs_or_zero_occ_atoms.auth_comp_id 
_pdbx_unobs_or_zero_occ_atoms.auth_seq_id 
_pdbx_unobs_or_zero_occ_atoms.PDB_ins_code 
_pdbx_unobs_or_zero_occ_atoms.auth_atom_id 
_pdbx_unobs_or_zero_occ_atoms.label_alt_id 
_pdbx_unobs_or_zero_occ_atoms.label_asym_id 
_pdbx_unobs_or_zero_occ_atoms.label_comp_id 
_pdbx_unobs_or_zero_occ_atoms.label_seq_id 
_pdbx_unobs_or_zero_occ_atoms.label_atom_id 
1  1 Y 1 A ARG 110 ? CG  ? A ARG 62  CG  
2  1 Y 1 A ARG 110 ? CD  ? A ARG 62  CD  
3  1 Y 1 A ARG 110 ? NE  ? A ARG 62  NE  
4  1 Y 1 A ARG 110 ? CZ  ? A ARG 62  CZ  
5  1 Y 1 A ARG 110 ? NH1 ? A ARG 62  NH1 
6  1 Y 1 A ARG 110 ? NH2 ? A ARG 62  NH2 
7  1 Y 1 A LYS 212 ? CG  ? A LYS 164 CG  
8  1 Y 1 A LYS 212 ? CD  ? A LYS 164 CD  
9  1 Y 1 A LYS 212 ? CE  ? A LYS 164 CE  
10 1 Y 1 A LYS 212 ? NZ  ? A LYS 164 NZ  
# 
loop_
_software.citation_id 
_software.classification 
_software.compiler_name 
_software.compiler_version 
_software.contact_author 
_software.contact_author_email 
_software.date 
_software.description 
_software.dependencies 
_software.hardware 
_software.language 
_software.location 
_software.mods 
_software.name 
_software.os 
_software.os_version 
_software.type 
_software.version 
_software.pdbx_ordinal 
? 'data scaling'    ? ? ? ? ? ? ? ? ? ? ? SCALEPACK    ? ? ? .        1 
? refinement        ? ? ? ? ? ? ? ? ? ? ? REFMAC       ? ? ? 5.8.0230 2 
? 'data extraction' ? ? ? ? ? ? ? ? ? ? ? PDB_EXTRACT  ? ? ? 3.24     3 
? 'data reduction'  ? ? ? ? ? ? ? ? ? ? ? CrystalClear ? ? ? .        4 
? phasing           ? ? ? ? ? ? ? ? ? ? ? MOLREP       ? ? ? .        5 
# 
_cell.angle_alpha                  90.000 
_cell.angle_alpha_esd              ? 
_cell.angle_beta                   90.000 
_cell.angle_beta_esd               ? 
_cell.angle_gamma                  90.000 
_cell.angle_gamma_esd              ? 
_cell.entry_id                     6QGJ 
_cell.details                      ? 
_cell.formula_units_Z              ? 
_cell.length_a                     44.989 
_cell.length_a_esd                 ? 
_cell.length_b                     56.173 
_cell.length_b_esd                 ? 
_cell.length_c                     64.417 
_cell.length_c_esd                 ? 
_cell.volume                       ? 
_cell.volume_esd                   ? 
_cell.Z_PDB                        4 
_cell.reciprocal_angle_alpha       ? 
_cell.reciprocal_angle_beta        ? 
_cell.reciprocal_angle_gamma       ? 
_cell.reciprocal_angle_alpha_esd   ? 
_cell.reciprocal_angle_beta_esd    ? 
_cell.reciprocal_angle_gamma_esd   ? 
_cell.reciprocal_length_a          ? 
_cell.reciprocal_length_b          ? 
_cell.reciprocal_length_c          ? 
_cell.reciprocal_length_a_esd      ? 
_cell.reciprocal_length_b_esd      ? 
_cell.reciprocal_length_c_esd      ? 
_cell.pdbx_unique_axis             ? 
# 
_symmetry.entry_id                         6QGJ 
_symmetry.cell_setting                     ? 
_symmetry.Int_Tables_number                19 
_symmetry.space_group_name_Hall            ? 
_symmetry.space_group_name_H-M             'P 21 21 21' 
_symmetry.pdbx_full_space_group_name_H-M   ? 
# 
_exptl.absorpt_coefficient_mu     ? 
_exptl.absorpt_correction_T_max   ? 
_exptl.absorpt_correction_T_min   ? 
_exptl.absorpt_correction_type    ? 
_exptl.absorpt_process_details    ? 
_exptl.entry_id                   6QGJ 
_exptl.crystals_number            1 
_exptl.details                    ? 
_exptl.method                     'X-RAY DIFFRACTION' 
_exptl.method_details             ? 
# 
_exptl_crystal.colour                      ? 
_exptl_crystal.density_diffrn              ? 
_exptl_crystal.density_Matthews            1.99 
_exptl_crystal.density_method              ? 
_exptl_crystal.density_percent_sol         38.22 
_exptl_crystal.description                 ? 
_exptl_crystal.F_000                       ? 
_exptl_crystal.id                          1 
_exptl_crystal.preparation                 ? 
_exptl_crystal.size_max                    ? 
_exptl_crystal.size_mid                    ? 
_exptl_crystal.size_min                    ? 
_exptl_crystal.size_rad                    ? 
_exptl_crystal.colour_lustre               ? 
_exptl_crystal.colour_modifier             ? 
_exptl_crystal.colour_primary              ? 
_exptl_crystal.density_meas                ? 
_exptl_crystal.density_meas_esd            ? 
_exptl_crystal.density_meas_gt             ? 
_exptl_crystal.density_meas_lt             ? 
_exptl_crystal.density_meas_temp           ? 
_exptl_crystal.density_meas_temp_esd       ? 
_exptl_crystal.density_meas_temp_gt        ? 
_exptl_crystal.density_meas_temp_lt        ? 
_exptl_crystal.pdbx_crystal_image_url      ? 
_exptl_crystal.pdbx_crystal_image_format   ? 
_exptl_crystal.pdbx_mosaicity              ? 
_exptl_crystal.pdbx_mosaicity_esd          ? 
# 
_exptl_crystal_grow.apparatus       ? 
_exptl_crystal_grow.atmosphere      ? 
_exptl_crystal_grow.crystal_id      1 
_exptl_crystal_grow.details         ? 
_exptl_crystal_grow.method          'VAPOR DIFFUSION, SITTING DROP' 
_exptl_crystal_grow.method_ref      ? 
_exptl_crystal_grow.pH              5.5 
_exptl_crystal_grow.pressure        ? 
_exptl_crystal_grow.pressure_esd    ? 
_exptl_crystal_grow.seeding         ? 
_exptl_crystal_grow.seeding_ref     ? 
_exptl_crystal_grow.temp            284 
_exptl_crystal_grow.temp_details    ? 
_exptl_crystal_grow.temp_esd        ? 
_exptl_crystal_grow.time            ? 
_exptl_crystal_grow.pdbx_details    '0.15M KSCN, 20% PEG1500 and 0.1M Na acetate buffer pH 5.5' 
_exptl_crystal_grow.pdbx_pH_range   ? 
# 
_diffrn.ambient_environment              ? 
_diffrn.ambient_temp                     100 
_diffrn.ambient_temp_details             ? 
_diffrn.ambient_temp_esd                 ? 
_diffrn.crystal_id                       1 
_diffrn.crystal_support                  ? 
_diffrn.crystal_treatment                ? 
_diffrn.details                          ? 
_diffrn.id                               1 
_diffrn.ambient_pressure                 ? 
_diffrn.ambient_pressure_esd             ? 
_diffrn.ambient_pressure_gt              ? 
_diffrn.ambient_pressure_lt              ? 
_diffrn.ambient_temp_gt                  ? 
_diffrn.ambient_temp_lt                  ? 
_diffrn.pdbx_serial_crystal_experiment   N 
# 
_diffrn_detector.details                      ? 
_diffrn_detector.detector                     'IMAGE PLATE' 
_diffrn_detector.diffrn_id                    1 
_diffrn_detector.type                         'RIGAKU RAXIS IV++' 
_diffrn_detector.area_resol_mean              ? 
_diffrn_detector.dtime                        ? 
_diffrn_detector.pdbx_frames_total            ? 
_diffrn_detector.pdbx_collection_time_total   ? 
_diffrn_detector.pdbx_collection_date         2009-06-10 
_diffrn_detector.pdbx_frequency               ? 
# 
_diffrn_radiation.collimation                      ? 
_diffrn_radiation.diffrn_id                        1 
_diffrn_radiation.filter_edge                      ? 
_diffrn_radiation.inhomogeneity                    ? 
_diffrn_radiation.monochromator                    ? 
_diffrn_radiation.polarisn_norm                    ? 
_diffrn_radiation.polarisn_ratio                   ? 
_diffrn_radiation.probe                            ? 
_diffrn_radiation.type                             ? 
_diffrn_radiation.xray_symbol                      ? 
_diffrn_radiation.wavelength_id                    1 
_diffrn_radiation.pdbx_monochromatic_or_laue_m_l   M 
_diffrn_radiation.pdbx_wavelength_list             ? 
_diffrn_radiation.pdbx_wavelength                  ? 
_diffrn_radiation.pdbx_diffrn_protocol             'SINGLE WAVELENGTH' 
_diffrn_radiation.pdbx_analyzer                    ? 
_diffrn_radiation.pdbx_scattering_type             x-ray 
# 
_diffrn_radiation_wavelength.id           1 
_diffrn_radiation_wavelength.wavelength   1.5418 
_diffrn_radiation_wavelength.wt           1.0 
# 
_diffrn_source.current                     ? 
_diffrn_source.details                     ? 
_diffrn_source.diffrn_id                   1 
_diffrn_source.power                       ? 
_diffrn_source.size                        ? 
_diffrn_source.source                      'ROTATING ANODE' 
_diffrn_source.target                      ? 
_diffrn_source.type                        'RIGAKU RUH3R' 
_diffrn_source.voltage                     ? 
_diffrn_source.take-off_angle              ? 
_diffrn_source.pdbx_wavelength_list        1.5418 
_diffrn_source.pdbx_wavelength             ? 
_diffrn_source.pdbx_synchrotron_beamline   ? 
_diffrn_source.pdbx_synchrotron_site       ? 
# 
_reflns.B_iso_Wilson_estimate            ? 
_reflns.entry_id                         6QGJ 
_reflns.data_reduction_details           ? 
_reflns.data_reduction_method            ? 
_reflns.d_resolution_high                1.750 
_reflns.d_resolution_low                 30.000 
_reflns.details                          ? 
_reflns.limit_h_max                      ? 
_reflns.limit_h_min                      ? 
_reflns.limit_k_max                      ? 
_reflns.limit_k_min                      ? 
_reflns.limit_l_max                      ? 
_reflns.limit_l_min                      ? 
_reflns.number_all                       ? 
_reflns.number_obs                       16972 
_reflns.observed_criterion               ? 
_reflns.observed_criterion_F_max         ? 
_reflns.observed_criterion_F_min         ? 
_reflns.observed_criterion_I_max         ? 
_reflns.observed_criterion_I_min         ? 
_reflns.observed_criterion_sigma_F       ? 
_reflns.observed_criterion_sigma_I       ? 
_reflns.percent_possible_obs             99.100 
_reflns.R_free_details                   ? 
_reflns.Rmerge_F_all                     ? 
_reflns.Rmerge_F_obs                     ? 
_reflns.Friedel_coverage                 ? 
_reflns.number_gt                        ? 
_reflns.threshold_expression             ? 
_reflns.pdbx_redundancy                  3.900 
_reflns.pdbx_Rmerge_I_obs                0.034 
_reflns.pdbx_Rmerge_I_all                ? 
_reflns.pdbx_Rsym_value                  ? 
_reflns.pdbx_netI_over_av_sigmaI         ? 
_reflns.pdbx_netI_over_sigmaI            19.500 
_reflns.pdbx_res_netI_over_av_sigmaI_2   ? 
_reflns.pdbx_res_netI_over_sigmaI_2      ? 
_reflns.pdbx_chi_squared                 1.140 
_reflns.pdbx_scaling_rejects             ? 
_reflns.pdbx_d_res_high_opt              ? 
_reflns.pdbx_d_res_low_opt               ? 
_reflns.pdbx_d_res_opt_method            ? 
_reflns.phase_calculation_details        ? 
_reflns.pdbx_Rrim_I_all                  ? 
_reflns.pdbx_Rpim_I_all                  ? 
_reflns.pdbx_d_opt                       ? 
_reflns.pdbx_number_measured_all         66248 
_reflns.pdbx_diffrn_id                   1 
_reflns.pdbx_ordinal                     1 
_reflns.pdbx_CC_half                     ? 
_reflns.pdbx_R_split                     ? 
# 
loop_
_reflns_shell.d_res_high 
_reflns_shell.d_res_low 
_reflns_shell.meanI_over_sigI_all 
_reflns_shell.meanI_over_sigI_obs 
_reflns_shell.number_measured_all 
_reflns_shell.number_measured_obs 
_reflns_shell.number_possible 
_reflns_shell.number_unique_all 
_reflns_shell.number_unique_obs 
_reflns_shell.percent_possible_all 
_reflns_shell.percent_possible_obs 
_reflns_shell.Rmerge_F_all 
_reflns_shell.Rmerge_F_obs 
_reflns_shell.Rmerge_I_all 
_reflns_shell.Rmerge_I_obs 
_reflns_shell.meanI_over_sigI_gt 
_reflns_shell.meanI_over_uI_all 
_reflns_shell.meanI_over_uI_gt 
_reflns_shell.number_measured_gt 
_reflns_shell.number_unique_gt 
_reflns_shell.percent_possible_gt 
_reflns_shell.Rmerge_F_gt 
_reflns_shell.Rmerge_I_gt 
_reflns_shell.pdbx_redundancy 
_reflns_shell.pdbx_Rsym_value 
_reflns_shell.pdbx_chi_squared 
_reflns_shell.pdbx_netI_over_sigmaI_all 
_reflns_shell.pdbx_netI_over_sigmaI_obs 
_reflns_shell.pdbx_Rrim_I_all 
_reflns_shell.pdbx_Rpim_I_all 
_reflns_shell.pdbx_rejects 
_reflns_shell.pdbx_ordinal 
_reflns_shell.pdbx_diffrn_id 
_reflns_shell.pdbx_CC_half 
_reflns_shell.pdbx_R_split 
1.750 1.810  ? ? ? ? ? ? 1634 98.000  ? ? ? ? 0.539 ? ? ? ? ? ? ? ? 3.800 ? 1.193 ? ? ? ? ? 1  1 ? ? 
1.810 1.890  ? ? ? ? ? ? 1675 100.000 ? ? ? ? 0.355 ? ? ? ? ? ? ? ? 3.900 ? 1.192 ? ? ? ? ? 2  1 ? ? 
1.890 1.970  ? ? ? ? ? ? 1693 100.000 ? ? ? ? 0.242 ? ? ? ? ? ? ? ? 4.000 ? 1.189 ? ? ? ? ? 3  1 ? ? 
1.970 2.070  ? ? ? ? ? ? 1684 100.000 ? ? ? ? 0.148 ? ? ? ? ? ? ? ? 4.000 ? 1.178 ? ? ? ? ? 4  1 ? ? 
2.070 2.200  ? ? ? ? ? ? 1673 100.000 ? ? ? ? 0.101 ? ? ? ? ? ? ? ? 4.000 ? 1.180 ? ? ? ? ? 5  1 ? ? 
2.200 2.370  ? ? ? ? ? ? 1707 100.000 ? ? ? ? 0.067 ? ? ? ? ? ? ? ? 4.000 ? 1.127 ? ? ? ? ? 6  1 ? ? 
2.370 2.610  ? ? ? ? ? ? 1697 100.000 ? ? ? ? 0.046 ? ? ? ? ? ? ? ? 4.000 ? 1.179 ? ? ? ? ? 7  1 ? ? 
2.610 2.990  ? ? ? ? ? ? 1725 99.900  ? ? ? ? 0.032 ? ? ? ? ? ? ? ? 3.900 ? 1.126 ? ? ? ? ? 8  1 ? ? 
2.990 3.770  ? ? ? ? ? ? 1746 99.800  ? ? ? ? 0.024 ? ? ? ? ? ? ? ? 3.900 ? 0.932 ? ? ? ? ? 9  1 ? ? 
3.770 30.000 ? ? ? ? ? ? 1738 94.100  ? ? ? ? 0.020 ? ? ? ? ? ? ? ? 3.600 ? 1.107 ? ? ? ? ? 10 1 ? ? 
# 
_refine.aniso_B[1][1]                            3.4700 
_refine.aniso_B[1][2]                            0.0000 
_refine.aniso_B[1][3]                            0.0000 
_refine.aniso_B[2][2]                            -1.2500 
_refine.aniso_B[2][3]                            0.0000 
_refine.aniso_B[3][3]                            -2.2200 
_refine.B_iso_max                                93.820 
_refine.B_iso_mean                               36.6540 
_refine.B_iso_min                                19.800 
_refine.correlation_coeff_Fo_to_Fc               0.9510 
_refine.correlation_coeff_Fo_to_Fc_free          0.9430 
_refine.details                                  
'HYDROGENS HAVE BEEN ADDED IN THE RIDING POSITIONS U VALUES      : REFINED INDIVIDUALLY' 
_refine.diff_density_max                         ? 
_refine.diff_density_max_esd                     ? 
_refine.diff_density_min                         ? 
_refine.diff_density_min_esd                     ? 
_refine.diff_density_rms                         ? 
_refine.diff_density_rms_esd                     ? 
_refine.entry_id                                 6QGJ 
_refine.pdbx_refine_id                           'X-RAY DIFFRACTION' 
_refine.ls_abs_structure_details                 ? 
_refine.ls_abs_structure_Flack                   ? 
_refine.ls_abs_structure_Flack_esd               ? 
_refine.ls_abs_structure_Rogers                  ? 
_refine.ls_abs_structure_Rogers_esd              ? 
_refine.ls_d_res_high                            1.9000 
_refine.ls_d_res_low                             10.0000 
_refine.ls_extinction_coef                       ? 
_refine.ls_extinction_coef_esd                   ? 
_refine.ls_extinction_expression                 ? 
_refine.ls_extinction_method                     ? 
_refine.ls_goodness_of_fit_all                   ? 
_refine.ls_goodness_of_fit_all_esd               ? 
_refine.ls_goodness_of_fit_obs                   ? 
_refine.ls_goodness_of_fit_obs_esd               ? 
_refine.ls_hydrogen_treatment                    ? 
_refine.ls_matrix_type                           ? 
_refine.ls_number_constraints                    ? 
_refine.ls_number_parameters                     ? 
_refine.ls_number_reflns_all                     ? 
_refine.ls_number_reflns_obs                     12582 
_refine.ls_number_reflns_R_free                  616 
_refine.ls_number_reflns_R_work                  ? 
_refine.ls_number_restraints                     ? 
_refine.ls_percent_reflns_obs                    98.6300 
_refine.ls_percent_reflns_R_free                 4.7000 
_refine.ls_R_factor_all                          ? 
_refine.ls_R_factor_obs                          0.2020 
_refine.ls_R_factor_R_free                       0.2248 
_refine.ls_R_factor_R_free_error                 ? 
_refine.ls_R_factor_R_free_error_details         ? 
_refine.ls_R_factor_R_work                       0.2009 
_refine.ls_R_Fsqd_factor_obs                     ? 
_refine.ls_R_I_factor_obs                        ? 
_refine.ls_redundancy_reflns_all                 ? 
_refine.ls_redundancy_reflns_obs                 ? 
_refine.ls_restrained_S_all                      ? 
_refine.ls_restrained_S_obs                      ? 
_refine.ls_shift_over_esd_max                    ? 
_refine.ls_shift_over_esd_mean                   ? 
_refine.ls_structure_factor_coef                 ? 
_refine.ls_weighting_details                     ? 
_refine.ls_weighting_scheme                      ? 
_refine.ls_wR_factor_all                         ? 
_refine.ls_wR_factor_obs                         ? 
_refine.ls_wR_factor_R_free                      ? 
_refine.ls_wR_factor_R_work                      ? 
_refine.occupancy_max                            ? 
_refine.occupancy_min                            ? 
_refine.solvent_model_details                    ? 
_refine.solvent_model_param_bsol                 ? 
_refine.solvent_model_param_ksol                 ? 
_refine.ls_R_factor_gt                           ? 
_refine.ls_goodness_of_fit_gt                    ? 
_refine.ls_goodness_of_fit_ref                   ? 
_refine.ls_shift_over_su_max                     ? 
_refine.ls_shift_over_su_max_lt                  ? 
_refine.ls_shift_over_su_mean                    ? 
_refine.ls_shift_over_su_mean_lt                 ? 
_refine.pdbx_ls_sigma_I                          ? 
_refine.pdbx_ls_sigma_F                          0.000 
_refine.pdbx_ls_sigma_Fsqd                       ? 
_refine.pdbx_data_cutoff_high_absF               ? 
_refine.pdbx_data_cutoff_high_rms_absF           ? 
_refine.pdbx_data_cutoff_low_absF                ? 
_refine.pdbx_isotropic_thermal_model             ? 
_refine.pdbx_ls_cross_valid_method               THROUGHOUT 
_refine.pdbx_method_to_determine_struct          'MOLECULAR REPLACEMENT' 
_refine.pdbx_starting_model                      6qgg 
_refine.pdbx_stereochemistry_target_values       ? 
_refine.pdbx_R_Free_selection_details            RANDOM 
_refine.pdbx_stereochem_target_val_spec_case     ? 
_refine.pdbx_overall_ESU_R                       0.1680 
_refine.pdbx_overall_ESU_R_Free                  0.1420 
_refine.pdbx_solvent_vdw_probe_radii             1.2000 
_refine.pdbx_solvent_ion_probe_radii             0.8000 
_refine.pdbx_solvent_shrinkage_radii             0.8000 
_refine.pdbx_real_space_R                        ? 
_refine.pdbx_density_correlation                 ? 
_refine.pdbx_pd_number_of_powder_patterns        ? 
_refine.pdbx_pd_number_of_points                 ? 
_refine.pdbx_pd_meas_number_of_points            ? 
_refine.pdbx_pd_proc_ls_prof_R_factor            ? 
_refine.pdbx_pd_proc_ls_prof_wR_factor           ? 
_refine.pdbx_pd_Marquardt_correlation_coeff      ? 
_refine.pdbx_pd_Fsqrd_R_factor                   ? 
_refine.pdbx_pd_ls_matrix_band_width             ? 
_refine.pdbx_overall_phase_error                 ? 
_refine.pdbx_overall_SU_R_free_Cruickshank_DPI   ? 
_refine.pdbx_overall_SU_R_free_Blow_DPI          ? 
_refine.pdbx_overall_SU_R_Blow_DPI               ? 
_refine.pdbx_TLS_residual_ADP_flag               ? 
_refine.pdbx_diffrn_id                           1 
_refine.overall_SU_B                             3.4770 
_refine.overall_SU_ML                            0.1020 
_refine.overall_SU_R_Cruickshank_DPI             0.1676 
_refine.overall_SU_R_free                        ? 
_refine.overall_FOM_free_R_set                   ? 
_refine.overall_FOM_work_R_set                   ? 
_refine.pdbx_average_fsc_overall                 ? 
_refine.pdbx_average_fsc_work                    ? 
_refine.pdbx_average_fsc_free                    ? 
# 
_refine_hist.cycle_id                         final 
_refine_hist.pdbx_refine_id                   'X-RAY DIFFRACTION' 
_refine_hist.d_res_high                       1.9000 
_refine_hist.d_res_low                        10.0000 
_refine_hist.pdbx_number_atoms_ligand         67 
_refine_hist.number_atoms_solvent             83 
_refine_hist.number_atoms_total               1324 
_refine_hist.pdbx_number_residues_total       146 
_refine_hist.pdbx_B_iso_mean_ligand           45.17 
_refine_hist.pdbx_B_iso_mean_solvent          45.07 
_refine_hist.pdbx_number_atoms_protein        1174 
_refine_hist.pdbx_number_atoms_nucleic_acid   0 
# 
loop_
_refine_ls_restr.pdbx_refine_id 
_refine_ls_restr.criterion 
_refine_ls_restr.dev_ideal 
_refine_ls_restr.dev_ideal_target 
_refine_ls_restr.number 
_refine_ls_restr.rejects 
_refine_ls_restr.type 
_refine_ls_restr.weight 
_refine_ls_restr.pdbx_restraint_function 
'X-RAY DIFFRACTION' ? 0.014  0.014  1293 ? r_bond_refined_d       ? ? 
'X-RAY DIFFRACTION' ? 0.001  0.017  1062 ? r_bond_other_d         ? ? 
'X-RAY DIFFRACTION' ? 1.903  1.719  1762 ? r_angle_refined_deg    ? ? 
'X-RAY DIFFRACTION' ? 1.096  1.672  2408 ? r_angle_other_deg      ? ? 
'X-RAY DIFFRACTION' ? 5.044  5.000  148  ? r_dihedral_angle_1_deg ? ? 
'X-RAY DIFFRACTION' ? 27.244 22.179 78   ? r_dihedral_angle_2_deg ? ? 
'X-RAY DIFFRACTION' ? 14.749 15.000 188  ? r_dihedral_angle_3_deg ? ? 
'X-RAY DIFFRACTION' ? 15.895 15.000 9    ? r_dihedral_angle_4_deg ? ? 
'X-RAY DIFFRACTION' ? 0.080  0.200  148  ? r_chiral_restr         ? ? 
'X-RAY DIFFRACTION' ? 0.010  0.020  1472 ? r_gen_planes_refined   ? ? 
'X-RAY DIFFRACTION' ? 0.001  0.020  266  ? r_gen_planes_other     ? ? 
# 
_refine_ls_shell.pdbx_refine_id                   'X-RAY DIFFRACTION' 
_refine_ls_shell.d_res_high                       1.9000 
_refine_ls_shell.d_res_low                        1.9990 
_refine_ls_shell.number_reflns_all                1831 
_refine_ls_shell.number_reflns_obs                ? 
_refine_ls_shell.number_reflns_R_free             95 
_refine_ls_shell.number_reflns_R_work             1736 
_refine_ls_shell.percent_reflns_obs               100.0000 
_refine_ls_shell.percent_reflns_R_free            ? 
_refine_ls_shell.R_factor_all                     ? 
_refine_ls_shell.R_factor_obs                     ? 
_refine_ls_shell.R_factor_R_free                  0.2830 
_refine_ls_shell.R_factor_R_free_error            0.0000 
_refine_ls_shell.R_factor_R_work                  0.2470 
_refine_ls_shell.redundancy_reflns_all            ? 
_refine_ls_shell.redundancy_reflns_obs            ? 
_refine_ls_shell.wR_factor_all                    ? 
_refine_ls_shell.wR_factor_obs                    ? 
_refine_ls_shell.wR_factor_R_free                 ? 
_refine_ls_shell.wR_factor_R_work                 ? 
_refine_ls_shell.pdbx_total_number_of_bins_used   10 
_refine_ls_shell.pdbx_phase_error                 ? 
_refine_ls_shell.pdbx_fsc_work                    ? 
_refine_ls_shell.pdbx_fsc_free                    ? 
# 
_struct.entry_id                     6QGJ 
_struct.title                        'Structure of human Bcl-2 in complex with fragment/ABT-263 hybrid' 
_struct.pdbx_model_details           ? 
_struct.pdbx_formula_weight          ? 
_struct.pdbx_formula_weight_method   ? 
_struct.pdbx_model_type_details      ? 
_struct.pdbx_CASP_flag               N 
# 
_struct_keywords.entry_id        6QGJ 
_struct_keywords.text            'APOPTOSIS, BCL2, ABT-763, Drug design' 
_struct_keywords.pdbx_keywords   APOPTOSIS 
# 
loop_
_struct_asym.id 
_struct_asym.pdbx_blank_PDB_chainid_flag 
_struct_asym.pdbx_modified 
_struct_asym.entity_id 
_struct_asym.details 
A N N 1 ? 
B N N 2 ? 
C N N 3 ? 
# 
loop_
_struct_ref.id 
_struct_ref.db_name 
_struct_ref.db_code 
_struct_ref.pdbx_db_accession 
_struct_ref.pdbx_db_isoform 
_struct_ref.entity_id 
_struct_ref.pdbx_seq_one_letter_code 
_struct_ref.pdbx_align_begin 
1 UNP BCL2_HUMAN  P10415 ? 1 DNREIVMKYIHYKLSQRGYEWDAG 10  
2 UNP B2CL1_HUMAN Q07817 ? 1 DVEENRTEAPEGTESE 29  
3 UNP BCL2_HUMAN  P10415 ? 1 
;VVHLTLRQAGDDFSRRYRRDFAEMSSQLHLTPFTARGRFATVVEELFRDGVNWGRIVAFFEFGGVMCVESVNREMSPLVD
NIALWMTEYLNRHLHTWIQDNGGWDAFVELYG
;
92  
4 UNP B2CL1_HUMAN Q07817 ? 1 NNAAAESRKGQERF 197 
# 
loop_
_struct_ref_seq.align_id 
_struct_ref_seq.ref_id 
_struct_ref_seq.pdbx_PDB_id_code 
_struct_ref_seq.pdbx_strand_id 
_struct_ref_seq.seq_align_beg 
_struct_ref_seq.pdbx_seq_align_beg_ins_code 
_struct_ref_seq.seq_align_end 
_struct_ref_seq.pdbx_seq_align_end_ins_code 
_struct_ref_seq.pdbx_db_accession 
_struct_ref_seq.db_align_beg 
_struct_ref_seq.pdbx_db_align_beg_ins_code 
_struct_ref_seq.db_align_end 
_struct_ref_seq.pdbx_db_align_end_ins_code 
_struct_ref_seq.pdbx_auth_seq_align_beg 
_struct_ref_seq.pdbx_auth_seq_align_end 
1 1 6QGJ A 4   ? 27  ? P10415 10  ? 33  ? 10  33  
2 2 6QGJ A 28  ? 43  ? Q07817 29  ? 44  ? 34  49  
3 3 6QGJ A 44  ? 155 ? P10415 92  ? 203 ? 92  203 
4 4 6QGJ A 156 ? 169 ? Q07817 197 ? 210 ? 204 217 
# 
loop_
_struct_ref_seq_dif.align_id 
_struct_ref_seq_dif.pdbx_pdb_id_code 
_struct_ref_seq_dif.mon_id 
_struct_ref_seq_dif.pdbx_pdb_strand_id 
_struct_ref_seq_dif.seq_num 
_struct_ref_seq_dif.pdbx_pdb_ins_code 
_struct_ref_seq_dif.pdbx_seq_db_name 
_struct_ref_seq_dif.pdbx_seq_db_accession_code 
_struct_ref_seq_dif.db_mon_id 
_struct_ref_seq_dif.pdbx_seq_db_seq_num 
_struct_ref_seq_dif.details 
_struct_ref_seq_dif.pdbx_auth_seq_num 
_struct_ref_seq_dif.pdbx_ordinal 
1 6QGJ MET A 1   ? UNP P10415 ?   ?   'initiating methionine' 7   1  
1 6QGJ SER A 2   ? UNP P10415 ?   ?   'expression tag'        8   2  
1 6QGJ GLN A 3   ? UNP P10415 ?   ?   'expression tag'        9   3  
1 6QGJ SER A 14  ? UNP P10415 HIS 20  'engineered mutation'   20  4  
3 6QGJ GLN A 47  ? UNP P10415 LEU 95  'engineered mutation'   95  5  
3 6QGJ LEU A 58  ? UNP P10415 ARG 106 'engineered mutation'   106 6  
3 6QGJ GLY A 76  ? UNP P10415 PHE 124 'engineered mutation'   124 7  
3 6QGJ TYR A 79  ? UNP P10415 ARG 127 'engineered mutation'   127 8  
3 6QGJ ALA A 80  ? UNP P10415 GLY 128 'engineered mutation'   128 9  
3 6QGJ SER A 81  ? UNP P10415 ARG 129 'engineered mutation'   129 10 
3 6QGJ VAL A 120 ? UNP P10415 PRO 168 'engineered mutation'   168 11 
3 6QGJ ALA A 127 ? UNP P10415 LEU 175 'engineered mutation'   175 12 
3 6QGJ ALA A 130 ? UNP P10415 THR 178 'engineered mutation'   178 13 
3 6QGJ THR A 131 ? UNP P10415 GLU 179 'engineered mutation'   179 14 
3 6QGJ ASP A 135 ? UNP P10415 ARG 183 'engineered mutation'   183 15 
4 6QGJ LEU A 170 ? UNP Q07817 ?   ?   'expression tag'        218 16 
4 6QGJ GLU A 171 ? UNP Q07817 ?   ?   'expression tag'        219 17 
4 6QGJ HIS A 172 ? UNP Q07817 ?   ?   'expression tag'        220 18 
4 6QGJ HIS A 173 ? UNP Q07817 ?   ?   'expression tag'        221 19 
4 6QGJ HIS A 174 ? UNP Q07817 ?   ?   'expression tag'        222 20 
4 6QGJ HIS A 175 ? UNP Q07817 ?   ?   'expression tag'        223 21 
4 6QGJ HIS A 176 ? UNP Q07817 ?   ?   'expression tag'        224 22 
4 6QGJ HIS A 177 ? UNP Q07817 ?   ?   'expression tag'        225 23 
# 
_pdbx_struct_assembly.id                   1 
_pdbx_struct_assembly.details              author_and_software_defined_assembly 
_pdbx_struct_assembly.method_details       PISA 
_pdbx_struct_assembly.oligomeric_details   monomeric 
_pdbx_struct_assembly.oligomeric_count     1 
# 
loop_
_pdbx_struct_assembly_prop.biol_id 
_pdbx_struct_assembly_prop.type 
_pdbx_struct_assembly_prop.value 
_pdbx_struct_assembly_prop.details 
1 'ABSA (A^2)' 0    ? 
1 MORE         0    ? 
1 'SSA (A^2)'  8080 ? 
# 
_pdbx_struct_assembly_gen.assembly_id       1 
_pdbx_struct_assembly_gen.oper_expression   1 
_pdbx_struct_assembly_gen.asym_id_list      A,B,C 
# 
_pdbx_struct_assembly_auth_evidence.id                     1 
_pdbx_struct_assembly_auth_evidence.assembly_id            1 
_pdbx_struct_assembly_auth_evidence.experimental_support   'gel filtration' 
_pdbx_struct_assembly_auth_evidence.details                ? 
# 
_pdbx_struct_oper_list.id                   1 
_pdbx_struct_oper_list.type                 'identity operation' 
_pdbx_struct_oper_list.name                 1_555 
_pdbx_struct_oper_list.symmetry_operation   x,y,z 
_pdbx_struct_oper_list.matrix[1][1]         1.0000000000 
_pdbx_struct_oper_list.matrix[1][2]         0.0000000000 
_pdbx_struct_oper_list.matrix[1][3]         0.0000000000 
_pdbx_struct_oper_list.vector[1]            0.0000000000 
_pdbx_struct_oper_list.matrix[2][1]         0.0000000000 
_pdbx_struct_oper_list.matrix[2][2]         1.0000000000 
_pdbx_struct_oper_list.matrix[2][3]         0.0000000000 
_pdbx_struct_oper_list.vector[2]            0.0000000000 
_pdbx_struct_oper_list.matrix[3][1]         0.0000000000 
_pdbx_struct_oper_list.matrix[3][2]         0.0000000000 
_pdbx_struct_oper_list.matrix[3][3]         1.0000000000 
_pdbx_struct_oper_list.vector[3]            0.0000000000 
# 
loop_
_struct_conf.conf_type_id 
_struct_conf.id 
_struct_conf.pdbx_PDB_helix_id 
_struct_conf.beg_label_comp_id 
_struct_conf.beg_label_asym_id 
_struct_conf.beg_label_seq_id 
_struct_conf.pdbx_beg_PDB_ins_code 
_struct_conf.end_label_comp_id 
_struct_conf.end_label_asym_id 
_struct_conf.end_label_seq_id 
_struct_conf.pdbx_end_PDB_ins_code 
_struct_conf.beg_auth_comp_id 
_struct_conf.beg_auth_asym_id 
_struct_conf.beg_auth_seq_id 
_struct_conf.end_auth_comp_id 
_struct_conf.end_auth_asym_id 
_struct_conf.end_auth_seq_id 
_struct_conf.pdbx_PDB_helix_class 
_struct_conf.details 
_struct_conf.pdbx_PDB_helix_length 
HELX_P HELX_P1 AA1 ARG A 6   ? GLN A 19  ? ARG A 12  GLN A 25  1 ? 14 
HELX_P HELX_P2 AA2 SER A 42  ? TYR A 60  ? SER A 48  TYR A 108 1 ? 19 
HELX_P HELX_P3 AA3 TYR A 60  ? LEU A 71  ? TYR A 108 LEU A 119 1 ? 12 
HELX_P HELX_P4 AA4 THR A 77  ? ARG A 91  ? THR A 125 ARG A 139 1 ? 15 
HELX_P HELX_P5 AA5 ASN A 95  ? ARG A 116 ? ASN A 143 ARG A 164 1 ? 22 
HELX_P HELX_P6 AA6 VAL A 120 ? LEU A 137 ? VAL A 168 LEU A 185 1 ? 18 
HELX_P HELX_P7 AA7 LEU A 137 ? ASN A 144 ? LEU A 185 ASN A 192 1 ? 8  
HELX_P HELX_P8 AA8 GLY A 145 ? ASN A 156 ? GLY A 193 ASN A 204 1 ? 12 
HELX_P HELX_P9 AA9 ASN A 157 ? GLN A 166 ? ASN A 205 GLN A 214 1 ? 10 
# 
_struct_conf_type.id          HELX_P 
_struct_conf_type.criteria    ? 
_struct_conf_type.reference   ? 
# 
_struct_site.id                   AC1 
_struct_site.pdbx_evidence_code   Software 
_struct_site.pdbx_auth_asym_id    A 
_struct_site.pdbx_auth_comp_id    J1T 
_struct_site.pdbx_auth_seq_id     301 
_struct_site.pdbx_auth_ins_code   ? 
_struct_site.pdbx_num_residues    23 
_struct_site.details              'binding site for residue J1T A 301' 
# 
loop_
_struct_site_gen.id 
_struct_site_gen.site_id 
_struct_site_gen.pdbx_num_res 
_struct_site_gen.label_comp_id 
_struct_site_gen.label_asym_id 
_struct_site_gen.label_seq_id 
_struct_site_gen.pdbx_auth_ins_code 
_struct_site_gen.auth_comp_id 
_struct_site_gen.auth_asym_id 
_struct_site_gen.auth_seq_id 
_struct_site_gen.label_atom_id 
_struct_site_gen.label_alt_id 
_struct_site_gen.symmetry 
_struct_site_gen.details 
1  AC1 23 ALA A 52  ? ALA A 100 . ? 1_555 ? 
2  AC1 23 PHE A 56  ? PHE A 104 . ? 1_555 ? 
3  AC1 23 TYR A 60  ? TYR A 108 . ? 1_555 ? 
4  AC1 23 LEU A 71  ? LEU A 119 . ? 3_545 ? 
5  AC1 23 HIS A 72  ? HIS A 120 . ? 3_545 ? 
6  AC1 23 ASN A 95  ? ASN A 143 . ? 1_555 ? 
7  AC1 23 TRP A 96  ? TRP A 144 . ? 1_555 ? 
8  AC1 23 GLY A 97  ? GLY A 145 . ? 1_555 ? 
9  AC1 23 VAL A 100 ? VAL A 148 . ? 1_555 ? 
10 AC1 23 PHE A 105 ? PHE A 153 . ? 1_555 ? 
11 AC1 23 ARG A 116 ? ARG A 164 . ? 3_545 ? 
12 AC1 23 GLU A 117 ? GLU A 165 . ? 3_545 ? 
13 AC1 23 PHE A 150 ? PHE A 198 . ? 1_555 ? 
14 AC1 23 LEU A 153 ? LEU A 201 . ? 1_555 ? 
15 AC1 23 TYR A 154 ? TYR A 202 . ? 1_555 ? 
16 AC1 23 GLY A 155 ? GLY A 203 . ? 1_555 ? 
17 AC1 23 ASN A 156 ? ASN A 204 . ? 1_555 ? 
18 AC1 23 ASN A 157 ? ASN A 205 . ? 1_555 ? 
19 AC1 23 GLU A 161 ? GLU A 209 . ? 1_555 ? 
20 AC1 23 HOH C .   ? HOH A 401 . ? 1_555 ? 
21 AC1 23 HOH C .   ? HOH A 402 . ? 3_545 ? 
22 AC1 23 HOH C .   ? HOH A 456 . ? 1_555 ? 
23 AC1 23 HOH C .   ? HOH A 475 . ? 1_555 ? 
# 
loop_
_pdbx_validate_close_contact.id 
_pdbx_validate_close_contact.PDB_model_num 
_pdbx_validate_close_contact.auth_atom_id_1 
_pdbx_validate_close_contact.auth_asym_id_1 
_pdbx_validate_close_contact.auth_comp_id_1 
_pdbx_validate_close_contact.auth_seq_id_1 
_pdbx_validate_close_contact.PDB_ins_code_1 
_pdbx_validate_close_contact.label_alt_id_1 
_pdbx_validate_close_contact.auth_atom_id_2 
_pdbx_validate_close_contact.auth_asym_id_2 
_pdbx_validate_close_contact.auth_comp_id_2 
_pdbx_validate_close_contact.auth_seq_id_2 
_pdbx_validate_close_contact.PDB_ins_code_2 
_pdbx_validate_close_contact.label_alt_id_2 
_pdbx_validate_close_contact.dist 
1 1 C64 A J1T 301 ? ? O A HOH 401 ? ? 0.84 
2 1 O65 A J1T 301 ? ? O A HOH 401 ? ? 0.94 
3 1 C63 A J1T 301 ? ? O A HOH 401 ? ? 1.97 
4 1 O   A HOH 455 ? ? O A HOH 472 ? ? 1.98 
5 1 O   A HOH 479 ? ? O A HOH 482 ? ? 2.17 
# 
loop_
_pdbx_validate_symm_contact.id 
_pdbx_validate_symm_contact.PDB_model_num 
_pdbx_validate_symm_contact.auth_atom_id_1 
_pdbx_validate_symm_contact.auth_asym_id_1 
_pdbx_validate_symm_contact.auth_comp_id_1 
_pdbx_validate_symm_contact.auth_seq_id_1 
_pdbx_validate_symm_contact.PDB_ins_code_1 
_pdbx_validate_symm_contact.label_alt_id_1 
_pdbx_validate_symm_contact.site_symmetry_1 
_pdbx_validate_symm_contact.auth_atom_id_2 
_pdbx_validate_symm_contact.auth_asym_id_2 
_pdbx_validate_symm_contact.auth_comp_id_2 
_pdbx_validate_symm_contact.auth_seq_id_2 
_pdbx_validate_symm_contact.PDB_ins_code_2 
_pdbx_validate_symm_contact.label_alt_id_2 
_pdbx_validate_symm_contact.site_symmetry_2 
_pdbx_validate_symm_contact.dist 
1 1 O A HOH 461 ? ? 1_555 O A HOH 465 ? ? 2_555 1.79 
2 1 O A HOH 411 ? ? 1_555 O A HOH 465 ? ? 2_555 2.17 
# 
_pdbx_validate_rmsd_angle.id                         1 
_pdbx_validate_rmsd_angle.PDB_model_num              1 
_pdbx_validate_rmsd_angle.auth_atom_id_1             CB 
_pdbx_validate_rmsd_angle.auth_asym_id_1             A 
_pdbx_validate_rmsd_angle.auth_comp_id_1             TYR 
_pdbx_validate_rmsd_angle.auth_seq_id_1              28 
_pdbx_validate_rmsd_angle.PDB_ins_code_1             ? 
_pdbx_validate_rmsd_angle.label_alt_id_1             B 
_pdbx_validate_rmsd_angle.auth_atom_id_2             CA 
_pdbx_validate_rmsd_angle.auth_asym_id_2             A 
_pdbx_validate_rmsd_angle.auth_comp_id_2             TYR 
_pdbx_validate_rmsd_angle.auth_seq_id_2              28 
_pdbx_validate_rmsd_angle.PDB_ins_code_2             ? 
_pdbx_validate_rmsd_angle.label_alt_id_2             B 
_pdbx_validate_rmsd_angle.auth_atom_id_3             C 
_pdbx_validate_rmsd_angle.auth_asym_id_3             A 
_pdbx_validate_rmsd_angle.auth_comp_id_3             TYR 
_pdbx_validate_rmsd_angle.auth_seq_id_3              28 
_pdbx_validate_rmsd_angle.PDB_ins_code_3             ? 
_pdbx_validate_rmsd_angle.label_alt_id_3             ? 
_pdbx_validate_rmsd_angle.angle_value                96.89 
_pdbx_validate_rmsd_angle.angle_target_value         110.40 
_pdbx_validate_rmsd_angle.angle_deviation            -13.51 
_pdbx_validate_rmsd_angle.angle_standard_deviation   2.00 
_pdbx_validate_rmsd_angle.linker_flag                N 
# 
_pdbx_validate_planes.id              1 
_pdbx_validate_planes.PDB_model_num   1 
_pdbx_validate_planes.auth_comp_id    ARG 
_pdbx_validate_planes.auth_asym_id    A 
_pdbx_validate_planes.auth_seq_id     164 
_pdbx_validate_planes.PDB_ins_code    ? 
_pdbx_validate_planes.label_alt_id    ? 
_pdbx_validate_planes.rmsd            0.078 
_pdbx_validate_planes.type            'SIDE CHAIN' 
# 
_pdbx_distant_solvent_atoms.id                                1 
_pdbx_distant_solvent_atoms.PDB_model_num                     1 
_pdbx_distant_solvent_atoms.auth_atom_id                      O 
_pdbx_distant_solvent_atoms.label_alt_id                      ? 
_pdbx_distant_solvent_atoms.auth_asym_id                      A 
_pdbx_distant_solvent_atoms.auth_comp_id                      HOH 
_pdbx_distant_solvent_atoms.auth_seq_id                       483 
_pdbx_distant_solvent_atoms.PDB_ins_code                      ? 
_pdbx_distant_solvent_atoms.neighbor_macromolecule_distance   7.09 
_pdbx_distant_solvent_atoms.neighbor_ligand_distance          . 
# 
loop_
_pdbx_unobs_or_zero_occ_residues.id 
_pdbx_unobs_or_zero_occ_residues.PDB_model_num 
_pdbx_unobs_or_zero_occ_residues.polymer_flag 
_pdbx_unobs_or_zero_occ_residues.occupancy_flag 
_pdbx_unobs_or_zero_occ_residues.auth_asym_id 
_pdbx_unobs_or_zero_occ_residues.auth_comp_id 
_pdbx_unobs_or_zero_occ_residues.auth_seq_id 
_pdbx_unobs_or_zero_occ_residues.PDB_ins_code 
_pdbx_unobs_or_zero_occ_residues.label_asym_id 
_pdbx_unobs_or_zero_occ_residues.label_comp_id 
_pdbx_unobs_or_zero_occ_residues.label_seq_id 
1  1 Y 1 A MET 7   ? A MET 1   
2  1 Y 1 A SER 8   ? A SER 2   
3  1 Y 1 A GLN 9   ? A GLN 3   
4  1 Y 1 A ASP 10  ? A ASP 4   
5  1 Y 1 A ASP 31  ? A ASP 25  
6  1 Y 1 A ALA 32  ? A ALA 26  
7  1 Y 1 A GLY 33  ? A GLY 27  
8  1 Y 1 A ASP 34  ? A ASP 28  
9  1 Y 1 A VAL 35  ? A VAL 29  
10 1 Y 1 A GLU 36  ? A GLU 30  
11 1 Y 1 A GLU 37  ? A GLU 31  
12 1 Y 1 A ASN 38  ? A ASN 32  
13 1 Y 1 A ARG 39  ? A ARG 33  
14 1 Y 1 A THR 40  ? A THR 34  
15 1 Y 1 A GLU 41  ? A GLU 35  
16 1 Y 1 A ALA 42  ? A ALA 36  
17 1 Y 1 A PRO 43  ? A PRO 37  
18 1 Y 1 A GLU 44  ? A GLU 38  
19 1 Y 1 A GLY 45  ? A GLY 39  
20 1 Y 1 A THR 46  ? A THR 40  
21 1 Y 1 A GLU 215 ? A GLU 167 
22 1 Y 1 A ARG 216 ? A ARG 168 
23 1 Y 1 A PHE 217 ? A PHE 169 
24 1 Y 1 A LEU 218 ? A LEU 170 
25 1 Y 1 A GLU 219 ? A GLU 171 
26 1 Y 1 A HIS 220 ? A HIS 172 
27 1 Y 1 A HIS 221 ? A HIS 173 
28 1 Y 1 A HIS 222 ? A HIS 174 
29 1 Y 1 A HIS 223 ? A HIS 175 
30 1 Y 1 A HIS 224 ? A HIS 176 
31 1 Y 1 A HIS 225 ? A HIS 177 
# 
loop_
_chem_comp_atom.comp_id 
_chem_comp_atom.atom_id 
_chem_comp_atom.type_symbol 
_chem_comp_atom.pdbx_aromatic_flag 
_chem_comp_atom.pdbx_stereo_config 
_chem_comp_atom.pdbx_ordinal 
ALA N    N N N 1   
ALA CA   C N S 2   
ALA C    C N N 3   
ALA O    O N N 4   
ALA CB   C N N 5   
ALA OXT  O N N 6   
ALA H    H N N 7   
ALA H2   H N N 8   
ALA HA   H N N 9   
ALA HB1  H N N 10  
ALA HB2  H N N 11  
ALA HB3  H N N 12  
ALA HXT  H N N 13  
ARG N    N N N 14  
ARG CA   C N S 15  
ARG C    C N N 16  
ARG O    O N N 17  
ARG CB   C N N 18  
ARG CG   C N N 19  
ARG CD   C N N 20  
ARG NE   N N N 21  
ARG CZ   C N N 22  
ARG NH1  N N N 23  
ARG NH2  N N N 24  
ARG OXT  O N N 25  
ARG H    H N N 26  
ARG H2   H N N 27  
ARG HA   H N N 28  
ARG HB2  H N N 29  
ARG HB3  H N N 30  
ARG HG2  H N N 31  
ARG HG3  H N N 32  
ARG HD2  H N N 33  
ARG HD3  H N N 34  
ARG HE   H N N 35  
ARG HH11 H N N 36  
ARG HH12 H N N 37  
ARG HH21 H N N 38  
ARG HH22 H N N 39  
ARG HXT  H N N 40  
ASN N    N N N 41  
ASN CA   C N S 42  
ASN C    C N N 43  
ASN O    O N N 44  
ASN CB   C N N 45  
ASN CG   C N N 46  
ASN OD1  O N N 47  
ASN ND2  N N N 48  
ASN OXT  O N N 49  
ASN H    H N N 50  
ASN H2   H N N 51  
ASN HA   H N N 52  
ASN HB2  H N N 53  
ASN HB3  H N N 54  
ASN HD21 H N N 55  
ASN HD22 H N N 56  
ASN HXT  H N N 57  
ASP N    N N N 58  
ASP CA   C N S 59  
ASP C    C N N 60  
ASP O    O N N 61  
ASP CB   C N N 62  
ASP CG   C N N 63  
ASP OD1  O N N 64  
ASP OD2  O N N 65  
ASP OXT  O N N 66  
ASP H    H N N 67  
ASP H2   H N N 68  
ASP HA   H N N 69  
ASP HB2  H N N 70  
ASP HB3  H N N 71  
ASP HD2  H N N 72  
ASP HXT  H N N 73  
CYS N    N N N 74  
CYS CA   C N R 75  
CYS C    C N N 76  
CYS O    O N N 77  
CYS CB   C N N 78  
CYS SG   S N N 79  
CYS OXT  O N N 80  
CYS H    H N N 81  
CYS H2   H N N 82  
CYS HA   H N N 83  
CYS HB2  H N N 84  
CYS HB3  H N N 85  
CYS HG   H N N 86  
CYS HXT  H N N 87  
GLN N    N N N 88  
GLN CA   C N S 89  
GLN C    C N N 90  
GLN O    O N N 91  
GLN CB   C N N 92  
GLN CG   C N N 93  
GLN CD   C N N 94  
GLN OE1  O N N 95  
GLN NE2  N N N 96  
GLN OXT  O N N 97  
GLN H    H N N 98  
GLN H2   H N N 99  
GLN HA   H N N 100 
GLN HB2  H N N 101 
GLN HB3  H N N 102 
GLN HG2  H N N 103 
GLN HG3  H N N 104 
GLN HE21 H N N 105 
GLN HE22 H N N 106 
GLN HXT  H N N 107 
GLU N    N N N 108 
GLU CA   C N S 109 
GLU C    C N N 110 
GLU O    O N N 111 
GLU CB   C N N 112 
GLU CG   C N N 113 
GLU CD   C N N 114 
GLU OE1  O N N 115 
GLU OE2  O N N 116 
GLU OXT  O N N 117 
GLU H    H N N 118 
GLU H2   H N N 119 
GLU HA   H N N 120 
GLU HB2  H N N 121 
GLU HB3  H N N 122 
GLU HG2  H N N 123 
GLU HG3  H N N 124 
GLU HE2  H N N 125 
GLU HXT  H N N 126 
GLY N    N N N 127 
GLY CA   C N N 128 
GLY C    C N N 129 
GLY O    O N N 130 
GLY OXT  O N N 131 
GLY H    H N N 132 
GLY H2   H N N 133 
GLY HA2  H N N 134 
GLY HA3  H N N 135 
GLY HXT  H N N 136 
HIS N    N N N 137 
HIS CA   C N S 138 
HIS C    C N N 139 
HIS O    O N N 140 
HIS CB   C N N 141 
HIS CG   C Y N 142 
HIS ND1  N Y N 143 
HIS CD2  C Y N 144 
HIS CE1  C Y N 145 
HIS NE2  N Y N 146 
HIS OXT  O N N 147 
HIS H    H N N 148 
HIS H2   H N N 149 
HIS HA   H N N 150 
HIS HB2  H N N 151 
HIS HB3  H N N 152 
HIS HD1  H N N 153 
HIS HD2  H N N 154 
HIS HE1  H N N 155 
HIS HE2  H N N 156 
HIS HXT  H N N 157 
HOH O    O N N 158 
HOH H1   H N N 159 
HOH H2   H N N 160 
ILE N    N N N 161 
ILE CA   C N S 162 
ILE C    C N N 163 
ILE O    O N N 164 
ILE CB   C N S 165 
ILE CG1  C N N 166 
ILE CG2  C N N 167 
ILE CD1  C N N 168 
ILE OXT  O N N 169 
ILE H    H N N 170 
ILE H2   H N N 171 
ILE HA   H N N 172 
ILE HB   H N N 173 
ILE HG12 H N N 174 
ILE HG13 H N N 175 
ILE HG21 H N N 176 
ILE HG22 H N N 177 
ILE HG23 H N N 178 
ILE HD11 H N N 179 
ILE HD12 H N N 180 
ILE HD13 H N N 181 
ILE HXT  H N N 182 
J1T C63  C N N 183 
J1T C64  C N N 184 
J1T O65  O N N 185 
J1T C66  C N N 186 
J1T C67  C N N 187 
J1T N62  N N N 188 
J1T C61  C N N 189 
J1T C52  C N N 190 
J1T C51  C N R 191 
J1T C53  C N N 192 
J1T S54  S N N 193 
J1T C55  C Y N 194 
J1T C56  C Y N 195 
J1T C57  C Y N 196 
J1T C58  C Y N 197 
J1T C59  C Y N 198 
J1T C60  C Y N 199 
J1T N50  N N N 200 
J1T C40  C Y N 201 
J1T C41  C Y N 202 
J1T C42  C Y N 203 
J1T S43  S N N 204 
J1T O48  O N N 205 
J1T O49  O N N 206 
J1T C44  C N N 207 
J1T F46  F N N 208 
J1T F47  F N N 209 
J1T F45  F N N 210 
J1T C39  C Y N 211 
J1T C38  C Y N 212 
J1T C37  C Y N 213 
J1T S34  S N N 214 
J1T O35  O N N 215 
J1T O36  O N N 216 
J1T N32  N N N 217 
J1T C31  C N N 218 
J1T O33  O N N 219 
J1T C5   C Y N 220 
J1T C6   C Y N 221 
J1T C1   C Y N 222 
J1T C4   C Y N 223 
J1T C3   C Y N 224 
J1T C2   C Y N 225 
J1T C7   C Y N 226 
J1T C12  C Y N 227 
J1T C11  C Y N 228 
J1T C8   C Y N 229 
J1T C9   C Y N 230 
J1T C10  C Y N 231 
J1T C13  C N R 232 
J1T C14  C N N 233 
J1T N16  N N N 234 
J1T C17  C N N 235 
J1T C18  C N N 236 
J1T C19  C N N 237 
J1T C20  C N N 238 
J1T C15  C Y N 239 
J1T C23  C Y N 240 
J1T C26  C Y N 241 
J1T O30  O N N 242 
J1T C29  C N N 243 
J1T O28  O N N 244 
J1T C27  C Y N 245 
J1T C22  C Y N 246 
J1T C21  C Y N 247 
J1T O24  O N N 248 
J1T C25  C N N 249 
J1T H1   H N N 250 
J1T H2   H N N 251 
J1T H3   H N N 252 
J1T H4   H N N 253 
J1T H5   H N N 254 
J1T H6   H N N 255 
J1T H7   H N N 256 
J1T H8   H N N 257 
J1T H10  H N N 258 
J1T H11  H N N 259 
J1T H12  H N N 260 
J1T H13  H N N 261 
J1T H14  H N N 262 
J1T H15  H N N 263 
J1T H16  H N N 264 
J1T H17  H N N 265 
J1T H18  H N N 266 
J1T H19  H N N 267 
J1T H20  H N N 268 
J1T H21  H N N 269 
J1T H22  H N N 270 
J1T H23  H N N 271 
J1T H24  H N N 272 
J1T H25  H N N 273 
J1T H26  H N N 274 
J1T H27  H N N 275 
J1T H28  H N N 276 
J1T H29  H N N 277 
J1T H30  H N N 278 
J1T H31  H N N 279 
J1T H32  H N N 280 
J1T H33  H N N 281 
J1T H34  H N N 282 
J1T H35  H N N 283 
J1T H36  H N N 284 
J1T H37  H N N 285 
J1T H39  H N N 286 
J1T H40  H N N 287 
J1T H41  H N N 288 
J1T H42  H N N 289 
J1T H43  H N N 290 
J1T H44  H N N 291 
J1T H45  H N N 292 
J1T H46  H N N 293 
J1T H47  H N N 294 
J1T H48  H N N 295 
J1T H49  H N N 296 
J1T H50  H N N 297 
J1T H51  H N N 298 
J1T H52  H N N 299 
J1T H53  H N N 300 
LEU N    N N N 301 
LEU CA   C N S 302 
LEU C    C N N 303 
LEU O    O N N 304 
LEU CB   C N N 305 
LEU CG   C N N 306 
LEU CD1  C N N 307 
LEU CD2  C N N 308 
LEU OXT  O N N 309 
LEU H    H N N 310 
LEU H2   H N N 311 
LEU HA   H N N 312 
LEU HB2  H N N 313 
LEU HB3  H N N 314 
LEU HG   H N N 315 
LEU HD11 H N N 316 
LEU HD12 H N N 317 
LEU HD13 H N N 318 
LEU HD21 H N N 319 
LEU HD22 H N N 320 
LEU HD23 H N N 321 
LEU HXT  H N N 322 
LYS N    N N N 323 
LYS CA   C N S 324 
LYS C    C N N 325 
LYS O    O N N 326 
LYS CB   C N N 327 
LYS CG   C N N 328 
LYS CD   C N N 329 
LYS CE   C N N 330 
LYS NZ   N N N 331 
LYS OXT  O N N 332 
LYS H    H N N 333 
LYS H2   H N N 334 
LYS HA   H N N 335 
LYS HB2  H N N 336 
LYS HB3  H N N 337 
LYS HG2  H N N 338 
LYS HG3  H N N 339 
LYS HD2  H N N 340 
LYS HD3  H N N 341 
LYS HE2  H N N 342 
LYS HE3  H N N 343 
LYS HZ1  H N N 344 
LYS HZ2  H N N 345 
LYS HZ3  H N N 346 
LYS HXT  H N N 347 
MET N    N N N 348 
MET CA   C N S 349 
MET C    C N N 350 
MET O    O N N 351 
MET CB   C N N 352 
MET CG   C N N 353 
MET SD   S N N 354 
MET CE   C N N 355 
MET OXT  O N N 356 
MET H    H N N 357 
MET H2   H N N 358 
MET HA   H N N 359 
MET HB2  H N N 360 
MET HB3  H N N 361 
MET HG2  H N N 362 
MET HG3  H N N 363 
MET HE1  H N N 364 
MET HE2  H N N 365 
MET HE3  H N N 366 
MET HXT  H N N 367 
PHE N    N N N 368 
PHE CA   C N S 369 
PHE C    C N N 370 
PHE O    O N N 371 
PHE CB   C N N 372 
PHE CG   C Y N 373 
PHE CD1  C Y N 374 
PHE CD2  C Y N 375 
PHE CE1  C Y N 376 
PHE CE2  C Y N 377 
PHE CZ   C Y N 378 
PHE OXT  O N N 379 
PHE H    H N N 380 
PHE H2   H N N 381 
PHE HA   H N N 382 
PHE HB2  H N N 383 
PHE HB3  H N N 384 
PHE HD1  H N N 385 
PHE HD2  H N N 386 
PHE HE1  H N N 387 
PHE HE2  H N N 388 
PHE HZ   H N N 389 
PHE HXT  H N N 390 
PRO N    N N N 391 
PRO CA   C N S 392 
PRO C    C N N 393 
PRO O    O N N 394 
PRO CB   C N N 395 
PRO CG   C N N 396 
PRO CD   C N N 397 
PRO OXT  O N N 398 
PRO H    H N N 399 
PRO HA   H N N 400 
PRO HB2  H N N 401 
PRO HB3  H N N 402 
PRO HG2  H N N 403 
PRO HG3  H N N 404 
PRO HD2  H N N 405 
PRO HD3  H N N 406 
PRO HXT  H N N 407 
SER N    N N N 408 
SER CA   C N S 409 
SER C    C N N 410 
SER O    O N N 411 
SER CB   C N N 412 
SER OG   O N N 413 
SER OXT  O N N 414 
SER H    H N N 415 
SER H2   H N N 416 
SER HA   H N N 417 
SER HB2  H N N 418 
SER HB3  H N N 419 
SER HG   H N N 420 
SER HXT  H N N 421 
THR N    N N N 422 
THR CA   C N S 423 
THR C    C N N 424 
THR O    O N N 425 
THR CB   C N R 426 
THR OG1  O N N 427 
THR CG2  C N N 428 
THR OXT  O N N 429 
THR H    H N N 430 
THR H2   H N N 431 
THR HA   H N N 432 
THR HB   H N N 433 
THR HG1  H N N 434 
THR HG21 H N N 435 
THR HG22 H N N 436 
THR HG23 H N N 437 
THR HXT  H N N 438 
TRP N    N N N 439 
TRP CA   C N S 440 
TRP C    C N N 441 
TRP O    O N N 442 
TRP CB   C N N 443 
TRP CG   C Y N 444 
TRP CD1  C Y N 445 
TRP CD2  C Y N 446 
TRP NE1  N Y N 447 
TRP CE2  C Y N 448 
TRP CE3  C Y N 449 
TRP CZ2  C Y N 450 
TRP CZ3  C Y N 451 
TRP CH2  C Y N 452 
TRP OXT  O N N 453 
TRP H    H N N 454 
TRP H2   H N N 455 
TRP HA   H N N 456 
TRP HB2  H N N 457 
TRP HB3  H N N 458 
TRP HD1  H N N 459 
TRP HE1  H N N 460 
TRP HE3  H N N 461 
TRP HZ2  H N N 462 
TRP HZ3  H N N 463 
TRP HH2  H N N 464 
TRP HXT  H N N 465 
TYR N    N N N 466 
TYR CA   C N S 467 
TYR C    C N N 468 
TYR O    O N N 469 
TYR CB   C N N 470 
TYR CG   C Y N 471 
TYR CD1  C Y N 472 
TYR CD2  C Y N 473 
TYR CE1  C Y N 474 
TYR CE2  C Y N 475 
TYR CZ   C Y N 476 
TYR OH   O N N 477 
TYR OXT  O N N 478 
TYR H    H N N 479 
TYR H2   H N N 480 
TYR HA   H N N 481 
TYR HB2  H N N 482 
TYR HB3  H N N 483 
TYR HD1  H N N 484 
TYR HD2  H N N 485 
TYR HE1  H N N 486 
TYR HE2  H N N 487 
TYR HH   H N N 488 
TYR HXT  H N N 489 
VAL N    N N N 490 
VAL CA   C N S 491 
VAL C    C N N 492 
VAL O    O N N 493 
VAL CB   C N N 494 
VAL CG1  C N N 495 
VAL CG2  C N N 496 
VAL OXT  O N N 497 
VAL H    H N N 498 
VAL H2   H N N 499 
VAL HA   H N N 500 
VAL HB   H N N 501 
VAL HG11 H N N 502 
VAL HG12 H N N 503 
VAL HG13 H N N 504 
VAL HG21 H N N 505 
VAL HG22 H N N 506 
VAL HG23 H N N 507 
VAL HXT  H N N 508 
# 
loop_
_chem_comp_bond.comp_id 
_chem_comp_bond.atom_id_1 
_chem_comp_bond.atom_id_2 
_chem_comp_bond.value_order 
_chem_comp_bond.pdbx_aromatic_flag 
_chem_comp_bond.pdbx_stereo_config 
_chem_comp_bond.pdbx_ordinal 
ALA N   CA   sing N N 1   
ALA N   H    sing N N 2   
ALA N   H2   sing N N 3   
ALA CA  C    sing N N 4   
ALA CA  CB   sing N N 5   
ALA CA  HA   sing N N 6   
ALA C   O    doub N N 7   
ALA C   OXT  sing N N 8   
ALA CB  HB1  sing N N 9   
ALA CB  HB2  sing N N 10  
ALA CB  HB3  sing N N 11  
ALA OXT HXT  sing N N 12  
ARG N   CA   sing N N 13  
ARG N   H    sing N N 14  
ARG N   H2   sing N N 15  
ARG CA  C    sing N N 16  
ARG CA  CB   sing N N 17  
ARG CA  HA   sing N N 18  
ARG C   O    doub N N 19  
ARG C   OXT  sing N N 20  
ARG CB  CG   sing N N 21  
ARG CB  HB2  sing N N 22  
ARG CB  HB3  sing N N 23  
ARG CG  CD   sing N N 24  
ARG CG  HG2  sing N N 25  
ARG CG  HG3  sing N N 26  
ARG CD  NE   sing N N 27  
ARG CD  HD2  sing N N 28  
ARG CD  HD3  sing N N 29  
ARG NE  CZ   sing N N 30  
ARG NE  HE   sing N N 31  
ARG CZ  NH1  sing N N 32  
ARG CZ  NH2  doub N N 33  
ARG NH1 HH11 sing N N 34  
ARG NH1 HH12 sing N N 35  
ARG NH2 HH21 sing N N 36  
ARG NH2 HH22 sing N N 37  
ARG OXT HXT  sing N N 38  
ASN N   CA   sing N N 39  
ASN N   H    sing N N 40  
ASN N   H2   sing N N 41  
ASN CA  C    sing N N 42  
ASN CA  CB   sing N N 43  
ASN CA  HA   sing N N 44  
ASN C   O    doub N N 45  
ASN C   OXT  sing N N 46  
ASN CB  CG   sing N N 47  
ASN CB  HB2  sing N N 48  
ASN CB  HB3  sing N N 49  
ASN CG  OD1  doub N N 50  
ASN CG  ND2  sing N N 51  
ASN ND2 HD21 sing N N 52  
ASN ND2 HD22 sing N N 53  
ASN OXT HXT  sing N N 54  
ASP N   CA   sing N N 55  
ASP N   H    sing N N 56  
ASP N   H2   sing N N 57  
ASP CA  C    sing N N 58  
ASP CA  CB   sing N N 59  
ASP CA  HA   sing N N 60  
ASP C   O    doub N N 61  
ASP C   OXT  sing N N 62  
ASP CB  CG   sing N N 63  
ASP CB  HB2  sing N N 64  
ASP CB  HB3  sing N N 65  
ASP CG  OD1  doub N N 66  
ASP CG  OD2  sing N N 67  
ASP OD2 HD2  sing N N 68  
ASP OXT HXT  sing N N 69  
CYS N   CA   sing N N 70  
CYS N   H    sing N N 71  
CYS N   H2   sing N N 72  
CYS CA  C    sing N N 73  
CYS CA  CB   sing N N 74  
CYS CA  HA   sing N N 75  
CYS C   O    doub N N 76  
CYS C   OXT  sing N N 77  
CYS CB  SG   sing N N 78  
CYS CB  HB2  sing N N 79  
CYS CB  HB3  sing N N 80  
CYS SG  HG   sing N N 81  
CYS OXT HXT  sing N N 82  
GLN N   CA   sing N N 83  
GLN N   H    sing N N 84  
GLN N   H2   sing N N 85  
GLN CA  C    sing N N 86  
GLN CA  CB   sing N N 87  
GLN CA  HA   sing N N 88  
GLN C   O    doub N N 89  
GLN C   OXT  sing N N 90  
GLN CB  CG   sing N N 91  
GLN CB  HB2  sing N N 92  
GLN CB  HB3  sing N N 93  
GLN CG  CD   sing N N 94  
GLN CG  HG2  sing N N 95  
GLN CG  HG3  sing N N 96  
GLN CD  OE1  doub N N 97  
GLN CD  NE2  sing N N 98  
GLN NE2 HE21 sing N N 99  
GLN NE2 HE22 sing N N 100 
GLN OXT HXT  sing N N 101 
GLU N   CA   sing N N 102 
GLU N   H    sing N N 103 
GLU N   H2   sing N N 104 
GLU CA  C    sing N N 105 
GLU CA  CB   sing N N 106 
GLU CA  HA   sing N N 107 
GLU C   O    doub N N 108 
GLU C   OXT  sing N N 109 
GLU CB  CG   sing N N 110 
GLU CB  HB2  sing N N 111 
GLU CB  HB3  sing N N 112 
GLU CG  CD   sing N N 113 
GLU CG  HG2  sing N N 114 
GLU CG  HG3  sing N N 115 
GLU CD  OE1  doub N N 116 
GLU CD  OE2  sing N N 117 
GLU OE2 HE2  sing N N 118 
GLU OXT HXT  sing N N 119 
GLY N   CA   sing N N 120 
GLY N   H    sing N N 121 
GLY N   H2   sing N N 122 
GLY CA  C    sing N N 123 
GLY CA  HA2  sing N N 124 
GLY CA  HA3  sing N N 125 
GLY C   O    doub N N 126 
GLY C   OXT  sing N N 127 
GLY OXT HXT  sing N N 128 
HIS N   CA   sing N N 129 
HIS N   H    sing N N 130 
HIS N   H2   sing N N 131 
HIS CA  C    sing N N 132 
HIS CA  CB   sing N N 133 
HIS CA  HA   sing N N 134 
HIS C   O    doub N N 135 
HIS C   OXT  sing N N 136 
HIS CB  CG   sing N N 137 
HIS CB  HB2  sing N N 138 
HIS CB  HB3  sing N N 139 
HIS CG  ND1  sing Y N 140 
HIS CG  CD2  doub Y N 141 
HIS ND1 CE1  doub Y N 142 
HIS ND1 HD1  sing N N 143 
HIS CD2 NE2  sing Y N 144 
HIS CD2 HD2  sing N N 145 
HIS CE1 NE2  sing Y N 146 
HIS CE1 HE1  sing N N 147 
HIS NE2 HE2  sing N N 148 
HIS OXT HXT  sing N N 149 
HOH O   H1   sing N N 150 
HOH O   H2   sing N N 151 
ILE N   CA   sing N N 152 
ILE N   H    sing N N 153 
ILE N   H2   sing N N 154 
ILE CA  C    sing N N 155 
ILE CA  CB   sing N N 156 
ILE CA  HA   sing N N 157 
ILE C   O    doub N N 158 
ILE C   OXT  sing N N 159 
ILE CB  CG1  sing N N 160 
ILE CB  CG2  sing N N 161 
ILE CB  HB   sing N N 162 
ILE CG1 CD1  sing N N 163 
ILE CG1 HG12 sing N N 164 
ILE CG1 HG13 sing N N 165 
ILE CG2 HG21 sing N N 166 
ILE CG2 HG22 sing N N 167 
ILE CG2 HG23 sing N N 168 
ILE CD1 HD11 sing N N 169 
ILE CD1 HD12 sing N N 170 
ILE CD1 HD13 sing N N 171 
ILE OXT HXT  sing N N 172 
J1T O65 C64  sing N N 173 
J1T O65 C66  sing N N 174 
J1T C64 C63  sing N N 175 
J1T C66 C67  sing N N 176 
J1T C63 N62  sing N N 177 
J1T C67 N62  sing N N 178 
J1T N62 C61  sing N N 179 
J1T C61 C52  sing N N 180 
J1T C52 C51  sing N N 181 
J1T C51 C53  sing N N 182 
J1T C51 N50  sing N N 183 
J1T C53 S54  sing N N 184 
J1T S54 C55  sing N N 185 
J1T N50 C40  sing N N 186 
J1T F46 C44  sing N N 187 
J1T F45 C44  sing N N 188 
J1T C40 C39  doub Y N 189 
J1T C40 C41  sing Y N 190 
J1T C39 C38  sing Y N 191 
J1T O48 S43  doub N N 192 
J1T C44 S43  sing N N 193 
J1T C44 F47  sing N N 194 
J1T C55 C56  doub Y N 195 
J1T C55 C60  sing Y N 196 
J1T C56 C57  sing Y N 197 
J1T S43 C41  sing N N 198 
J1T S43 O49  doub N N 199 
J1T C60 C59  doub Y N 200 
J1T C41 C42  doub Y N 201 
J1T C38 C37  doub Y N 202 
J1T C57 C58  doub Y N 203 
J1T C42 C37  sing Y N 204 
J1T C37 S34  sing N N 205 
J1T C59 C58  sing Y N 206 
J1T O36 S34  doub N N 207 
J1T O33 C31  doub N N 208 
J1T S34 O35  doub N N 209 
J1T S34 N32  sing N N 210 
J1T C31 N32  sing N N 211 
J1T C31 C5   sing N N 212 
J1T C4  C5   doub Y N 213 
J1T C4  C3   sing Y N 214 
J1T C5  C6   sing Y N 215 
J1T C3  C2   doub Y N 216 
J1T C6  C1   doub Y N 217 
J1T C2  C1   sing Y N 218 
J1T C2  C7   sing N N 219 
J1T C12 C7   doub Y N 220 
J1T C12 C11  sing Y N 221 
J1T C7  C8   sing Y N 222 
J1T C11 C10  doub Y N 223 
J1T O30 C29  sing N N 224 
J1T O30 C26  sing N N 225 
J1T C29 O28  sing N N 226 
J1T C8  C9   doub Y N 227 
J1T C10 C9   sing Y N 228 
J1T C10 C13  sing N N 229 
J1T C23 C26  doub Y N 230 
J1T C23 C15  sing Y N 231 
J1T C26 C27  sing Y N 232 
J1T C13 C15  sing N N 233 
J1T C13 C14  sing N N 234 
J1T O28 C27  sing N N 235 
J1T C15 C21  doub Y N 236 
J1T C27 C22  doub Y N 237 
J1T N16 C14  sing N N 238 
J1T N16 C20  sing N N 239 
J1T N16 C17  sing N N 240 
J1T C21 C22  sing Y N 241 
J1T C21 O24  sing N N 242 
J1T C20 C19  sing N N 243 
J1T C17 C18  sing N N 244 
J1T O24 C25  sing N N 245 
J1T C18 C19  sing N N 246 
J1T C63 H1   sing N N 247 
J1T C63 H2   sing N N 248 
J1T C64 H3   sing N N 249 
J1T C64 H4   sing N N 250 
J1T C66 H5   sing N N 251 
J1T C66 H6   sing N N 252 
J1T C67 H7   sing N N 253 
J1T C67 H8   sing N N 254 
J1T C61 H10  sing N N 255 
J1T C61 H11  sing N N 256 
J1T C52 H12  sing N N 257 
J1T C52 H13  sing N N 258 
J1T C51 H14  sing N N 259 
J1T C53 H15  sing N N 260 
J1T C53 H16  sing N N 261 
J1T C56 H17  sing N N 262 
J1T C57 H18  sing N N 263 
J1T C58 H19  sing N N 264 
J1T C59 H20  sing N N 265 
J1T C60 H21  sing N N 266 
J1T N50 H22  sing N N 267 
J1T C42 H23  sing N N 268 
J1T C39 H24  sing N N 269 
J1T C38 H25  sing N N 270 
J1T N32 H26  sing N N 271 
J1T C6  H27  sing N N 272 
J1T C1  H28  sing N N 273 
J1T C4  H29  sing N N 274 
J1T C3  H30  sing N N 275 
J1T C12 H31  sing N N 276 
J1T C11 H32  sing N N 277 
J1T C8  H33  sing N N 278 
J1T C9  H34  sing N N 279 
J1T C13 H35  sing N N 280 
J1T C14 H36  sing N N 281 
J1T C14 H37  sing N N 282 
J1T C17 H39  sing N N 283 
J1T C17 H40  sing N N 284 
J1T C18 H41  sing N N 285 
J1T C18 H42  sing N N 286 
J1T C19 H43  sing N N 287 
J1T C19 H44  sing N N 288 
J1T C20 H45  sing N N 289 
J1T C20 H46  sing N N 290 
J1T C23 H47  sing N N 291 
J1T C29 H48  sing N N 292 
J1T C29 H49  sing N N 293 
J1T C22 H50  sing N N 294 
J1T C25 H51  sing N N 295 
J1T C25 H52  sing N N 296 
J1T C25 H53  sing N N 297 
LEU N   CA   sing N N 298 
LEU N   H    sing N N 299 
LEU N   H2   sing N N 300 
LEU CA  C    sing N N 301 
LEU CA  CB   sing N N 302 
LEU CA  HA   sing N N 303 
LEU C   O    doub N N 304 
LEU C   OXT  sing N N 305 
LEU CB  CG   sing N N 306 
LEU CB  HB2  sing N N 307 
LEU CB  HB3  sing N N 308 
LEU CG  CD1  sing N N 309 
LEU CG  CD2  sing N N 310 
LEU CG  HG   sing N N 311 
LEU CD1 HD11 sing N N 312 
LEU CD1 HD12 sing N N 313 
LEU CD1 HD13 sing N N 314 
LEU CD2 HD21 sing N N 315 
LEU CD2 HD22 sing N N 316 
LEU CD2 HD23 sing N N 317 
LEU OXT HXT  sing N N 318 
LYS N   CA   sing N N 319 
LYS N   H    sing N N 320 
LYS N   H2   sing N N 321 
LYS CA  C    sing N N 322 
LYS CA  CB   sing N N 323 
LYS CA  HA   sing N N 324 
LYS C   O    doub N N 325 
LYS C   OXT  sing N N 326 
LYS CB  CG   sing N N 327 
LYS CB  HB2  sing N N 328 
LYS CB  HB3  sing N N 329 
LYS CG  CD   sing N N 330 
LYS CG  HG2  sing N N 331 
LYS CG  HG3  sing N N 332 
LYS CD  CE   sing N N 333 
LYS CD  HD2  sing N N 334 
LYS CD  HD3  sing N N 335 
LYS CE  NZ   sing N N 336 
LYS CE  HE2  sing N N 337 
LYS CE  HE3  sing N N 338 
LYS NZ  HZ1  sing N N 339 
LYS NZ  HZ2  sing N N 340 
LYS NZ  HZ3  sing N N 341 
LYS OXT HXT  sing N N 342 
MET N   CA   sing N N 343 
MET N   H    sing N N 344 
MET N   H2   sing N N 345 
MET CA  C    sing N N 346 
MET CA  CB   sing N N 347 
MET CA  HA   sing N N 348 
MET C   O    doub N N 349 
MET C   OXT  sing N N 350 
MET CB  CG   sing N N 351 
MET CB  HB2  sing N N 352 
MET CB  HB3  sing N N 353 
MET CG  SD   sing N N 354 
MET CG  HG2  sing N N 355 
MET CG  HG3  sing N N 356 
MET SD  CE   sing N N 357 
MET CE  HE1  sing N N 358 
MET CE  HE2  sing N N 359 
MET CE  HE3  sing N N 360 
MET OXT HXT  sing N N 361 
PHE N   CA   sing N N 362 
PHE N   H    sing N N 363 
PHE N   H2   sing N N 364 
PHE CA  C    sing N N 365 
PHE CA  CB   sing N N 366 
PHE CA  HA   sing N N 367 
PHE C   O    doub N N 368 
PHE C   OXT  sing N N 369 
PHE CB  CG   sing N N 370 
PHE CB  HB2  sing N N 371 
PHE CB  HB3  sing N N 372 
PHE CG  CD1  doub Y N 373 
PHE CG  CD2  sing Y N 374 
PHE CD1 CE1  sing Y N 375 
PHE CD1 HD1  sing N N 376 
PHE CD2 CE2  doub Y N 377 
PHE CD2 HD2  sing N N 378 
PHE CE1 CZ   doub Y N 379 
PHE CE1 HE1  sing N N 380 
PHE CE2 CZ   sing Y N 381 
PHE CE2 HE2  sing N N 382 
PHE CZ  HZ   sing N N 383 
PHE OXT HXT  sing N N 384 
PRO N   CA   sing N N 385 
PRO N   CD   sing N N 386 
PRO N   H    sing N N 387 
PRO CA  C    sing N N 388 
PRO CA  CB   sing N N 389 
PRO CA  HA   sing N N 390 
PRO C   O    doub N N 391 
PRO C   OXT  sing N N 392 
PRO CB  CG   sing N N 393 
PRO CB  HB2  sing N N 394 
PRO CB  HB3  sing N N 395 
PRO CG  CD   sing N N 396 
PRO CG  HG2  sing N N 397 
PRO CG  HG3  sing N N 398 
PRO CD  HD2  sing N N 399 
PRO CD  HD3  sing N N 400 
PRO OXT HXT  sing N N 401 
SER N   CA   sing N N 402 
SER N   H    sing N N 403 
SER N   H2   sing N N 404 
SER CA  C    sing N N 405 
SER CA  CB   sing N N 406 
SER CA  HA   sing N N 407 
SER C   O    doub N N 408 
SER C   OXT  sing N N 409 
SER CB  OG   sing N N 410 
SER CB  HB2  sing N N 411 
SER CB  HB3  sing N N 412 
SER OG  HG   sing N N 413 
SER OXT HXT  sing N N 414 
THR N   CA   sing N N 415 
THR N   H    sing N N 416 
THR N   H2   sing N N 417 
THR CA  C    sing N N 418 
THR CA  CB   sing N N 419 
THR CA  HA   sing N N 420 
THR C   O    doub N N 421 
THR C   OXT  sing N N 422 
THR CB  OG1  sing N N 423 
THR CB  CG2  sing N N 424 
THR CB  HB   sing N N 425 
THR OG1 HG1  sing N N 426 
THR CG2 HG21 sing N N 427 
THR CG2 HG22 sing N N 428 
THR CG2 HG23 sing N N 429 
THR OXT HXT  sing N N 430 
TRP N   CA   sing N N 431 
TRP N   H    sing N N 432 
TRP N   H2   sing N N 433 
TRP CA  C    sing N N 434 
TRP CA  CB   sing N N 435 
TRP CA  HA   sing N N 436 
TRP C   O    doub N N 437 
TRP C   OXT  sing N N 438 
TRP CB  CG   sing N N 439 
TRP CB  HB2  sing N N 440 
TRP CB  HB3  sing N N 441 
TRP CG  CD1  doub Y N 442 
TRP CG  CD2  sing Y N 443 
TRP CD1 NE1  sing Y N 444 
TRP CD1 HD1  sing N N 445 
TRP CD2 CE2  doub Y N 446 
TRP CD2 CE3  sing Y N 447 
TRP NE1 CE2  sing Y N 448 
TRP NE1 HE1  sing N N 449 
TRP CE2 CZ2  sing Y N 450 
TRP CE3 CZ3  doub Y N 451 
TRP CE3 HE3  sing N N 452 
TRP CZ2 CH2  doub Y N 453 
TRP CZ2 HZ2  sing N N 454 
TRP CZ3 CH2  sing Y N 455 
TRP CZ3 HZ3  sing N N 456 
TRP CH2 HH2  sing N N 457 
TRP OXT HXT  sing N N 458 
TYR N   CA   sing N N 459 
TYR N   H    sing N N 460 
TYR N   H2   sing N N 461 
TYR CA  C    sing N N 462 
TYR CA  CB   sing N N 463 
TYR CA  HA   sing N N 464 
TYR C   O    doub N N 465 
TYR C   OXT  sing N N 466 
TYR CB  CG   sing N N 467 
TYR CB  HB2  sing N N 468 
TYR CB  HB3  sing N N 469 
TYR CG  CD1  doub Y N 470 
TYR CG  CD2  sing Y N 471 
TYR CD1 CE1  sing Y N 472 
TYR CD1 HD1  sing N N 473 
TYR CD2 CE2  doub Y N 474 
TYR CD2 HD2  sing N N 475 
TYR CE1 CZ   doub Y N 476 
TYR CE1 HE1  sing N N 477 
TYR CE2 CZ   sing Y N 478 
TYR CE2 HE2  sing N N 479 
TYR CZ  OH   sing N N 480 
TYR OH  HH   sing N N 481 
TYR OXT HXT  sing N N 482 
VAL N   CA   sing N N 483 
VAL N   H    sing N N 484 
VAL N   H2   sing N N 485 
VAL CA  C    sing N N 486 
VAL CA  CB   sing N N 487 
VAL CA  HA   sing N N 488 
VAL C   O    doub N N 489 
VAL C   OXT  sing N N 490 
VAL CB  CG1  sing N N 491 
VAL CB  CG2  sing N N 492 
VAL CB  HB   sing N N 493 
VAL CG1 HG11 sing N N 494 
VAL CG1 HG12 sing N N 495 
VAL CG1 HG13 sing N N 496 
VAL CG2 HG21 sing N N 497 
VAL CG2 HG22 sing N N 498 
VAL CG2 HG23 sing N N 499 
VAL OXT HXT  sing N N 500 
# 
_pdbx_entity_instance_feature.ordinal        1 
_pdbx_entity_instance_feature.comp_id        J1T 
_pdbx_entity_instance_feature.asym_id        ? 
_pdbx_entity_instance_feature.seq_num        ? 
_pdbx_entity_instance_feature.auth_comp_id   J1T 
_pdbx_entity_instance_feature.auth_asym_id   ? 
_pdbx_entity_instance_feature.auth_seq_num   ? 
_pdbx_entity_instance_feature.feature_type   'SUBJECT OF INVESTIGATION' 
_pdbx_entity_instance_feature.details        ? 
# 
_pdbx_initial_refinement_model.id               1 
_pdbx_initial_refinement_model.entity_id_list   ? 
_pdbx_initial_refinement_model.type             'experimental model' 
_pdbx_initial_refinement_model.source_name      PDB 
_pdbx_initial_refinement_model.accession_code   6QGG 
_pdbx_initial_refinement_model.details          ? 
# 
_atom_sites.entry_id                    6QGJ 
_atom_sites.fract_transf_matrix[1][1]   -0.00375570 
_atom_sites.fract_transf_matrix[1][2]   -0.00931950 
_atom_sites.fract_transf_matrix[1][3]   -0.01982739 
_atom_sites.fract_transf_matrix[2][1]   -0.00331192 
_atom_sites.fract_transf_matrix[2][2]   0.01606294 
_atom_sites.fract_transf_matrix[2][3]   -0.00692275 
_atom_sites.fract_transf_matrix[3][1]   0.01502576 
_atom_sites.fract_transf_matrix[3][2]   0.00155620 
_atom_sites.fract_transf_matrix[3][3]   -0.00357764 
_atom_sites.fract_transf_vector[1]      0.192928 
_atom_sites.fract_transf_vector[2]      0.044985 
_atom_sites.fract_transf_vector[3]      0.206824 
# 
loop_
_atom_type.symbol 
C 
F 
N 
O 
S 
# 
loop_
_atom_site.group_PDB 
_atom_site.id 
_atom_site.type_symbol 
_atom_site.label_atom_id 
_atom_site.label_alt_id 
_atom_site.label_comp_id 
_atom_site.label_asym_id 
_atom_site.label_entity_id 
_atom_site.label_seq_id 
_atom_site.pdbx_PDB_ins_code 
_atom_site.Cartn_x 
_atom_site.Cartn_y 
_atom_site.Cartn_z 
_atom_site.occupancy 
_atom_site.B_iso_or_equiv 
_atom_site.pdbx_formal_charge 
_atom_site.auth_seq_id 
_atom_site.auth_comp_id 
_atom_site.auth_asym_id 
_atom_site.auth_atom_id 
_atom_site.pdbx_PDB_model_num 
ATOM   1    N N   . ASN A 1 5   ? 1.835   -8.480  -9.309  1.00 76.18 ? 11  ASN A N   1 
ATOM   2    C CA  . ASN A 1 5   ? 0.444   -7.954  -9.540  1.00 78.64 ? 11  ASN A CA  1 
ATOM   3    C C   . ASN A 1 5   ? 0.548   -6.476  -9.980  1.00 75.59 ? 11  ASN A C   1 
ATOM   4    O O   . ASN A 1 5   ? 1.339   -5.736  -9.393  1.00 75.28 ? 11  ASN A O   1 
ATOM   5    C CB  . ASN A 1 5   ? -0.399  -8.177  -8.275  1.00 77.97 ? 11  ASN A CB  1 
ATOM   6    C CG  . ASN A 1 5   ? -0.156  -9.506  -7.577  1.00 84.05 ? 11  ASN A CG  1 
ATOM   7    O OD1 . ASN A 1 5   ? -0.034  -9.574  -6.345  1.00 55.73 ? 11  ASN A OD1 1 
ATOM   8    N ND2 . ASN A 1 5   ? -0.083  -10.576 -8.354  1.00 91.76 ? 11  ASN A ND2 1 
ATOM   9    N N   . ARG A 1 6   ? -0.207  -6.043  -11.009 1.00 66.52 ? 12  ARG A N   1 
ATOM   10   C CA  . ARG A 1 6   ? -0.153  -4.627  -11.470 1.00 48.92 ? 12  ARG A CA  1 
ATOM   11   C C   . ARG A 1 6   ? -1.528  -3.928  -11.484 1.00 50.73 ? 12  ARG A C   1 
ATOM   12   O O   . ARG A 1 6   ? -1.623  -2.712  -11.200 1.00 40.69 ? 12  ARG A O   1 
ATOM   13   C CB  . ARG A 1 6   ? 0.465   -4.501  -12.863 1.00 58.47 ? 12  ARG A CB  1 
ATOM   14   C CG  . ARG A 1 6   ? 0.256   -3.133  -13.506 1.00 57.47 ? 12  ARG A CG  1 
ATOM   15   C CD  . ARG A 1 6   ? 0.593   -3.070  -14.987 1.00 62.12 ? 12  ARG A CD  1 
ATOM   16   N NE  . ARG A 1 6   ? -0.012  -1.922  -15.663 1.00 70.38 ? 12  ARG A NE  1 
ATOM   17   C CZ  . ARG A 1 6   ? -1.322  -1.759  -15.874 1.00 70.19 ? 12  ARG A CZ  1 
ATOM   18   N NH1 . ARG A 1 6   ? -2.195  -2.576  -15.306 1.00 74.15 ? 12  ARG A NH1 1 
ATOM   19   N NH2 . ARG A 1 6   ? -1.756  -0.771  -16.642 1.00 68.45 ? 12  ARG A NH2 1 
ATOM   20   N N   . GLU A 1 7   ? -2.590  -4.631  -11.889 1.00 43.54 ? 13  GLU A N   1 
ATOM   21   C CA  . GLU A 1 7   ? -3.944  -4.090  -11.798 1.00 41.68 ? 13  GLU A CA  1 
ATOM   22   C C   . GLU A 1 7   ? -4.234  -3.676  -10.358 1.00 34.21 ? 13  GLU A C   1 
ATOM   23   O O   . GLU A 1 7   ? -4.947  -2.689  -10.090 1.00 38.00 ? 13  GLU A O   1 
ATOM   24   C CB  . GLU A 1 7   ? -4.991  -5.157  -12.147 1.00 50.90 ? 13  GLU A CB  1 
ATOM   25   C CG  . GLU A 1 7   ? -5.172  -5.357  -13.641 1.00 64.59 ? 13  GLU A CG  1 
ATOM   26   C CD  . GLU A 1 7   ? -6.071  -4.329  -14.308 1.00 72.32 ? 13  GLU A CD  1 
ATOM   27   O OE1 . GLU A 1 7   ? -6.448  -3.342  -13.626 1.00 72.53 ? 13  GLU A OE1 1 
ATOM   28   O OE2 . GLU A 1 7   ? -6.403  -4.529  -15.509 1.00 81.77 ? 13  GLU A OE2 1 
ATOM   29   N N   . ILE A 1 8   ? -3.809  -4.532  -9.439  1.00 31.74 ? 14  ILE A N   1 
ATOM   30   C CA  . ILE A 1 8   ? -4.045  -4.287  -8.000  1.00 32.48 ? 14  ILE A CA  1 
ATOM   31   C C   . ILE A 1 8   ? -3.472  -2.909  -7.626  1.00 28.83 ? 14  ILE A C   1 
ATOM   32   O O   . ILE A 1 8   ? -4.131  -2.103  -6.913  1.00 30.05 ? 14  ILE A O   1 
ATOM   33   C CB  . ILE A 1 8   ? -3.480  -5.468  -7.178  1.00 37.32 ? 14  ILE A CB  1 
ATOM   34   C CG1 . ILE A 1 8   ? -3.866  -5.400  -5.700  1.00 39.88 ? 14  ILE A CG1 1 
ATOM   35   C CG2 . ILE A 1 8   ? -1.977  -5.632  -7.355  1.00 40.11 ? 14  ILE A CG2 1 
ATOM   36   C CD1 . ILE A 1 8   ? -3.993  -6.776  -5.061  1.00 46.52 ? 14  ILE A CD1 1 
ATOM   37   N N   . VAL A 1 9   ? -2.263  -2.596  -8.123  1.00 29.34 ? 15  VAL A N   1 
ATOM   38   C CA  . VAL A 1 9   ? -1.646  -1.312  -7.879  1.00 27.04 ? 15  VAL A CA  1 
ATOM   39   C C   . VAL A 1 9   ? -2.470  -0.170  -8.503  1.00 28.55 ? 15  VAL A C   1 
ATOM   40   O O   . VAL A 1 9   ? -2.775  0.835   -7.856  1.00 26.44 ? 15  VAL A O   1 
ATOM   41   C CB  . VAL A 1 9   ? -0.193  -1.309  -8.379  1.00 26.71 ? 15  VAL A CB  1 
ATOM   42   C CG1 . VAL A 1 9   ? 0.365   0.094   -8.388  1.00 26.17 ? 15  VAL A CG1 1 
ATOM   43   C CG2 . VAL A 1 9   ? 0.676   -2.251  -7.592  1.00 24.12 ? 15  VAL A CG2 1 
ATOM   44   N N   . MET A 1 10  ? -2.825  -0.282  -9.788  1.00 31.06 ? 16  MET A N   1 
ATOM   45   C CA  . MET A 1 10  ? -3.483  0.834   -10.484 1.00 34.56 ? 16  MET A CA  1 
ATOM   46   C C   . MET A 1 10  ? -4.854  1.131   -9.869  1.00 30.75 ? 16  MET A C   1 
ATOM   47   O O   . MET A 1 10  ? -5.172  2.294   -9.736  1.00 35.66 ? 16  MET A O   1 
ATOM   48   C CB  . MET A 1 10  ? -3.676  0.597   -11.996 1.00 40.23 ? 16  MET A CB  1 
ATOM   49   C CG  . MET A 1 10  ? -2.402  0.218   -12.732 1.00 42.62 ? 16  MET A CG  1 
ATOM   50   S SD  . MET A 1 10  ? -1.080  1.453   -12.593 1.00 58.94 ? 16  MET A SD  1 
ATOM   51   C CE  . MET A 1 10  ? 0.363   0.417   -12.866 1.00 64.55 ? 16  MET A CE  1 
ATOM   52   N N   . LYS A 1 11  ? -5.618  0.091   -9.476  1.00 31.21 ? 17  LYS A N   1 
ATOM   53   C CA  . LYS A 1 11  ? -6.921  0.256   -8.849  1.00 31.95 ? 17  LYS A CA  1 
ATOM   54   C C   . LYS A 1 11  ? -6.795  0.911   -7.477  1.00 32.19 ? 17  LYS A C   1 
ATOM   55   O O   . LYS A 1 11  ? -7.615  1.742   -7.122  1.00 27.59 ? 17  LYS A O   1 
ATOM   56   C CB  . LYS A 1 11  ? -7.685  -1.066  -8.775  1.00 35.10 ? 17  LYS A CB  1 
ATOM   57   C CG  . LYS A 1 11  ? -8.087  -1.671  -10.123 1.00 42.63 ? 17  LYS A CG  1 
ATOM   58   C CD  . LYS A 1 11  ? -8.730  -3.072  -9.958  1.00 53.40 ? 17  LYS A CD  1 
ATOM   59   C CE  . LYS A 1 11  ? -9.775  -3.424  -10.998 1.00 55.93 ? 17  LYS A CE  1 
ATOM   60   N NZ  . LYS A 1 11  ? -10.889 -2.444  -10.971 1.00 60.18 ? 17  LYS A NZ  1 
ATOM   61   N N   . TYR A 1 12  ? -5.735  0.580   -6.729  1.00 30.02 ? 18  TYR A N   1 
ATOM   62   C CA  . TYR A 1 12  ? -5.528  1.155   -5.414  1.00 27.34 ? 18  TYR A CA  1 
ATOM   63   C C   . TYR A 1 12  ? -5.262  2.659   -5.527  1.00 30.57 ? 18  TYR A C   1 
ATOM   64   O O   . TYR A 1 12  ? -5.889  3.522   -4.796  1.00 30.99 ? 18  TYR A O   1 
ATOM   65   C CB  . TYR A 1 12  ? -4.371  0.478   -4.657  1.00 25.46 ? 18  TYR A CB  1 
ATOM   66   C CG  . TYR A 1 12  ? -4.413  0.738   -3.175  1.00 28.29 ? 18  TYR A CG  1 
ATOM   67   C CD1 . TYR A 1 12  ? -5.164  -0.087  -2.370  1.00 31.27 ? 18  TYR A CD1 1 
ATOM   68   C CD2 . TYR A 1 12  ? -3.685  1.747   -2.556  1.00 29.24 ? 18  TYR A CD2 1 
ATOM   69   C CE1 . TYR A 1 12  ? -5.242  0.099   -1.001  1.00 37.35 ? 18  TYR A CE1 1 
ATOM   70   C CE2 . TYR A 1 12  ? -3.801  1.983   -1.193  1.00 31.39 ? 18  TYR A CE2 1 
ATOM   71   C CZ  . TYR A 1 12  ? -4.574  1.144   -0.407  1.00 32.14 ? 18  TYR A CZ  1 
ATOM   72   O OH  . TYR A 1 12  ? -4.670  1.297   0.956   1.00 37.51 ? 18  TYR A OH  1 
ATOM   73   N N   . ILE A 1 13  ? -4.283  2.989   -6.365  1.00 28.37 ? 19  ILE A N   1 
ATOM   74   C CA  . ILE A 1 13  ? -3.864  4.333   -6.520  1.00 29.10 ? 19  ILE A CA  1 
ATOM   75   C C   . ILE A 1 13  ? -5.047  5.159   -7.036  1.00 29.93 ? 19  ILE A C   1 
ATOM   76   O O   . ILE A 1 13  ? -5.292  6.222   -6.559  1.00 31.05 ? 19  ILE A O   1 
ATOM   77   C CB  . ILE A 1 13  ? -2.653  4.432   -7.451  1.00 28.77 ? 19  ILE A CB  1 
ATOM   78   C CG1 . ILE A 1 13  ? -1.408  3.779   -6.845  1.00 31.11 ? 19  ILE A CG1 1 
ATOM   79   C CG2 . ILE A 1 13  ? -2.409  5.867   -7.832  1.00 31.64 ? 19  ILE A CG2 1 
ATOM   80   C CD1 . ILE A 1 13  ? -0.289  3.614   -7.853  1.00 31.96 ? 19  ILE A CD1 1 
ATOM   81   N N   . SER A 1 14  ? -5.757  4.630   -8.012  1.00 35.82 ? 20  SER A N   1 
ATOM   82   C CA  . SER A 1 14  ? -6.906  5.351   -8.537  1.00 43.22 ? 20  SER A CA  1 
ATOM   83   C C   . SER A 1 14  ? -7.910  5.690   -7.420  1.00 44.89 ? 20  SER A C   1 
ATOM   84   O O   . SER A 1 14  ? -8.352  6.854   -7.298  1.00 42.44 ? 20  SER A O   1 
ATOM   85   C CB  . SER A 1 14  ? -7.527  4.584   -9.659  1.00 42.89 ? 20  SER A CB  1 
ATOM   86   O OG  . SER A 1 14  ? -8.766  5.184   -9.938  1.00 52.16 ? 20  SER A OG  1 
ATOM   87   N N   . TYR A 1 15  ? -8.219  4.717   -6.547  1.00 43.13 ? 21  TYR A N   1 
ATOM   88   C CA  . TYR A 1 15  ? -9.049  4.956   -5.369  1.00 40.24 ? 21  TYR A CA  1 
ATOM   89   C C   . TYR A 1 15  ? -8.447  6.004   -4.432  1.00 39.00 ? 21  TYR A C   1 
ATOM   90   O O   . TYR A 1 15  ? -9.190  6.858   -3.962  1.00 45.32 ? 21  TYR A O   1 
ATOM   91   C CB  . TYR A 1 15  ? -9.350  3.664   -4.593  1.00 39.88 ? 21  TYR A CB  1 
ATOM   92   C CG  . TYR A 1 15  ? -10.078 3.814   -3.265  1.00 41.29 ? 21  TYR A CG  1 
ATOM   93   C CD1 . TYR A 1 15  ? -11.444 4.097   -3.192  1.00 43.57 ? 21  TYR A CD1 1 
ATOM   94   C CD2 . TYR A 1 15  ? -9.427  3.568   -2.061  1.00 39.84 ? 21  TYR A CD2 1 
ATOM   95   C CE1 . TYR A 1 15  ? -12.112 4.181   -1.971  1.00 41.55 ? 21  TYR A CE1 1 
ATOM   96   C CE2 . TYR A 1 15  ? -10.077 3.632   -0.835  1.00 44.45 ? 21  TYR A CE2 1 
ATOM   97   C CZ  . TYR A 1 15  ? -11.431 3.942   -0.785  1.00 46.09 ? 21  TYR A CZ  1 
ATOM   98   O OH  . TYR A 1 15  ? -12.057 3.981   0.432   1.00 43.19 ? 21  TYR A OH  1 
ATOM   99   N N   . LYS A 1 16  ? -7.151  5.935   -4.075  1.00 35.99 ? 22  LYS A N   1 
ATOM   100  C CA  . LYS A 1 16  ? -6.643  6.896   -3.075  1.00 34.59 ? 22  LYS A CA  1 
ATOM   101  C C   . LYS A 1 16  ? -6.700  8.314   -3.665  1.00 33.68 ? 22  LYS A C   1 
ATOM   102  O O   . LYS A 1 16  ? -6.871  9.304   -2.902  1.00 40.07 ? 22  LYS A O   1 
ATOM   103  C CB  . LYS A 1 16  ? -5.193  6.672   -2.626  1.00 34.51 ? 22  LYS A CB  1 
ATOM   104  C CG  . LYS A 1 16  ? -4.914  5.323   -1.979  1.00 35.93 ? 22  LYS A CG  1 
ATOM   105  C CD  . LYS A 1 16  ? -5.934  4.862   -0.937  1.00 37.61 ? 22  LYS A CD  1 
ATOM   106  C CE  . LYS A 1 16  ? -5.779  5.582   0.385   1.00 37.82 ? 22  LYS A CE  1 
ATOM   107  N NZ  . LYS A 1 16  ? -6.757  5.083   1.390   1.00 34.98 ? 22  LYS A NZ  1 
ATOM   108  N N   . LEU A 1 17  ? -6.529  8.407   -4.990  1.00 34.75 ? 23  LEU A N   1 
ATOM   109  C CA  . LEU A 1 17  ? -6.557  9.743   -5.698  1.00 39.06 ? 23  LEU A CA  1 
ATOM   110  C C   . LEU A 1 17  ? -7.992  10.317  -5.670  1.00 48.00 ? 23  LEU A C   1 
ATOM   111  O O   . LEU A 1 17  ? -8.170  11.533  -5.572  1.00 58.09 ? 23  LEU A O   1 
ATOM   112  C CB  . LEU A 1 17  ? -5.967  9.568   -7.103  1.00 39.17 ? 23  LEU A CB  1 
ATOM   113  C CG  . LEU A 1 17  ? -4.428  9.462   -7.118  1.00 37.56 ? 23  LEU A CG  1 
ATOM   114  C CD1 . LEU A 1 17  ? -3.864  9.225   -8.503  1.00 38.37 ? 23  LEU A CD1 1 
ATOM   115  C CD2 . LEU A 1 17  ? -3.809  10.707  -6.527  1.00 38.05 ? 23  LEU A CD2 1 
ATOM   116  N N   . SER A 1 18  ? -8.998  9.435   -5.708  1.00 46.44 ? 24  SER A N   1 
ATOM   117  C CA  . SER A 1 18  ? -10.446 9.766   -5.587  1.00 44.30 ? 24  SER A CA  1 
ATOM   118  C C   . SER A 1 18  ? -10.808 10.362  -4.219  1.00 50.71 ? 24  SER A C   1 
ATOM   119  O O   . SER A 1 18  ? -11.541 11.378  -4.158  1.00 47.12 ? 24  SER A O   1 
ATOM   120  C CB  . SER A 1 18  ? -11.294 8.567   -5.861  1.00 47.98 ? 24  SER A CB  1 
ATOM   121  O OG  . SER A 1 18  ? -11.426 8.393   -7.250  1.00 49.74 ? 24  SER A OG  1 
ATOM   122  N N   . GLN A 1 19  ? -10.316 9.768   -3.124  1.00 46.47 ? 25  GLN A N   1 
ATOM   123  C CA  . GLN A 1 19  ? -10.627 10.282  -1.777  1.00 53.04 ? 25  GLN A CA  1 
ATOM   124  C C   . GLN A 1 19  ? -10.220 11.762  -1.661  1.00 56.70 ? 25  GLN A C   1 
ATOM   125  O O   . GLN A 1 19  ? -10.738 12.468  -0.786  1.00 60.77 ? 25  GLN A O   1 
ATOM   126  C CB  . GLN A 1 19  ? -9.966  9.436   -0.685  1.00 51.52 ? 25  GLN A CB  1 
ATOM   127  C CG  . GLN A 1 19  ? -10.585 8.048   -0.550  1.00 52.41 ? 25  GLN A CG  1 
ATOM   128  C CD  . GLN A 1 19  ? -9.831  7.160   0.409   1.00 55.65 ? 25  GLN A CD  1 
ATOM   129  O OE1 . GLN A 1 19  ? -8.596  7.076   0.380   1.00 51.46 ? 25  GLN A OE1 1 
ATOM   130  N NE2 . GLN A 1 19  ? -10.579 6.455   1.246   1.00 51.40 ? 25  GLN A NE2 1 
ATOM   131  N N   . ARG A 1 20  ? -9.295  12.214  -2.523  1.00 60.10 ? 26  ARG A N   1 
ATOM   132  C CA  . ARG A 1 20  ? -8.923  13.638  -2.665  1.00 63.96 ? 26  ARG A CA  1 
ATOM   133  C C   . ARG A 1 20  ? -9.548  14.282  -3.917  1.00 64.78 ? 26  ARG A C   1 
ATOM   134  O O   . ARG A 1 20  ? -9.221  15.398  -4.233  1.00 72.59 ? 26  ARG A O   1 
ATOM   135  C CB  . ARG A 1 20  ? -7.401  13.761  -2.742  1.00 63.42 ? 26  ARG A CB  1 
ATOM   136  C CG  . ARG A 1 20  ? -6.673  13.128  -1.570  1.00 64.21 ? 26  ARG A CG  1 
ATOM   137  C CD  . ARG A 1 20  ? -7.199  13.623  -0.240  1.00 65.96 ? 26  ARG A CD  1 
ATOM   138  N NE  . ARG A 1 20  ? -6.207  13.433  0.806   1.00 70.45 ? 26  ARG A NE  1 
ATOM   139  C CZ  . ARG A 1 20  ? -6.249  12.484  1.733   1.00 73.77 ? 26  ARG A CZ  1 
ATOM   140  N NH1 . ARG A 1 20  ? -7.271  11.642  1.779   1.00 72.19 ? 26  ARG A NH1 1 
ATOM   141  N NH2 . ARG A 1 20  ? -5.262  12.378  2.605   1.00 75.47 ? 26  ARG A NH2 1 
ATOM   142  N N   . GLY A 1 21  ? -10.413 13.565  -4.641  1.00 71.93 ? 27  GLY A N   1 
ATOM   143  C CA  . GLY A 1 21  ? -11.208 14.107  -5.771  1.00 70.87 ? 27  GLY A CA  1 
ATOM   144  C C   . GLY A 1 21  ? -10.496 14.165  -7.122  1.00 72.45 ? 27  GLY A C   1 
ATOM   145  O O   . GLY A 1 21  ? -11.062 14.665  -8.093  1.00 79.69 ? 27  GLY A O   1 
ATOM   146  N N   . TYR A 1 22  ? -9.291  13.608  -7.247  1.00 65.37 ? 28  TYR A N   1 
ATOM   147  C CA  A TYR A 1 22  ? -8.454  13.843  -8.439  0.50 62.96 ? 28  TYR A CA  1 
ATOM   148  C CA  B TYR A 1 22  ? -8.435  13.818  -8.414  0.50 59.23 ? 28  TYR A CA  1 
ATOM   149  C C   . TYR A 1 22  ? -8.453  12.701  -9.459  1.00 63.80 ? 28  TYR A C   1 
ATOM   150  O O   . TYR A 1 22  ? -7.821  11.747  -9.254  1.00 78.84 ? 28  TYR A O   1 
ATOM   151  C CB  A TYR A 1 22  ? -6.980  13.885  -8.056  0.50 61.77 ? 28  TYR A CB  1 
ATOM   152  C CB  B TYR A 1 22  ? -6.983  13.651  -7.994  0.50 54.38 ? 28  TYR A CB  1 
ATOM   153  C CG  A TYR A 1 22  ? -6.043  13.884  -9.236  0.50 60.32 ? 28  TYR A CG  1 
ATOM   154  C CG  B TYR A 1 22  ? -6.446  14.718  -7.101  0.50 47.55 ? 28  TYR A CG  1 
ATOM   155  C CD1 A TYR A 1 22  ? -5.701  15.077  -9.824  0.50 56.36 ? 28  TYR A CD1 1 
ATOM   156  C CD1 B TYR A 1 22  ? -6.389  16.036  -7.525  0.50 47.23 ? 28  TYR A CD1 1 
ATOM   157  C CD2 A TYR A 1 22  ? -5.509  12.726  -9.774  0.50 54.98 ? 28  TYR A CD2 1 
ATOM   158  C CD2 B TYR A 1 22  ? -5.951  14.409  -5.847  0.50 46.16 ? 28  TYR A CD2 1 
ATOM   159  C CE1 A TYR A 1 22  ? -4.791  15.145  -10.864 0.50 51.38 ? 28  TYR A CE1 1 
ATOM   160  C CE1 B TYR A 1 22  ? -5.853  17.027  -6.720  0.50 46.16 ? 28  TYR A CE1 1 
ATOM   161  C CE2 A TYR A 1 22  ? -4.618  12.767  -10.830 0.50 51.64 ? 28  TYR A CE2 1 
ATOM   162  C CE2 B TYR A 1 22  ? -5.402  15.385  -5.033  0.50 44.48 ? 28  TYR A CE2 1 
ATOM   163  C CZ  A TYR A 1 22  ? -4.248  13.984  -11.376 0.50 52.24 ? 28  TYR A CZ  1 
ATOM   164  C CZ  B TYR A 1 22  ? -5.359  16.697  -5.470  0.50 46.40 ? 28  TYR A CZ  1 
ATOM   165  O OH  A TYR A 1 22  ? -3.366  14.044  -12.419 0.50 49.55 ? 28  TYR A OH  1 
ATOM   166  O OH  B TYR A 1 22  ? -4.819  17.662  -4.678  0.50 45.87 ? 28  TYR A OH  1 
ATOM   167  N N   . GLU A 1 23  ? -8.937  12.902  -10.682 1.00 59.87 ? 29  GLU A N   1 
ATOM   168  C CA  . GLU A 1 23  ? -9.102  11.732  -11.644 1.00 68.12 ? 29  GLU A CA  1 
ATOM   169  C C   . GLU A 1 23  ? -7.790  11.193  -12.298 1.00 67.50 ? 29  GLU A C   1 
ATOM   170  O O   . GLU A 1 23  ? -7.025  11.954  -12.877 1.00 63.74 ? 29  GLU A O   1 
ATOM   171  C CB  . GLU A 1 23  ? -10.133 12.177  -12.688 1.00 78.76 ? 29  GLU A CB  1 
ATOM   172  C CG  . GLU A 1 23  ? -10.707 11.047  -13.533 1.00 81.46 ? 29  GLU A CG  1 
ATOM   173  C CD  . GLU A 1 23  ? -12.025 10.455  -13.051 1.00 83.35 ? 29  GLU A CD  1 
ATOM   174  O OE1 . GLU A 1 23  ? -12.687 9.764   -13.858 1.00 86.25 ? 29  GLU A OE1 1 
ATOM   175  O OE2 . GLU A 1 23  ? -12.395 10.691  -11.879 1.00 85.72 ? 29  GLU A OE2 1 
ATOM   176  N N   . TRP A 1 24  ? -7.582  9.850   -12.304 1.00 66.15 ? 30  TRP A N   1 
ATOM   177  C CA  . TRP A 1 24  ? -6.385  9.165   -12.854 1.00 60.11 ? 30  TRP A CA  1 
ATOM   178  C C   . TRP A 1 24  ? -6.814  7.835   -13.480 1.00 63.79 ? 30  TRP A C   1 
ATOM   179  O O   . TRP A 1 24  ? -6.193  7.357   -14.429 1.00 70.73 ? 30  TRP A O   1 
ATOM   180  C CB  . TRP A 1 24  ? -5.319  8.940   -11.770 1.00 56.40 ? 30  TRP A CB  1 
ATOM   181  C CG  . TRP A 1 24  ? -4.017  8.353   -12.243 1.00 48.90 ? 30  TRP A CG  1 
ATOM   182  C CD1 . TRP A 1 24  ? -3.003  9.010   -12.880 1.00 48.81 ? 30  TRP A CD1 1 
ATOM   183  C CD2 . TRP A 1 24  ? -3.547  7.002   -12.056 1.00 50.01 ? 30  TRP A CD2 1 
ATOM   184  N NE1 . TRP A 1 24  ? -1.958  8.161   -13.133 1.00 46.98 ? 30  TRP A NE1 1 
ATOM   185  C CE2 . TRP A 1 24  ? -2.258  6.922   -12.628 1.00 50.40 ? 30  TRP A CE2 1 
ATOM   186  C CE3 . TRP A 1 24  ? -4.063  5.861   -11.421 1.00 51.43 ? 30  TRP A CE3 1 
ATOM   187  C CZ2 . TRP A 1 24  ? -1.508  5.742   -12.618 1.00 48.49 ? 30  TRP A CZ2 1 
ATOM   188  C CZ3 . TRP A 1 24  ? -3.329  4.690   -11.433 1.00 41.15 ? 30  TRP A CZ3 1 
ATOM   189  C CH2 . TRP A 1 24  ? -2.067  4.634   -12.018 1.00 43.57 ? 30  TRP A CH2 1 
ATOM   190  N N   . GLU A 1 41  ? -6.980  -10.878 -9.894  1.00 60.57 ? 47  GLU A N   1 
ATOM   191  C CA  . GLU A 1 41  ? -7.674  -11.023 -8.607  1.00 57.49 ? 47  GLU A CA  1 
ATOM   192  C C   . GLU A 1 41  ? -9.103  -10.468 -8.719  1.00 56.96 ? 47  GLU A C   1 
ATOM   193  O O   . GLU A 1 41  ? -9.363  -9.476  -9.429  1.00 57.25 ? 47  GLU A O   1 
ATOM   194  C CB  . GLU A 1 41  ? -6.886  -10.331 -7.488  1.00 58.02 ? 47  GLU A CB  1 
ATOM   195  C CG  . GLU A 1 41  ? -5.425  -10.762 -7.411  1.00 58.57 ? 47  GLU A CG  1 
ATOM   196  C CD  . GLU A 1 41  ? -4.475  -9.946  -8.282  1.00 73.80 ? 47  GLU A CD  1 
ATOM   197  O OE1 . GLU A 1 41  ? -4.948  -8.979  -8.932  1.00 82.46 ? 47  GLU A OE1 1 
ATOM   198  O OE2 . GLU A 1 41  ? -3.261  -10.267 -8.316  1.00 74.09 ? 47  GLU A OE2 1 
ATOM   199  N N   . SER A 1 42  ? -10.021 -11.097 -7.974  1.00 50.32 ? 48  SER A N   1 
ATOM   200  C CA  . SER A 1 42  ? -11.461 -10.760 -7.966  1.00 54.30 ? 48  SER A CA  1 
ATOM   201  C C   . SER A 1 42  ? -11.693 -9.397  -7.297  1.00 46.66 ? 48  SER A C   1 
ATOM   202  O O   . SER A 1 42  ? -10.798 -8.868  -6.608  1.00 47.93 ? 48  SER A O   1 
ATOM   203  C CB  . SER A 1 42  ? -12.264 -11.871 -7.301  1.00 56.71 ? 48  SER A CB  1 
ATOM   204  O OG  . SER A 1 42  ? -11.818 -12.109 -5.968  1.00 60.71 ? 48  SER A OG  1 
ATOM   205  N N   . GLU A 1 43  ? -12.897 -8.833  -7.479  1.00 43.11 ? 49  GLU A N   1 
ATOM   206  C CA  . GLU A 1 43  ? -13.275 -7.525  -6.889  1.00 38.03 ? 49  GLU A CA  1 
ATOM   207  C C   . GLU A 1 43  ? -13.156 -7.531  -5.357  1.00 37.18 ? 49  GLU A C   1 
ATOM   208  O O   . GLU A 1 43  ? -12.935 -6.502  -4.751  1.00 31.90 ? 49  GLU A O   1 
ATOM   209  C CB  . GLU A 1 43  ? -14.702 -7.127  -7.264  1.00 46.76 ? 49  GLU A CB  1 
ATOM   210  C CG  . GLU A 1 43  ? -15.220 -5.855  -6.605  1.00 50.82 ? 49  GLU A CG  1 
ATOM   211  C CD  . GLU A 1 43  ? -14.460 -4.543  -6.765  1.00 61.06 ? 49  GLU A CD  1 
ATOM   212  O OE1 . GLU A 1 43  ? -13.664 -4.407  -7.722  1.00 59.20 ? 49  GLU A OE1 1 
ATOM   213  O OE2 . GLU A 1 43  ? -14.686 -3.634  -5.923  1.00 61.47 ? 49  GLU A OE2 1 
ATOM   214  N N   . VAL A 1 44  ? -13.421 -8.663  -4.718  1.00 34.11 ? 92  VAL A N   1 
ATOM   215  C CA  . VAL A 1 44  ? -13.462 -8.648  -3.256  1.00 33.98 ? 92  VAL A CA  1 
ATOM   216  C C   . VAL A 1 44  ? -12.037 -8.424  -2.723  1.00 32.39 ? 92  VAL A C   1 
ATOM   217  O O   . VAL A 1 44  ? -11.850 -7.828  -1.660  1.00 29.73 ? 92  VAL A O   1 
ATOM   218  C CB  . VAL A 1 44  ? -14.084 -9.934  -2.700  1.00 38.16 ? 92  VAL A CB  1 
ATOM   219  C CG1 . VAL A 1 44  ? -13.841 -10.114 -1.209  1.00 36.85 ? 92  VAL A CG1 1 
ATOM   220  C CG2 . VAL A 1 44  ? -15.572 -9.930  -2.963  1.00 48.68 ? 92  VAL A CG2 1 
ATOM   221  N N   . VAL A 1 45  ? -11.039 -8.943  -3.440  1.00 31.57 ? 93  VAL A N   1 
ATOM   222  C CA  . VAL A 1 45  ? -9.626  -8.662  -3.072  1.00 31.96 ? 93  VAL A CA  1 
ATOM   223  C C   . VAL A 1 45  ? -9.374  -7.153  -3.084  1.00 26.87 ? 93  VAL A C   1 
ATOM   224  O O   . VAL A 1 45  ? -8.844  -6.583  -2.125  1.00 27.20 ? 93  VAL A O   1 
ATOM   225  C CB  . VAL A 1 45  ? -8.633  -9.439  -3.961  1.00 31.32 ? 93  VAL A CB  1 
ATOM   226  C CG1 . VAL A 1 45  ? -7.218  -8.934  -3.798  1.00 33.76 ? 93  VAL A CG1 1 
ATOM   227  C CG2 . VAL A 1 45  ? -8.736  -10.939 -3.753  1.00 32.25 ? 93  VAL A CG2 1 
ATOM   228  N N   . HIS A 1 46  ? -9.753  -6.455  -4.176  1.00 31.12 ? 94  HIS A N   1 
ATOM   229  C CA  . HIS A 1 46  ? -9.524  -5.016  -4.301  1.00 31.06 ? 94  HIS A CA  1 
ATOM   230  C C   . HIS A 1 46  ? -10.294 -4.237  -3.231  1.00 27.94 ? 94  HIS A C   1 
ATOM   231  O O   . HIS A 1 46  ? -9.778  -3.311  -2.621  1.00 26.67 ? 94  HIS A O   1 
ATOM   232  C CB  . HIS A 1 46  ? -9.878  -4.521  -5.724  1.00 33.99 ? 94  HIS A CB  1 
ATOM   233  C CG  . HIS A 1 46  ? -9.129  -5.247  -6.786  1.00 33.38 ? 94  HIS A CG  1 
ATOM   234  N ND1 . HIS A 1 46  ? -7.765  -5.089  -6.970  1.00 37.02 ? 94  HIS A ND1 1 
ATOM   235  C CD2 . HIS A 1 46  ? -9.531  -6.124  -7.728  1.00 37.73 ? 94  HIS A CD2 1 
ATOM   236  C CE1 . HIS A 1 46  ? -7.367  -5.860  -7.973  1.00 39.76 ? 94  HIS A CE1 1 
ATOM   237  N NE2 . HIS A 1 46  ? -8.428  -6.506  -8.452  1.00 37.19 ? 94  HIS A NE2 1 
ATOM   238  N N   . GLN A 1 47  ? -11.564 -4.597  -2.977  1.00 30.23 ? 95  GLN A N   1 
ATOM   239  C CA  . GLN A 1 47  ? -12.355 -3.883  -1.932  1.00 28.80 ? 95  GLN A CA  1 
ATOM   240  C C   . GLN A 1 47  ? -11.732 -4.106  -0.540  1.00 25.26 ? 95  GLN A C   1 
ATOM   241  O O   . GLN A 1 47  ? -11.696 -3.214  0.248   1.00 27.93 ? 95  GLN A O   1 
ATOM   242  C CB  . GLN A 1 47  ? -13.808 -4.387  -1.952  1.00 32.36 ? 95  GLN A CB  1 
ATOM   243  C CG  . GLN A 1 47  ? -14.521 -4.371  -0.604  1.00 42.36 ? 95  GLN A CG  1 
ATOM   244  C CD  . GLN A 1 47  ? -15.921 -4.948  -0.638  1.00 43.67 ? 95  GLN A CD  1 
ATOM   245  O OE1 . GLN A 1 47  ? -16.276 -5.829  0.163   1.00 36.04 ? 95  GLN A OE1 1 
ATOM   246  N NE2 . GLN A 1 47  ? -16.718 -4.444  -1.575  1.00 37.72 ? 95  GLN A NE2 1 
ATOM   247  N N   . THR A 1 48  ? -11.338 -5.340  -0.239  1.00 25.83 ? 96  THR A N   1 
ATOM   248  C CA  . THR A 1 48  ? -10.817 -5.643  1.085   1.00 24.44 ? 96  THR A CA  1 
ATOM   249  C C   . THR A 1 48  ? -9.531  -4.855  1.283   1.00 24.38 ? 96  THR A C   1 
ATOM   250  O O   . THR A 1 48  ? -9.245  -4.267  2.364   1.00 26.00 ? 96  THR A O   1 
ATOM   251  C CB  . THR A 1 48  ? -10.671 -7.163  1.251   1.00 25.35 ? 96  THR A CB  1 
ATOM   252  O OG1 . THR A 1 48  ? -11.965 -7.749  0.991   1.00 24.95 ? 96  THR A OG1 1 
ATOM   253  C CG2 . THR A 1 48  ? -10.161 -7.557  2.629   1.00 24.38 ? 96  THR A CG2 1 
ATOM   254  N N   . LEU A 1 49  ? -8.697  -4.835  0.222   1.00 25.36 ? 97  LEU A N   1 
ATOM   255  C CA  . LEU A 1 49  ? -7.426  -4.118  0.384   1.00 28.16 ? 97  LEU A CA  1 
ATOM   256  C C   . LEU A 1 49  ? -7.676  -2.615  0.629   1.00 28.72 ? 97  LEU A C   1 
ATOM   257  O O   . LEU A 1 49  ? -7.040  -2.012  1.503   1.00 27.74 ? 97  LEU A O   1 
ATOM   258  C CB  . LEU A 1 49  ? -6.528  -4.433  -0.812  1.00 26.81 ? 97  LEU A CB  1 
ATOM   259  C CG  . LEU A 1 49  ? -5.208  -3.669  -0.833  1.00 28.54 ? 97  LEU A CG  1 
ATOM   260  C CD1 . LEU A 1 49  ? -4.284  -4.126  0.313   1.00 26.39 ? 97  LEU A CD1 1 
ATOM   261  C CD2 . LEU A 1 49  ? -4.535  -3.873  -2.172  1.00 29.74 ? 97  LEU A CD2 1 
ATOM   262  N N   . ARG A 1 50  ? -8.610  -1.993  -0.121  1.00 31.02 ? 98  ARG A N   1 
ATOM   263  C CA  . ARG A 1 50  ? -9.042  -0.593  0.129   1.00 30.63 ? 98  ARG A CA  1 
ATOM   264  C C   . ARG A 1 50  ? -9.438  -0.418  1.593   1.00 28.89 ? 98  ARG A C   1 
ATOM   265  O O   . ARG A 1 50  ? -9.020  0.541   2.250   1.00 29.84 ? 98  ARG A O   1 
ATOM   266  C CB  . ARG A 1 50  ? -10.321 -0.174  -0.619  1.00 36.79 ? 98  ARG A CB  1 
ATOM   267  C CG  . ARG A 1 50  ? -10.184 0.064   -2.108  1.00 49.23 ? 98  ARG A CG  1 
ATOM   268  C CD  . ARG A 1 50  ? -11.345 0.924   -2.581  1.00 52.54 ? 98  ARG A CD  1 
ATOM   269  N NE  . ARG A 1 50  ? -12.642 0.255   -2.512  1.00 55.96 ? 98  ARG A NE  1 
ATOM   270  C CZ  . ARG A 1 50  ? -13.122 -0.539  -3.464  1.00 60.34 ? 98  ARG A CZ  1 
ATOM   271  N NH1 . ARG A 1 50  ? -12.362 -0.880  -4.492  1.00 61.63 ? 98  ARG A NH1 1 
ATOM   272  N NH2 . ARG A 1 50  ? -14.352 -1.010  -3.377  1.00 61.07 ? 98  ARG A NH2 1 
ATOM   273  N N   . GLN A 1 51  ? -10.299 -1.323  2.076   1.00 31.47 ? 99  GLN A N   1 
ATOM   274  C CA  . GLN A 1 51  ? -10.865 -1.218  3.450   1.00 32.48 ? 99  GLN A CA  1 
ATOM   275  C C   . GLN A 1 51  ? -9.746  -1.362  4.491   1.00 29.43 ? 99  GLN A C   1 
ATOM   276  O O   . GLN A 1 51  ? -9.659  -0.545  5.463   1.00 25.37 ? 99  GLN A O   1 
ATOM   277  C CB  . GLN A 1 51  ? -11.982 -2.246  3.668   1.00 35.44 ? 99  GLN A CB  1 
ATOM   278  C CG  . GLN A 1 51  ? -13.257 -1.931  2.901   1.00 41.77 ? 99  GLN A CG  1 
ATOM   279  C CD  . GLN A 1 51  ? -14.395 -2.929  3.043   1.00 49.14 ? 99  GLN A CD  1 
ATOM   280  O OE1 . GLN A 1 51  ? -14.242 -4.066  3.487   1.00 48.15 ? 99  GLN A OE1 1 
ATOM   281  N NE2 . GLN A 1 51  ? -15.573 -2.514  2.609   1.00 54.43 ? 99  GLN A NE2 1 
ATOM   282  N N   . ALA A 1 52  ? -8.864  -2.361  4.281   1.00 26.84 ? 100 ALA A N   1 
ATOM   283  C CA  . ALA A 1 52  ? -7.756  -2.598  5.211   1.00 26.45 ? 100 ALA A CA  1 
ATOM   284  C C   . ALA A 1 52  ? -6.837  -1.366  5.240   1.00 24.39 ? 100 ALA A C   1 
ATOM   285  O O   . ALA A 1 52  ? -6.366  -0.981  6.293   1.00 24.95 ? 100 ALA A O   1 
ATOM   286  C CB  . ALA A 1 52  ? -7.006  -3.880  4.840   1.00 28.65 ? 100 ALA A CB  1 
ATOM   287  N N   . GLY A 1 53  ? -6.609  -0.726  4.082   1.00 23.78 ? 101 GLY A N   1 
ATOM   288  C CA  . GLY A 1 53  ? -5.797  0.488   3.993   1.00 25.17 ? 101 GLY A CA  1 
ATOM   289  C C   . GLY A 1 53  ? -6.357  1.681   4.756   1.00 26.16 ? 101 GLY A C   1 
ATOM   290  O O   . GLY A 1 53  ? -5.628  2.387   5.474   1.00 26.79 ? 101 GLY A O   1 
ATOM   291  N N   . ASP A 1 54  ? -7.658  1.869   4.647   1.00 30.97 ? 102 ASP A N   1 
ATOM   292  C CA  . ASP A 1 54  ? -8.375  2.897   5.378   1.00 30.89 ? 102 ASP A CA  1 
ATOM   293  C C   . ASP A 1 54  ? -8.222  2.625   6.874   1.00 30.06 ? 102 ASP A C   1 
ATOM   294  O O   . ASP A 1 54  ? -7.913  3.549   7.655   1.00 33.99 ? 102 ASP A O   1 
ATOM   295  C CB  . ASP A 1 54  ? -9.832  2.979   4.878   1.00 35.02 ? 102 ASP A CB  1 
ATOM   296  C CG  . ASP A 1 54  ? -10.033 3.546   3.463   1.00 36.79 ? 102 ASP A CG  1 
ATOM   297  O OD1 . ASP A 1 54  ? -9.244  4.414   3.023   1.00 36.61 ? 102 ASP A OD1 1 
ATOM   298  O OD2 . ASP A 1 54  ? -10.970 3.106   2.788   1.00 35.60 ? 102 ASP A OD2 1 
ATOM   299  N N   . ASP A 1 55  ? -8.376  1.350   7.270   1.00 31.25 ? 103 ASP A N   1 
ATOM   300  C CA  . ASP A 1 55  ? -8.221  0.946   8.674   1.00 31.68 ? 103 ASP A CA  1 
ATOM   301  C C   . ASP A 1 55  ? -6.839  1.308   9.178   1.00 33.37 ? 103 ASP A C   1 
ATOM   302  O O   . ASP A 1 55  ? -6.682  1.821   10.281  1.00 32.23 ? 103 ASP A O   1 
ATOM   303  C CB  . ASP A 1 55  ? -8.442  -0.553  8.898   1.00 34.14 ? 103 ASP A CB  1 
ATOM   304  C CG  . ASP A 1 55  ? -9.893  -0.963  8.733   1.00 38.76 ? 103 ASP A CG  1 
ATOM   305  O OD1 . ASP A 1 55  ? -10.743 -0.064  8.839   1.00 37.25 ? 103 ASP A OD1 1 
ATOM   306  O OD2 . ASP A 1 55  ? -10.162 -2.148  8.443   1.00 36.70 ? 103 ASP A OD2 1 
ATOM   307  N N   . PHE A 1 56  ? -5.831  0.981   8.356   1.00 31.30 ? 104 PHE A N   1 
ATOM   308  C CA  . PHE A 1 56  ? -4.450  1.235   8.700   1.00 32.94 ? 104 PHE A CA  1 
ATOM   309  C C   . PHE A 1 56  ? -4.254  2.746   8.918   1.00 30.07 ? 104 PHE A C   1 
ATOM   310  O O   . PHE A 1 56  ? -3.657  3.181   9.920   1.00 34.86 ? 104 PHE A O   1 
ATOM   311  C CB  . PHE A 1 56  ? -3.515  0.685   7.608   1.00 31.88 ? 104 PHE A CB  1 
ATOM   312  C CG  . PHE A 1 56  ? -2.053  0.769   7.981   1.00 32.33 ? 104 PHE A CG  1 
ATOM   313  C CD1 . PHE A 1 56  ? -1.491  -0.177  8.811   1.00 33.44 ? 104 PHE A CD1 1 
ATOM   314  C CD2 . PHE A 1 56  ? -1.252  1.788   7.520   1.00 38.30 ? 104 PHE A CD2 1 
ATOM   315  C CE1 . PHE A 1 56  ? -0.150  -0.116  9.163   1.00 36.79 ? 104 PHE A CE1 1 
ATOM   316  C CE2 . PHE A 1 56  ? 0.087   1.865   7.882   1.00 39.89 ? 104 PHE A CE2 1 
ATOM   317  C CZ  . PHE A 1 56  ? 0.642   0.893   8.683   1.00 34.14 ? 104 PHE A CZ  1 
ATOM   318  N N   . SER A 1 57  ? -4.790  3.552   8.012   1.00 35.33 ? 105 SER A N   1 
ATOM   319  C CA  . SER A 1 57  ? -4.528  4.994   8.055   1.00 40.93 ? 105 SER A CA  1 
ATOM   320  C C   . SER A 1 57  ? -5.152  5.640   9.313   1.00 39.21 ? 105 SER A C   1 
ATOM   321  O O   . SER A 1 57  ? -4.591  6.591   9.833   1.00 40.72 ? 105 SER A O   1 
ATOM   322  C CB  . SER A 1 57  ? -4.971  5.694   6.792   1.00 43.68 ? 105 SER A CB  1 
ATOM   323  O OG  . SER A 1 57  ? -6.301  6.155   6.912   1.00 53.88 ? 105 SER A OG  1 
ATOM   324  N N   . LEU A 1 58  ? -6.297  5.128   9.774   1.00 43.59 ? 106 LEU A N   1 
ATOM   325  C CA  . LEU A 1 58  ? -6.954  5.542   11.057  1.00 38.89 ? 106 LEU A CA  1 
ATOM   326  C C   . LEU A 1 58  ? -6.120  5.119   12.263  1.00 42.93 ? 106 LEU A C   1 
ATOM   327  O O   . LEU A 1 58  ? -5.821  5.953   13.131  1.00 38.99 ? 106 LEU A O   1 
ATOM   328  C CB  . LEU A 1 58  ? -8.334  4.887   11.182  1.00 43.73 ? 106 LEU A CB  1 
ATOM   329  C CG  . LEU A 1 58  ? -9.531  5.666   10.642  1.00 55.82 ? 106 LEU A CG  1 
ATOM   330  C CD1 . LEU A 1 58  ? -9.558  5.679   9.117   1.00 65.00 ? 106 LEU A CD1 1 
ATOM   331  C CD2 . LEU A 1 58  ? -10.833 5.074   11.179  1.00 55.31 ? 106 LEU A CD2 1 
ATOM   332  N N   . ARG A 1 59  ? -5.815  3.812   12.352  1.00 37.54 ? 107 ARG A N   1 
ATOM   333  C CA  . ARG A 1 59  ? -5.098  3.253   13.521  1.00 37.31 ? 107 ARG A CA  1 
ATOM   334  C C   . ARG A 1 59  ? -3.711  3.902   13.615  1.00 39.36 ? 107 ARG A C   1 
ATOM   335  O O   . ARG A 1 59  ? -3.251  4.141   14.747  1.00 36.01 ? 107 ARG A O   1 
ATOM   336  C CB  . ARG A 1 59  ? -5.038  1.716   13.496  1.00 35.62 ? 107 ARG A CB  1 
ATOM   337  C CG  . ARG A 1 59  ? -4.051  1.086   14.485  1.00 43.48 ? 107 ARG A CG  1 
ATOM   338  C CD  . ARG A 1 59  ? -4.220  1.548   15.948  1.00 51.21 ? 107 ARG A CD  1 
ATOM   339  N NE  . ARG A 1 59  ? -3.264  0.989   16.920  1.00 50.29 ? 107 ARG A NE  1 
ATOM   340  C CZ  . ARG A 1 59  ? -2.142  1.567   17.362  1.00 51.14 ? 107 ARG A CZ  1 
ATOM   341  N NH1 . ARG A 1 59  ? -1.880  2.838   17.119  1.00 51.14 ? 107 ARG A NH1 1 
ATOM   342  N NH2 . ARG A 1 59  ? -1.261  0.857   18.043  1.00 56.30 ? 107 ARG A NH2 1 
ATOM   343  N N   . TYR A 1 60  ? -3.045  4.216   12.471  1.00 31.24 ? 108 TYR A N   1 
ATOM   344  C CA  . TYR A 1 60  ? -1.694  4.776   12.534  1.00 32.37 ? 108 TYR A CA  1 
ATOM   345  C C   . TYR A 1 60  ? -1.698  6.237   12.044  1.00 33.53 ? 108 TYR A C   1 
ATOM   346  O O   . TYR A 1 60  ? -0.770  6.684   11.375  1.00 28.69 ? 108 TYR A O   1 
ATOM   347  C CB  . TYR A 1 60  ? -0.710  3.850   11.806  1.00 33.79 ? 108 TYR A CB  1 
ATOM   348  C CG  . TYR A 1 60  ? -0.605  2.508   12.488  1.00 32.58 ? 108 TYR A CG  1 
ATOM   349  C CD1 . TYR A 1 60  ? 0.223   2.357   13.583  1.00 35.16 ? 108 TYR A CD1 1 
ATOM   350  C CD2 . TYR A 1 60  ? -1.389  1.428   12.112  1.00 35.74 ? 108 TYR A CD2 1 
ATOM   351  C CE1 . TYR A 1 60  ? 0.311   1.156   14.266  1.00 36.17 ? 108 TYR A CE1 1 
ATOM   352  C CE2 . TYR A 1 60  ? -1.297  0.211   12.778  1.00 34.92 ? 108 TYR A CE2 1 
ATOM   353  C CZ  . TYR A 1 60  ? -0.452  0.077   13.863  1.00 36.89 ? 108 TYR A CZ  1 
ATOM   354  O OH  . TYR A 1 60  ? -0.303  -1.092  14.569  1.00 41.00 ? 108 TYR A OH  1 
ATOM   355  N N   . ARG A 1 61  ? -2.705  6.998   12.487  1.00 43.79 ? 109 ARG A N   1 
ATOM   356  C CA  . ARG A 1 61  ? -2.936  8.364   11.985  1.00 46.32 ? 109 ARG A CA  1 
ATOM   357  C C   . ARG A 1 61  ? -1.729  9.264   12.298  1.00 41.93 ? 109 ARG A C   1 
ATOM   358  O O   . ARG A 1 61  ? -1.385  10.089  11.458  1.00 41.60 ? 109 ARG A O   1 
ATOM   359  C CB  . ARG A 1 61  ? -4.278  8.931   12.485  1.00 52.43 ? 109 ARG A CB  1 
ATOM   360  C CG  . ARG A 1 61  ? -4.464  8.977   13.995  1.00 63.69 ? 109 ARG A CG  1 
ATOM   361  C CD  . ARG A 1 61  ? -5.886  9.381   14.373  1.00 72.95 ? 109 ARG A CD  1 
ATOM   362  N NE  . ARG A 1 61  ? -6.158  10.772  14.008  1.00 86.49 ? 109 ARG A NE  1 
ATOM   363  C CZ  . ARG A 1 61  ? -7.345  11.382  14.080  1.00 93.82 ? 109 ARG A CZ  1 
ATOM   364  N NH1 . ARG A 1 61  ? -7.433  12.675  13.807  1.00 87.93 ? 109 ARG A NH1 1 
ATOM   365  N NH2 . ARG A 1 61  ? -8.434  10.707  14.414  1.00 93.32 ? 109 ARG A NH2 1 
ATOM   366  N N   . ARG A 1 62  ? -1.075  9.094   13.454  1.00 39.82 ? 110 ARG A N   1 
ATOM   367  C CA  . ARG A 1 62  ? 0.102   9.922   13.809  1.00 41.65 ? 110 ARG A CA  1 
ATOM   368  C C   . ARG A 1 62  ? 1.219   9.681   12.794  1.00 42.21 ? 110 ARG A C   1 
ATOM   369  O O   . ARG A 1 62  ? 1.810   10.607  12.293  1.00 37.46 ? 110 ARG A O   1 
ATOM   370  C CB  . ARG A 1 62  ? 0.656   9.634   15.208  1.00 39.92 ? 110 ARG A CB  1 
ATOM   371  N N   . ASP A 1 63  ? 1.489   8.409   12.486  1.00 38.09 ? 111 ASP A N   1 
ATOM   372  C CA  . ASP A 1 63  ? 2.507   8.058   11.541  1.00 35.46 ? 111 ASP A CA  1 
ATOM   373  C C   . ASP A 1 63  ? 2.140   8.633   10.161  1.00 33.95 ? 111 ASP A C   1 
ATOM   374  O O   . ASP A 1 63  ? 3.027   9.088   9.455   1.00 37.47 ? 111 ASP A O   1 
ATOM   375  C CB  . ASP A 1 63  ? 2.696   6.532   11.414  1.00 38.36 ? 111 ASP A CB  1 
ATOM   376  C CG  . ASP A 1 63  ? 3.335   5.837   12.599  1.00 44.99 ? 111 ASP A CG  1 
ATOM   377  O OD1 . ASP A 1 63  ? 3.995   6.522   13.397  1.00 43.31 ? 111 ASP A OD1 1 
ATOM   378  O OD2 . ASP A 1 63  ? 3.181   4.598   12.702  1.00 40.43 ? 111 ASP A OD2 1 
ATOM   379  N N   . PHE A 1 64  ? 0.874   8.552   9.762   1.00 31.65 ? 112 PHE A N   1 
ATOM   380  C CA  . PHE A 1 64  ? 0.384   9.142   8.459   1.00 37.63 ? 112 PHE A CA  1 
ATOM   381  C C   . PHE A 1 64  ? 0.669   10.653  8.420   1.00 44.88 ? 112 PHE A C   1 
ATOM   382  O O   . PHE A 1 64  ? 1.156   11.188  7.438   1.00 38.31 ? 112 PHE A O   1 
ATOM   383  C CB  . PHE A 1 64  ? -1.120  8.904   8.347   1.00 42.83 ? 112 PHE A CB  1 
ATOM   384  C CG  . PHE A 1 64  ? -1.746  8.755   6.984   1.00 55.45 ? 112 PHE A CG  1 
ATOM   385  C CD1 . PHE A 1 64  ? -1.693  7.542   6.316   1.00 58.75 ? 112 PHE A CD1 1 
ATOM   386  C CD2 . PHE A 1 64  ? -2.515  9.776   6.426   1.00 61.57 ? 112 PHE A CD2 1 
ATOM   387  C CE1 . PHE A 1 64  ? -2.327  7.374   5.094   1.00 63.59 ? 112 PHE A CE1 1 
ATOM   388  C CE2 . PHE A 1 64  ? -3.136  9.615   5.193   1.00 66.07 ? 112 PHE A CE2 1 
ATOM   389  C CZ  . PHE A 1 64  ? -3.052  8.407   4.535   1.00 64.68 ? 112 PHE A CZ  1 
ATOM   390  N N   . ALA A 1 65  ? 0.351   11.319  9.532   1.00 41.29 ? 113 ALA A N   1 
ATOM   391  C CA  . ALA A 1 65  ? 0.488   12.758  9.674   1.00 46.73 ? 113 ALA A CA  1 
ATOM   392  C C   . ALA A 1 65  ? 1.969   13.135  9.761   1.00 46.81 ? 113 ALA A C   1 
ATOM   393  O O   . ALA A 1 65  ? 2.379   14.079  9.098   1.00 43.68 ? 113 ALA A O   1 
ATOM   394  C CB  . ALA A 1 65  ? -0.288  13.253  10.878  1.00 48.52 ? 113 ALA A CB  1 
ATOM   395  N N   . GLU A 1 66  ? 2.759   12.402  10.556  1.00 46.99 ? 114 GLU A N   1 
ATOM   396  C CA  . GLU A 1 66  ? 4.210   12.605  10.626  1.00 45.00 ? 114 GLU A CA  1 
ATOM   397  C C   . GLU A 1 66  ? 4.828   12.464  9.237   1.00 44.31 ? 114 GLU A C   1 
ATOM   398  O O   . GLU A 1 66  ? 5.653   13.252  8.825   1.00 43.97 ? 114 GLU A O   1 
ATOM   399  C CB  . GLU A 1 66  ? 4.893   11.592  11.533  1.00 50.50 ? 114 GLU A CB  1 
ATOM   400  C CG  . GLU A 1 66  ? 4.739   11.897  13.006  1.00 62.45 ? 114 GLU A CG  1 
ATOM   401  C CD  . GLU A 1 66  ? 6.054   11.808  13.756  1.00 69.81 ? 114 GLU A CD  1 
ATOM   402  O OE1 . GLU A 1 66  ? 6.088   11.145  14.812  1.00 79.17 ? 114 GLU A OE1 1 
ATOM   403  O OE2 . GLU A 1 66  ? 7.042   12.399  13.268  1.00 77.38 ? 114 GLU A OE2 1 
ATOM   404  N N   . MET A 1 67  ? 4.435   11.422  8.517   1.00 39.60 ? 115 MET A N   1 
ATOM   405  C CA  . MET A 1 67  ? 4.966   11.211  7.218   1.00 42.36 ? 115 MET A CA  1 
ATOM   406  C C   . MET A 1 67  ? 4.710   12.441  6.356   1.00 40.91 ? 115 MET A C   1 
ATOM   407  O O   . MET A 1 67  ? 5.599   12.890  5.642   1.00 45.06 ? 115 MET A O   1 
ATOM   408  C CB  . MET A 1 67  ? 4.307   10.008  6.550   1.00 44.88 ? 115 MET A CB  1 
ATOM   409  C CG  . MET A 1 67  ? 4.790   9.778   5.142   1.00 56.63 ? 115 MET A CG  1 
ATOM   410  S SD  . MET A 1 67  ? 3.922   8.373   4.426   1.00 65.59 ? 115 MET A SD  1 
ATOM   411  C CE  . MET A 1 67  ? 3.367   9.152   2.914   1.00 68.62 ? 115 MET A CE  1 
ATOM   412  N N   . SER A 1 68  ? 3.483   12.961  6.406   1.00 44.35 ? 116 SER A N   1 
ATOM   413  C CA  . SER A 1 68  ? 3.124   14.126  5.595   1.00 49.34 ? 116 SER A CA  1 
ATOM   414  C C   . SER A 1 68  ? 3.945   15.345  6.020   1.00 42.94 ? 116 SER A C   1 
ATOM   415  O O   . SER A 1 68  ? 4.472   16.029  5.188   1.00 46.56 ? 116 SER A O   1 
ATOM   416  C CB  . SER A 1 68  ? 1.654   14.398  5.663   1.00 44.96 ? 116 SER A CB  1 
ATOM   417  O OG  . SER A 1 68  ? 0.998   13.798  4.554   1.00 58.08 ? 116 SER A OG  1 
ATOM   418  N N   . SER A 1 69  ? 4.078   15.559  7.334   1.00 41.33 ? 117 SER A N   1 
ATOM   419  C CA  . SER A 1 69  ? 4.819   16.675  7.887   1.00 40.84 ? 117 SER A CA  1 
ATOM   420  C C   . SER A 1 69  ? 6.313   16.626  7.530   1.00 47.72 ? 117 SER A C   1 
ATOM   421  O O   . SER A 1 69  ? 6.969   17.675  7.616   1.00 47.19 ? 117 SER A O   1 
ATOM   422  C CB  . SER A 1 69  ? 4.655   16.744  9.387   1.00 39.92 ? 117 SER A CB  1 
ATOM   423  O OG  . SER A 1 69  ? 3.290   16.803  9.759   1.00 42.21 ? 117 SER A OG  1 
ATOM   424  N N   . GLN A 1 70  ? 6.855   15.432  7.198   1.00 45.60 ? 118 GLN A N   1 
ATOM   425  C CA  . GLN A 1 70  ? 8.303   15.225  7.027   1.00 43.23 ? 118 GLN A CA  1 
ATOM   426  C C   . GLN A 1 70  ? 8.669   14.744  5.613   1.00 39.95 ? 118 GLN A C   1 
ATOM   427  O O   . GLN A 1 70  ? 9.837   14.681  5.304   1.00 39.66 ? 118 GLN A O   1 
ATOM   428  C CB  . GLN A 1 70  ? 8.827   14.189  8.027   1.00 48.50 ? 118 GLN A CB  1 
ATOM   429  C CG  . GLN A 1 70  ? 8.527   14.531  9.476   1.00 58.15 ? 118 GLN A CG  1 
ATOM   430  C CD  . GLN A 1 70  ? 9.272   15.768  9.897   1.00 67.31 ? 118 GLN A CD  1 
ATOM   431  O OE1 . GLN A 1 70  ? 10.498  15.772  9.960   1.00 72.46 ? 118 GLN A OE1 1 
ATOM   432  N NE2 . GLN A 1 70  ? 8.532   16.834  10.171  1.00 70.26 ? 118 GLN A NE2 1 
ATOM   433  N N   . LEU A 1 71  ? 7.697   14.342  4.786   1.00 40.87 ? 119 LEU A N   1 
ATOM   434  C CA  . LEU A 1 71  ? 8.010   13.949  3.401   1.00 35.57 ? 119 LEU A CA  1 
ATOM   435  C C   . LEU A 1 71  ? 8.472   15.182  2.603   1.00 44.00 ? 119 LEU A C   1 
ATOM   436  O O   . LEU A 1 71  ? 7.736   16.194  2.497   1.00 41.84 ? 119 LEU A O   1 
ATOM   437  C CB  . LEU A 1 71  ? 6.761   13.368  2.752   1.00 39.92 ? 119 LEU A CB  1 
ATOM   438  C CG  . LEU A 1 71  ? 6.908   13.009  1.278   1.00 40.99 ? 119 LEU A CG  1 
ATOM   439  C CD1 . LEU A 1 71  ? 7.883   11.859  1.079   1.00 44.66 ? 119 LEU A CD1 1 
ATOM   440  C CD2 . LEU A 1 71  ? 5.541   12.678  0.707   1.00 46.86 ? 119 LEU A CD2 1 
ATOM   441  N N   . HIS A 1 72  ? 9.678   15.108  2.039   1.00 38.09 ? 120 HIS A N   1 
ATOM   442  C CA  . HIS A 1 72  ? 10.186  16.124  1.143   1.00 36.74 ? 120 HIS A CA  1 
ATOM   443  C C   . HIS A 1 72  ? 10.370  15.450  -0.213  1.00 36.90 ? 120 HIS A C   1 
ATOM   444  O O   . HIS A 1 72  ? 11.217  14.606  -0.359  1.00 40.54 ? 120 HIS A O   1 
ATOM   445  C CB  . HIS A 1 72  ? 11.441  16.774  1.737   1.00 38.54 ? 120 HIS A CB  1 
ATOM   446  C CG  . HIS A 1 72  ? 11.168  17.332  3.099   1.00 38.69 ? 120 HIS A CG  1 
ATOM   447  N ND1 . HIS A 1 72  ? 10.183  18.283  3.289   1.00 40.24 ? 120 HIS A ND1 1 
ATOM   448  C CD2 . HIS A 1 72  ? 11.682  17.059  4.326   1.00 41.07 ? 120 HIS A CD2 1 
ATOM   449  C CE1 . HIS A 1 72  ? 10.111  18.591  4.586   1.00 44.38 ? 120 HIS A CE1 1 
ATOM   450  N NE2 . HIS A 1 72  ? 11.016  17.849  5.258   1.00 39.48 ? 120 HIS A NE2 1 
ATOM   451  N N   . LEU A 1 73  ? 9.495   15.803  -1.148  1.00 37.20 ? 121 LEU A N   1 
ATOM   452  C CA  . LEU A 1 73  ? 9.298   15.083  -2.360  1.00 39.30 ? 121 LEU A CA  1 
ATOM   453  C C   . LEU A 1 73  ? 9.665   15.982  -3.539  1.00 38.27 ? 121 LEU A C   1 
ATOM   454  O O   . LEU A 1 73  ? 9.093   17.052  -3.699  1.00 39.59 ? 121 LEU A O   1 
ATOM   455  C CB  . LEU A 1 73  ? 7.826   14.665  -2.399  1.00 40.47 ? 121 LEU A CB  1 
ATOM   456  C CG  . LEU A 1 73  ? 7.391   13.939  -3.667  1.00 44.21 ? 121 LEU A CG  1 
ATOM   457  C CD1 . LEU A 1 73  ? 7.957   12.523  -3.717  1.00 44.61 ? 121 LEU A CD1 1 
ATOM   458  C CD2 . LEU A 1 73  ? 5.875   13.909  -3.764  1.00 44.55 ? 121 LEU A CD2 1 
ATOM   459  N N   . THR A 1 74  ? 10.601  15.517  -4.379  1.00 36.12 ? 122 THR A N   1 
ATOM   460  C CA  . THR A 1 74  ? 10.846  16.056  -5.707  1.00 34.44 ? 122 THR A CA  1 
ATOM   461  C C   . THR A 1 74  ? 11.001  14.879  -6.656  1.00 41.54 ? 122 THR A C   1 
ATOM   462  O O   . THR A 1 74  ? 11.267  13.763  -6.194  1.00 33.84 ? 122 THR A O   1 
ATOM   463  C CB  . THR A 1 74  ? 12.119  16.914  -5.826  1.00 41.40 ? 122 THR A CB  1 
ATOM   464  O OG1 . THR A 1 74  ? 13.266  16.056  -5.817  1.00 41.56 ? 122 THR A OG1 1 
ATOM   465  C CG2 . THR A 1 74  ? 12.258  17.966  -4.747  1.00 42.18 ? 122 THR A CG2 1 
ATOM   466  N N   . PRO A 1 75  ? 10.893  15.074  -7.993  1.00 38.85 ? 123 PRO A N   1 
ATOM   467  C CA  . PRO A 1 75  ? 11.055  13.953  -8.916  1.00 39.58 ? 123 PRO A CA  1 
ATOM   468  C C   . PRO A 1 75  ? 12.440  13.297  -8.812  1.00 38.81 ? 123 PRO A C   1 
ATOM   469  O O   . PRO A 1 75  ? 12.598  12.123  -9.157  1.00 39.11 ? 123 PRO A O   1 
ATOM   470  C CB  . PRO A 1 75  ? 10.865  14.586  -10.304 1.00 39.52 ? 123 PRO A CB  1 
ATOM   471  C CG  . PRO A 1 75  ? 9.979   15.788  -10.030 1.00 41.17 ? 123 PRO A CG  1 
ATOM   472  C CD  . PRO A 1 75  ? 10.487  16.315  -8.689  1.00 42.56 ? 123 PRO A CD  1 
ATOM   473  N N   . GLY A 1 76  ? 13.431  14.107  -8.414  1.00 36.55 ? 124 GLY A N   1 
ATOM   474  C CA  . GLY A 1 76  ? 14.805  13.706  -8.348  1.00 39.15 ? 124 GLY A CA  1 
ATOM   475  C C   . GLY A 1 76  ? 15.103  12.902  -7.101  1.00 33.25 ? 124 GLY A C   1 
ATOM   476  O O   . GLY A 1 76  ? 16.103  12.247  -7.049  1.00 35.50 ? 124 GLY A O   1 
ATOM   477  N N   . THR A 1 77  ? 14.236  12.963  -6.089  1.00 31.06 ? 125 THR A N   1 
ATOM   478  C CA  . THR A 1 77  ? 14.464  12.261  -4.815  1.00 35.40 ? 125 THR A CA  1 
ATOM   479  C C   . THR A 1 77  ? 13.365  11.230  -4.554  1.00 29.97 ? 125 THR A C   1 
ATOM   480  O O   . THR A 1 77  ? 13.405  10.514  -3.592  1.00 29.55 ? 125 THR A O   1 
ATOM   481  C CB  . THR A 1 77  ? 14.550  13.250  -3.646  1.00 34.17 ? 125 THR A CB  1 
ATOM   482  O OG1 . THR A 1 77  ? 13.265  13.837  -3.381  1.00 37.05 ? 125 THR A OG1 1 
ATOM   483  C CG2 . THR A 1 77  ? 15.619  14.290  -3.911  1.00 38.56 ? 125 THR A CG2 1 
ATOM   484  N N   . ALA A 1 78  ? 12.381  11.183  -5.444  1.00 28.74 ? 126 ALA A N   1 
ATOM   485  C CA  . ALA A 1 78  ? 11.189  10.410  -5.251  1.00 27.25 ? 126 ALA A CA  1 
ATOM   486  C C   . ALA A 1 78  ? 11.526  8.917   -5.151  1.00 26.60 ? 126 ALA A C   1 
ATOM   487  O O   . ALA A 1 78  ? 10.986  8.227   -4.313  1.00 25.54 ? 126 ALA A O   1 
ATOM   488  C CB  . ALA A 1 78  ? 10.238  10.667  -6.383  1.00 29.65 ? 126 ALA A CB  1 
ATOM   489  N N   . TYR A 1 79  ? 12.415  8.430   -6.020  1.00 25.34 ? 127 TYR A N   1 
ATOM   490  C CA  . TYR A 1 79  ? 12.735  7.006   -5.994  1.00 27.01 ? 127 TYR A CA  1 
ATOM   491  C C   . TYR A 1 79  ? 13.455  6.677   -4.686  1.00 24.25 ? 127 TYR A C   1 
ATOM   492  O O   . TYR A 1 79  ? 13.082  5.720   -4.039  1.00 22.72 ? 127 TYR A O   1 
ATOM   493  C CB  . TYR A 1 79  ? 13.538  6.546   -7.213  1.00 26.19 ? 127 TYR A CB  1 
ATOM   494  C CG  . TYR A 1 79  ? 13.817  5.069   -7.134  1.00 26.72 ? 127 TYR A CG  1 
ATOM   495  C CD1 . TYR A 1 79  ? 12.758  4.175   -7.192  1.00 24.98 ? 127 TYR A CD1 1 
ATOM   496  C CD2 . TYR A 1 79  ? 15.088  4.563   -6.929  1.00 24.53 ? 127 TYR A CD2 1 
ATOM   497  C CE1 . TYR A 1 79  ? 12.950  2.812   -7.066  1.00 25.27 ? 127 TYR A CE1 1 
ATOM   498  C CE2 . TYR A 1 79  ? 15.297  3.205   -6.756  1.00 25.31 ? 127 TYR A CE2 1 
ATOM   499  C CZ  . TYR A 1 79  ? 14.224  2.328   -6.866  1.00 27.70 ? 127 TYR A CZ  1 
ATOM   500  O OH  . TYR A 1 79  ? 14.342  0.999   -6.676  1.00 25.29 ? 127 TYR A OH  1 
ATOM   501  N N   . ALA A 1 80  ? 14.487  7.458   -4.332  1.00 25.50 ? 128 ALA A N   1 
ATOM   502  C CA  . ALA A 1 80  ? 15.191  7.253   -3.047  1.00 27.26 ? 128 ALA A CA  1 
ATOM   503  C C   . ALA A 1 80  ? 14.192  7.183   -1.886  1.00 25.57 ? 128 ALA A C   1 
ATOM   504  O O   . ALA A 1 80  ? 14.298  6.282   -1.057  1.00 27.20 ? 128 ALA A O   1 
ATOM   505  C CB  . ALA A 1 80  ? 16.241  8.325   -2.828  1.00 27.71 ? 128 ALA A CB  1 
ATOM   506  N N   . SER A 1 81  ? 13.227  8.100   -1.831  1.00 27.64 ? 129 SER A N   1 
ATOM   507  C CA  . SER A 1 81  ? 12.239  8.150   -0.741  1.00 30.23 ? 129 SER A CA  1 
ATOM   508  C C   . SER A 1 81  ? 11.396  6.883   -0.759  1.00 29.47 ? 129 SER A C   1 
ATOM   509  O O   . SER A 1 81  ? 11.288  6.206   0.265   1.00 30.21 ? 129 SER A O   1 
ATOM   510  C CB  . SER A 1 81  ? 11.334  9.364   -0.837  1.00 35.40 ? 129 SER A CB  1 
ATOM   511  O OG  . SER A 1 81  ? 12.046  10.573  -0.684  1.00 34.90 ? 129 SER A OG  1 
ATOM   512  N N   . PHE A 1 82  ? 10.894  6.515   -1.952  1.00 27.36 ? 130 PHE A N   1 
ATOM   513  C CA  . PHE A 1 82  ? 10.087  5.313   -2.093  1.00 25.23 ? 130 PHE A CA  1 
ATOM   514  C C   . PHE A 1 82  ? 10.858  4.086   -1.617  1.00 24.32 ? 130 PHE A C   1 
ATOM   515  O O   . PHE A 1 82  ? 10.378  3.330   -0.735  1.00 27.41 ? 130 PHE A O   1 
ATOM   516  C CB  . PHE A 1 82  ? 9.604   5.127   -3.538  1.00 26.17 ? 130 PHE A CB  1 
ATOM   517  C CG  . PHE A 1 82  ? 8.830   3.849   -3.725  1.00 26.16 ? 130 PHE A CG  1 
ATOM   518  C CD1 . PHE A 1 82  ? 7.474   3.808   -3.450  1.00 26.89 ? 130 PHE A CD1 1 
ATOM   519  C CD2 . PHE A 1 82  ? 9.470   2.684   -4.125  1.00 25.68 ? 130 PHE A CD2 1 
ATOM   520  C CE1 . PHE A 1 82  ? 6.767   2.636   -3.632  1.00 24.77 ? 130 PHE A CE1 1 
ATOM   521  C CE2 . PHE A 1 82  ? 8.762   1.501   -4.253  1.00 25.97 ? 130 PHE A CE2 1 
ATOM   522  C CZ  . PHE A 1 82  ? 7.418   1.481   -4.005  1.00 23.43 ? 130 PHE A CZ  1 
ATOM   523  N N   . ALA A 1 83  ? 12.056  3.874   -2.174  1.00 22.13 ? 131 ALA A N   1 
ATOM   524  C CA  . ALA A 1 83  ? 12.886  2.696   -1.912  1.00 23.63 ? 131 ALA A CA  1 
ATOM   525  C C   . ALA A 1 83  ? 13.376  2.619   -0.450  1.00 24.99 ? 131 ALA A C   1 
ATOM   526  O O   . ALA A 1 83  ? 13.471  1.538   0.103   1.00 24.85 ? 131 ALA A O   1 
ATOM   527  C CB  . ALA A 1 83  ? 14.059  2.677   -2.819  1.00 24.72 ? 131 ALA A CB  1 
ATOM   528  N N   . THR A 1 84  ? 13.690  3.759   0.145   1.00 27.06 ? 132 THR A N   1 
ATOM   529  C CA  . THR A 1 84  ? 14.144  3.789   1.569   1.00 29.27 ? 132 THR A CA  1 
ATOM   530  C C   . THR A 1 84  ? 13.034  3.334   2.517   1.00 26.84 ? 132 THR A C   1 
ATOM   531  O O   . THR A 1 84  ? 13.255  2.448   3.344   1.00 27.73 ? 132 THR A O   1 
ATOM   532  C CB  . THR A 1 84  ? 14.615  5.180   1.977   1.00 32.90 ? 132 THR A CB  1 
ATOM   533  O OG1 . THR A 1 84  ? 15.789  5.480   1.227   1.00 31.07 ? 132 THR A OG1 1 
ATOM   534  C CG2 . THR A 1 84  ? 14.949  5.271   3.451   1.00 34.97 ? 132 THR A CG2 1 
ATOM   535  N N   . VAL A 1 85  ? 11.811  3.840   2.328   1.00 26.68 ? 133 VAL A N   1 
ATOM   536  C CA  . VAL A 1 85  ? 10.700  3.481   3.228   1.00 27.33 ? 133 VAL A CA  1 
ATOM   537  C C   . VAL A 1 85  ? 10.354  2.010   3.059   1.00 26.70 ? 133 VAL A C   1 
ATOM   538  O O   . VAL A 1 85  ? 10.156  1.295   4.039   1.00 26.68 ? 133 VAL A O   1 
ATOM   539  C CB  . VAL A 1 85  ? 9.488   4.420   3.039   1.00 30.03 ? 133 VAL A CB  1 
ATOM   540  C CG1 . VAL A 1 85  ? 8.214   3.920   3.742   1.00 27.51 ? 133 VAL A CG1 1 
ATOM   541  C CG2 . VAL A 1 85  ? 9.848   5.828   3.532   1.00 30.68 ? 133 VAL A CG2 1 
ATOM   542  N N   . VAL A 1 86  ? 10.272  1.548   1.800   1.00 24.83 ? 134 VAL A N   1 
ATOM   543  C CA  . VAL A 1 86  ? 9.907   0.196   1.529   1.00 24.58 ? 134 VAL A CA  1 
ATOM   544  C C   . VAL A 1 86  ? 10.949  -0.771  2.114   1.00 26.40 ? 134 VAL A C   1 
ATOM   545  O O   . VAL A 1 86  ? 10.596  -1.813  2.679   1.00 24.32 ? 134 VAL A O   1 
ATOM   546  C CB  . VAL A 1 86  ? 9.666   -0.039  0.021   1.00 26.78 ? 134 VAL A CB  1 
ATOM   547  C CG1 . VAL A 1 86  ? 9.454   -1.545  -0.287  1.00 27.62 ? 134 VAL A CG1 1 
ATOM   548  C CG2 . VAL A 1 86  ? 8.497   0.809   -0.429  1.00 26.11 ? 134 VAL A CG2 1 
ATOM   549  N N   . GLU A 1 87  ? 12.236  -0.444  1.973   1.00 29.82 ? 135 GLU A N   1 
ATOM   550  C CA  . GLU A 1 87  ? 13.300  -1.268  2.529   1.00 31.24 ? 135 GLU A CA  1 
ATOM   551  C C   . GLU A 1 87  ? 13.173  -1.404  4.062   1.00 29.56 ? 135 GLU A C   1 
ATOM   552  O O   . GLU A 1 87  ? 13.254  -2.521  4.576   1.00 32.14 ? 135 GLU A O   1 
ATOM   553  C CB  . GLU A 1 87  ? 14.673  -0.721  2.163   1.00 37.00 ? 135 GLU A CB  1 
ATOM   554  C CG  . GLU A 1 87  ? 15.777  -1.713  2.479   1.00 45.41 ? 135 GLU A CG  1 
ATOM   555  C CD  . GLU A 1 87  ? 16.228  -1.738  3.933   1.00 49.86 ? 135 GLU A CD  1 
ATOM   556  O OE1 . GLU A 1 87  ? 16.158  -0.676  4.600   1.00 53.40 ? 135 GLU A OE1 1 
ATOM   557  O OE2 . GLU A 1 87  ? 16.655  -2.826  4.404   1.00 57.15 ? 135 GLU A OE2 1 
ATOM   558  N N   . GLU A 1 88  ? 12.902  -0.307  4.769   1.00 31.56 ? 136 GLU A N   1 
ATOM   559  C CA  . GLU A 1 88  ? 12.664  -0.335  6.259   1.00 34.47 ? 136 GLU A CA  1 
ATOM   560  C C   . GLU A 1 88  ? 11.395  -1.093  6.603   1.00 32.40 ? 136 GLU A C   1 
ATOM   561  O O   . GLU A 1 88  ? 11.388  -1.863  7.534   1.00 29.52 ? 136 GLU A O   1 
ATOM   562  C CB  . GLU A 1 88  ? 12.554  1.065   6.856   1.00 36.03 ? 136 GLU A CB  1 
ATOM   563  C CG  . GLU A 1 88  ? 13.784  1.880   6.545   1.00 44.21 ? 136 GLU A CG  1 
ATOM   564  C CD  . GLU A 1 88  ? 13.680  3.388   6.655   1.00 53.12 ? 136 GLU A CD  1 
ATOM   565  O OE1 . GLU A 1 88  ? 12.541  3.936   6.702   1.00 58.64 ? 136 GLU A OE1 1 
ATOM   566  O OE2 . GLU A 1 88  ? 14.771  4.011   6.677   1.00 68.74 ? 136 GLU A OE2 1 
ATOM   567  N N   . LEU A 1 89  ? 10.326  -0.922  5.803   1.00 31.12 ? 137 LEU A N   1 
ATOM   568  C CA  . LEU A 1 89  ? 9.103   -1.622  6.048   1.00 31.14 ? 137 LEU A CA  1 
ATOM   569  C C   . LEU A 1 89  ? 9.311   -3.139  6.079   1.00 27.12 ? 137 LEU A C   1 
ATOM   570  O O   . LEU A 1 89  ? 8.759   -3.791  6.932   1.00 26.83 ? 137 LEU A O   1 
ATOM   571  C CB  . LEU A 1 89  ? 8.078   -1.256  4.964   1.00 30.50 ? 137 LEU A CB  1 
ATOM   572  C CG  . LEU A 1 89  ? 6.710   -1.882  5.097   1.00 28.41 ? 137 LEU A CG  1 
ATOM   573  C CD1 . LEU A 1 89  ? 6.116   -1.645  6.495   1.00 30.59 ? 137 LEU A CD1 1 
ATOM   574  C CD2 . LEU A 1 89  ? 5.771   -1.303  4.040   1.00 26.13 ? 137 LEU A CD2 1 
ATOM   575  N N   . PHE A 1 90  ? 10.039  -3.706  5.109   1.00 24.87 ? 138 PHE A N   1 
ATOM   576  C CA  . PHE A 1 90  ? 10.083  -5.139  4.994   1.00 27.64 ? 138 PHE A CA  1 
ATOM   577  C C   . PHE A 1 90  ? 11.408  -5.713  5.533   1.00 30.91 ? 138 PHE A C   1 
ATOM   578  O O   . PHE A 1 90  ? 11.681  -6.889  5.364   1.00 31.82 ? 138 PHE A O   1 
ATOM   579  C CB  . PHE A 1 90  ? 9.838   -5.554  3.544   1.00 25.79 ? 138 PHE A CB  1 
ATOM   580  C CG  . PHE A 1 90  ? 8.425   -5.285  3.078   1.00 23.32 ? 138 PHE A CG  1 
ATOM   581  C CD1 . PHE A 1 90  ? 7.360   -5.953  3.653   1.00 24.88 ? 138 PHE A CD1 1 
ATOM   582  C CD2 . PHE A 1 90  ? 8.173   -4.364  2.092   1.00 24.25 ? 138 PHE A CD2 1 
ATOM   583  C CE1 . PHE A 1 90  ? 6.064   -5.729  3.204   1.00 23.40 ? 138 PHE A CE1 1 
ATOM   584  C CE2 . PHE A 1 90  ? 6.888   -4.156  1.616   1.00 22.18 ? 138 PHE A CE2 1 
ATOM   585  C CZ  . PHE A 1 90  ? 5.832   -4.802  2.210   1.00 19.98 ? 138 PHE A CZ  1 
ATOM   586  N N   . ARG A 1 91  ? 12.193  -4.905  6.235   1.00 35.13 ? 139 ARG A N   1 
ATOM   587  C CA  . ARG A 1 91  ? 13.526  -5.329  6.720   1.00 42.01 ? 139 ARG A CA  1 
ATOM   588  C C   . ARG A 1 91  ? 13.432  -6.554  7.653   1.00 40.01 ? 139 ARG A C   1 
ATOM   589  O O   . ARG A 1 91  ? 14.264  -7.414  7.600   1.00 44.68 ? 139 ARG A O   1 
ATOM   590  C CB  . ARG A 1 91  ? 14.206  -4.152  7.428   1.00 44.04 ? 139 ARG A CB  1 
ATOM   591  C CG  . ARG A 1 91  ? 15.665  -4.407  7.787   1.00 52.68 ? 139 ARG A CG  1 
ATOM   592  C CD  . ARG A 1 91  ? 16.301  -3.278  8.579   1.00 49.19 ? 139 ARG A CD  1 
ATOM   593  N NE  . ARG A 1 91  ? 16.758  -2.217  7.692   1.00 54.94 ? 139 ARG A NE  1 
ATOM   594  C CZ  . ARG A 1 91  ? 16.740  -0.915  7.977   1.00 62.46 ? 139 ARG A CZ  1 
ATOM   595  N NH1 . ARG A 1 91  ? 16.375  -0.499  9.179   1.00 59.54 ? 139 ARG A NH1 1 
ATOM   596  N NH2 . ARG A 1 91  ? 17.065  -0.035  7.041   1.00 62.24 ? 139 ARG A NH2 1 
ATOM   597  N N   . ASP A 1 92  ? 12.416  -6.638  8.495   1.00 43.61 ? 140 ASP A N   1 
ATOM   598  C CA  . ASP A 1 92  ? 12.326  -7.735  9.434   1.00 47.71 ? 140 ASP A CA  1 
ATOM   599  C C   . ASP A 1 92  ? 11.384  -8.828  8.905   1.00 46.84 ? 140 ASP A C   1 
ATOM   600  O O   . ASP A 1 92  ? 11.046  -9.743  9.648   1.00 44.72 ? 140 ASP A O   1 
ATOM   601  C CB  . ASP A 1 92  ? 11.909  -7.231  10.811  1.00 54.34 ? 140 ASP A CB  1 
ATOM   602  C CG  . ASP A 1 92  ? 12.971  -6.435  11.552  1.00 60.69 ? 140 ASP A CG  1 
ATOM   603  O OD1 . ASP A 1 92  ? 14.081  -6.248  11.012  1.00 50.93 ? 140 ASP A OD1 1 
ATOM   604  O OD2 . ASP A 1 92  ? 12.673  -6.011  12.687  1.00 73.11 ? 140 ASP A OD2 1 
ATOM   605  N N   . GLY A 1 93  ? 11.019  -8.775  7.613   1.00 41.13 ? 141 GLY A N   1 
ATOM   606  C CA  . GLY A 1 93  ? 10.205  -9.807  6.969   1.00 38.66 ? 141 GLY A CA  1 
ATOM   607  C C   . GLY A 1 93  ? 8.883   -9.244  6.501   1.00 37.88 ? 141 GLY A C   1 
ATOM   608  O O   . GLY A 1 93  ? 8.571   -8.117  6.764   1.00 32.66 ? 141 GLY A O   1 
ATOM   609  N N   . VAL A 1 94  ? 8.097   -10.088 5.844   1.00 35.08 ? 142 VAL A N   1 
ATOM   610  C CA  . VAL A 1 94  ? 6.828   -9.716  5.284   1.00 33.41 ? 142 VAL A CA  1 
ATOM   611  C C   . VAL A 1 94  ? 5.688   -10.263 6.144   1.00 29.36 ? 142 VAL A C   1 
ATOM   612  O O   . VAL A 1 94  ? 5.802   -11.347 6.709   1.00 30.39 ? 142 VAL A O   1 
ATOM   613  C CB  . VAL A 1 94  ? 6.698   -10.222 3.837   1.00 29.93 ? 142 VAL A CB  1 
ATOM   614  C CG1 . VAL A 1 94  ? 5.414   -9.703  3.226   1.00 29.53 ? 142 VAL A CG1 1 
ATOM   615  C CG2 . VAL A 1 94  ? 7.897   -9.869  2.961   1.00 34.03 ? 142 VAL A CG2 1 
ATOM   616  N N   . ASN A 1 95  ? 4.570   -9.509  6.197   1.00 27.30 ? 143 ASN A N   1 
ATOM   617  C CA  . ASN A 1 95  ? 3.339   -9.979  6.714   1.00 28.54 ? 143 ASN A CA  1 
ATOM   618  C C   . ASN A 1 95  ? 2.217   -9.158  6.064   1.00 25.53 ? 143 ASN A C   1 
ATOM   619  O O   . ASN A 1 95  ? 2.470   -8.164  5.389   1.00 23.15 ? 143 ASN A O   1 
ATOM   620  C CB  . ASN A 1 95  ? 3.331   -9.979  8.242   1.00 30.25 ? 143 ASN A CB  1 
ATOM   621  C CG  . ASN A 1 95  ? 2.934   -8.670  8.895   1.00 32.30 ? 143 ASN A CG  1 
ATOM   622  O OD1 . ASN A 1 95  ? 2.965   -7.603  8.268   1.00 26.23 ? 143 ASN A OD1 1 
ATOM   623  N ND2 . ASN A 1 95  ? 2.493   -8.747  10.159  1.00 37.01 ? 143 ASN A ND2 1 
ATOM   624  N N   . TRP A 1 96  ? 0.988   -9.623  6.198   1.00 24.22 ? 144 TRP A N   1 
ATOM   625  C CA  . TRP A 1 96  ? -0.098  -8.961  5.482   1.00 23.93 ? 144 TRP A CA  1 
ATOM   626  C C   . TRP A 1 96  ? -0.243  -7.483  5.860   1.00 24.25 ? 144 TRP A C   1 
ATOM   627  O O   . TRP A 1 96  ? -0.521  -6.671  5.026   1.00 26.09 ? 144 TRP A O   1 
ATOM   628  C CB  . TRP A 1 96  ? -1.437  -9.667  5.664   1.00 23.13 ? 144 TRP A CB  1 
ATOM   629  C CG  . TRP A 1 96  ? -1.538  -10.942 4.912   1.00 26.38 ? 144 TRP A CG  1 
ATOM   630  C CD1 . TRP A 1 96  ? -1.612  -12.209 5.404   1.00 26.08 ? 144 TRP A CD1 1 
ATOM   631  C CD2 . TRP A 1 96  ? -1.540  -11.039 3.492   1.00 24.41 ? 144 TRP A CD2 1 
ATOM   632  N NE1 . TRP A 1 96  ? -1.716  -13.097 4.360   1.00 27.29 ? 144 TRP A NE1 1 
ATOM   633  C CE2 . TRP A 1 96  ? -1.626  -12.413 3.182   1.00 26.09 ? 144 TRP A CE2 1 
ATOM   634  C CE3 . TRP A 1 96  ? -1.441  -10.091 2.466   1.00 25.33 ? 144 TRP A CE3 1 
ATOM   635  C CZ2 . TRP A 1 96  ? -1.681  -12.869 1.859   1.00 26.50 ? 144 TRP A CZ2 1 
ATOM   636  C CZ3 . TRP A 1 96  ? -1.488  -10.543 1.162   1.00 26.77 ? 144 TRP A CZ3 1 
ATOM   637  C CH2 . TRP A 1 96  ? -1.587  -11.920 0.881   1.00 24.97 ? 144 TRP A CH2 1 
ATOM   638  N N   . GLY A 1 97  ? -0.118  -7.136  7.135   1.00 26.29 ? 145 GLY A N   1 
ATOM   639  C CA  . GLY A 1 97  ? -0.272  -5.738  7.506   1.00 24.35 ? 145 GLY A CA  1 
ATOM   640  C C   . GLY A 1 97  ? 0.797   -4.819  6.925   1.00 22.52 ? 145 GLY A C   1 
ATOM   641  O O   . GLY A 1 97  ? 0.537   -3.688  6.599   1.00 22.66 ? 145 GLY A O   1 
ATOM   642  N N   . ARG A 1 98  ? 2.031   -5.295  6.796   1.00 21.08 ? 146 ARG A N   1 
ATOM   643  C CA  . ARG A 1 98  ? 3.056   -4.525  6.148   1.00 21.31 ? 146 ARG A CA  1 
ATOM   644  C C   . ARG A 1 98  ? 2.730   -4.412  4.649   1.00 20.42 ? 146 ARG A C   1 
ATOM   645  O O   . ARG A 1 98  ? 3.101   -3.409  4.039   1.00 22.91 ? 146 ARG A O   1 
ATOM   646  C CB  . ARG A 1 98  ? 4.447   -5.090  6.392   1.00 23.66 ? 146 ARG A CB  1 
ATOM   647  C CG  . ARG A 1 98  ? 4.917   -5.034  7.846   1.00 27.11 ? 146 ARG A CG  1 
ATOM   648  C CD  . ARG A 1 98  ? 6.191   -5.818  8.032   1.00 30.75 ? 146 ARG A CD  1 
ATOM   649  N NE  . ARG A 1 98  ? 6.787   -5.603  9.346   1.00 40.93 ? 146 ARG A NE  1 
ATOM   650  C CZ  . ARG A 1 98  ? 6.697   -6.462  10.349  1.00 49.62 ? 146 ARG A CZ  1 
ATOM   651  N NH1 . ARG A 1 98  ? 5.881   -7.490  10.220  1.00 47.17 ? 146 ARG A NH1 1 
ATOM   652  N NH2 . ARG A 1 98  ? 7.455   -6.322  11.433  1.00 47.90 ? 146 ARG A NH2 1 
ATOM   653  N N   . ILE A 1 99  ? 2.143   -5.443  4.035   1.00 22.15 ? 147 ILE A N   1 
ATOM   654  C CA  . ILE A 1 99  ? 1.717   -5.279  2.605   1.00 21.24 ? 147 ILE A CA  1 
ATOM   655  C C   . ILE A 1 99  ? 0.680   -4.164  2.493   1.00 25.27 ? 147 ILE A C   1 
ATOM   656  O O   . ILE A 1 99  ? 0.788   -3.285  1.602   1.00 23.81 ? 147 ILE A O   1 
ATOM   657  C CB  . ILE A 1 99  ? 1.257   -6.590  1.979   1.00 21.23 ? 147 ILE A CB  1 
ATOM   658  C CG1 . ILE A 1 99  ? 2.449   -7.548  1.903   1.00 20.71 ? 147 ILE A CG1 1 
ATOM   659  C CG2 . ILE A 1 99  ? 0.660   -6.345  0.604   1.00 23.72 ? 147 ILE A CG2 1 
ATOM   660  C CD1 . ILE A 1 99  ? 2.077   -8.873  1.419   1.00 21.37 ? 147 ILE A CD1 1 
ATOM   661  N N   . VAL A 1 100 ? -0.235  -4.089  3.473   1.00 25.69 ? 148 VAL A N   1 
ATOM   662  C CA  . VAL A 1 100 ? -1.234  -3.007  3.473   1.00 23.03 ? 148 VAL A CA  1 
ATOM   663  C C   . VAL A 1 100 ? -0.532  -1.679  3.652   1.00 21.16 ? 148 VAL A C   1 
ATOM   664  O O   . VAL A 1 100 ? -0.866  -0.696  2.957   1.00 22.21 ? 148 VAL A O   1 
ATOM   665  C CB  . VAL A 1 100 ? -2.333  -3.212  4.540   1.00 22.61 ? 148 VAL A CB  1 
ATOM   666  C CG1 . VAL A 1 100 ? -3.298  -2.013  4.589   1.00 24.03 ? 148 VAL A CG1 1 
ATOM   667  C CG2 . VAL A 1 100 ? -3.049  -4.528  4.295   1.00 25.62 ? 148 VAL A CG2 1 
ATOM   668  N N   . ALA A 1 101 ? 0.441   -1.612  4.569   1.00 20.02 ? 149 ALA A N   1 
ATOM   669  C CA  . ALA A 1 101 ? 1.184   -0.401  4.798   1.00 22.22 ? 149 ALA A CA  1 
ATOM   670  C C   . ALA A 1 101 ? 1.898   0.046   3.510   1.00 24.05 ? 149 ALA A C   1 
ATOM   671  O O   . ALA A 1 101 ? 2.018   1.255   3.203   1.00 25.20 ? 149 ALA A O   1 
ATOM   672  C CB  . ALA A 1 101 ? 2.172   -0.582  5.906   1.00 23.63 ? 149 ALA A CB  1 
ATOM   673  N N   . PHE A 1 102 ? 2.395   -0.941  2.767   1.00 24.42 ? 150 PHE A N   1 
ATOM   674  C CA  . PHE A 1 102 ? 3.080   -0.650  1.519   1.00 24.43 ? 150 PHE A CA  1 
ATOM   675  C C   . PHE A 1 102 ? 2.137   0.067   0.521   1.00 23.14 ? 150 PHE A C   1 
ATOM   676  O O   . PHE A 1 102 ? 2.451   1.107   -0.076  1.00 23.12 ? 150 PHE A O   1 
ATOM   677  C CB  . PHE A 1 102 ? 3.631   -1.965  0.978   1.00 23.57 ? 150 PHE A CB  1 
ATOM   678  C CG  . PHE A 1 102 ? 4.008   -1.972  -0.485  1.00 20.75 ? 150 PHE A CG  1 
ATOM   679  C CD1 . PHE A 1 102 ? 5.248   -1.492  -0.912  1.00 19.80 ? 150 PHE A CD1 1 
ATOM   680  C CD2 . PHE A 1 102 ? 3.129   -2.475  -1.419  1.00 21.77 ? 150 PHE A CD2 1 
ATOM   681  C CE1 . PHE A 1 102 ? 5.594   -1.526  -2.258  1.00 23.89 ? 150 PHE A CE1 1 
ATOM   682  C CE2 . PHE A 1 102 ? 3.520   -2.604  -2.754  1.00 20.87 ? 150 PHE A CE2 1 
ATOM   683  C CZ  . PHE A 1 102 ? 4.759   -2.147  -3.165  1.00 22.41 ? 150 PHE A CZ  1 
ATOM   684  N N   . PHE A 1 103 ? 0.972   -0.502  0.333   1.00 22.53 ? 151 PHE A N   1 
ATOM   685  C CA  . PHE A 1 103 ? -0.031  0.111   -0.571  1.00 26.86 ? 151 PHE A CA  1 
ATOM   686  C C   . PHE A 1 103 ? -0.430  1.512   -0.113  1.00 27.51 ? 151 PHE A C   1 
ATOM   687  O O   . PHE A 1 103 ? -0.490  2.428   -0.919  1.00 25.19 ? 151 PHE A O   1 
ATOM   688  C CB  . PHE A 1 103 ? -1.237  -0.799  -0.696  1.00 25.09 ? 151 PHE A CB  1 
ATOM   689  C CG  . PHE A 1 103 ? -1.046  -1.892  -1.699  1.00 22.18 ? 151 PHE A CG  1 
ATOM   690  C CD1 . PHE A 1 103 ? -1.321  -1.659  -3.036  1.00 23.00 ? 151 PHE A CD1 1 
ATOM   691  C CD2 . PHE A 1 103 ? -0.578  -3.145  -1.314  1.00 23.36 ? 151 PHE A CD2 1 
ATOM   692  C CE1 . PHE A 1 103 ? -1.210  -2.691  -3.937  1.00 23.00 ? 151 PHE A CE1 1 
ATOM   693  C CE2 . PHE A 1 103 ? -0.425  -4.160  -2.243  1.00 25.87 ? 151 PHE A CE2 1 
ATOM   694  C CZ  . PHE A 1 103 ? -0.773  -3.942  -3.548  1.00 25.30 ? 151 PHE A CZ  1 
ATOM   695  N N   . GLU A 1 104 ? -0.682  1.681   1.188   1.00 23.93 ? 152 GLU A N   1 
ATOM   696  C CA  . GLU A 1 104 ? -1.049  2.977   1.737   1.00 26.47 ? 152 GLU A CA  1 
ATOM   697  C C   . GLU A 1 104 ? 0.049   4.016   1.525   1.00 29.55 ? 152 GLU A C   1 
ATOM   698  O O   . GLU A 1 104 ? -0.261  5.165   1.162   1.00 24.00 ? 152 GLU A O   1 
ATOM   699  C CB  . GLU A 1 104 ? -1.318  2.900   3.236   1.00 31.19 ? 152 GLU A CB  1 
ATOM   700  C CG  . GLU A 1 104 ? -2.761  2.668   3.544   1.00 32.49 ? 152 GLU A CG  1 
ATOM   701  C CD  . GLU A 1 104 ? -3.749  3.691   3.004   1.00 27.73 ? 152 GLU A CD  1 
ATOM   702  O OE1 . GLU A 1 104 ? -3.797  4.764   3.506   1.00 33.55 ? 152 GLU A OE1 1 
ATOM   703  O OE2 . GLU A 1 104 ? -4.441  3.371   2.081   1.00 33.58 ? 152 GLU A OE2 1 
ATOM   704  N N   . PHE A 1 105 ? 1.313   3.619   1.752   1.00 25.68 ? 153 PHE A N   1 
ATOM   705  C CA  . PHE A 1 105 ? 2.427   4.491   1.619   1.00 25.26 ? 153 PHE A CA  1 
ATOM   706  C C   . PHE A 1 105 ? 2.537   4.984   0.170   1.00 24.44 ? 153 PHE A C   1 
ATOM   707  O O   . PHE A 1 105 ? 2.780   6.170   -0.065  1.00 24.73 ? 153 PHE A O   1 
ATOM   708  C CB  . PHE A 1 105 ? 3.719   3.791   2.068   1.00 26.93 ? 153 PHE A CB  1 
ATOM   709  C CG  . PHE A 1 105 ? 4.953   4.529   1.658   1.00 27.71 ? 153 PHE A CG  1 
ATOM   710  C CD1 . PHE A 1 105 ? 5.216   5.785   2.181   1.00 27.47 ? 153 PHE A CD1 1 
ATOM   711  C CD2 . PHE A 1 105 ? 5.839   3.990   0.735   1.00 28.51 ? 153 PHE A CD2 1 
ATOM   712  C CE1 . PHE A 1 105 ? 6.325   6.502   1.762   1.00 31.63 ? 153 PHE A CE1 1 
ATOM   713  C CE2 . PHE A 1 105 ? 6.961   4.700   0.349   1.00 28.58 ? 153 PHE A CE2 1 
ATOM   714  C CZ  . PHE A 1 105 ? 7.182   5.970   0.829   1.00 29.09 ? 153 PHE A CZ  1 
ATOM   715  N N   . GLY A 1 106 ? 2.447   4.053   -0.780  1.00 21.31 ? 154 GLY A N   1 
ATOM   716  C CA  . GLY A 1 106 ? 2.500   4.439   -2.219  1.00 22.82 ? 154 GLY A CA  1 
ATOM   717  C C   . GLY A 1 106 ? 1.349   5.353   -2.592  1.00 22.92 ? 154 GLY A C   1 
ATOM   718  O O   . GLY A 1 106 ? 1.503   6.347   -3.295  1.00 26.60 ? 154 GLY A O   1 
ATOM   719  N N   . GLY A 1 107 ? 0.156   5.041   -2.077  1.00 25.69 ? 155 GLY A N   1 
ATOM   720  C CA  . GLY A 1 107 ? -1.019  5.885   -2.311  1.00 28.99 ? 155 GLY A CA  1 
ATOM   721  C C   . GLY A 1 107 ? -0.824  7.292   -1.812  1.00 30.02 ? 155 GLY A C   1 
ATOM   722  O O   . GLY A 1 107 ? -1.034  8.286   -2.571  1.00 31.69 ? 155 GLY A O   1 
ATOM   723  N N   . VAL A 1 108 ? -0.312  7.421   -0.591  1.00 30.46 ? 156 VAL A N   1 
ATOM   724  C CA  . VAL A 1 108 ? 0.069   8.719   -0.073  1.00 32.84 ? 156 VAL A CA  1 
ATOM   725  C C   . VAL A 1 108 ? 1.127   9.438   -0.910  1.00 33.88 ? 156 VAL A C   1 
ATOM   726  O O   . VAL A 1 108 ? 1.072   10.631  -1.067  1.00 30.09 ? 156 VAL A O   1 
ATOM   727  C CB  . VAL A 1 108 ? 0.576   8.655   1.376   1.00 41.83 ? 156 VAL A CB  1 
ATOM   728  C CG1 . VAL A 1 108 ? 1.135   10.001  1.815   1.00 43.42 ? 156 VAL A CG1 1 
ATOM   729  C CG2 . VAL A 1 108 ? -0.515  8.200   2.310   1.00 40.66 ? 156 VAL A CG2 1 
ATOM   730  N N   . MET A 1 109 ? 2.190   8.756   -1.319  1.00 28.42 ? 157 MET A N   1 
ATOM   731  C CA  . MET A 1 109 ? 3.147   9.382   -2.156  1.00 29.73 ? 157 MET A CA  1 
ATOM   732  C C   . MET A 1 109 ? 2.470   9.943   -3.427  1.00 26.52 ? 157 MET A C   1 
ATOM   733  O O   . MET A 1 109 ? 2.865   10.979  -3.945  1.00 25.56 ? 157 MET A O   1 
ATOM   734  C CB  . MET A 1 109 ? 4.198   8.318   -2.518  1.00 31.19 ? 157 MET A CB  1 
ATOM   735  C CG  . MET A 1 109 ? 5.468   8.835   -2.871  1.00 38.24 ? 157 MET A CG  1 
ATOM   736  S SD  . MET A 1 109 ? 6.836   7.719   -2.503  1.00 38.06 ? 157 MET A SD  1 
ATOM   737  C CE  . MET A 1 109 ? 8.012   8.825   -3.277  1.00 38.92 ? 157 MET A CE  1 
ATOM   738  N N   . CYS A 1 110 ? 1.528   9.198   -4.001  1.00 27.67 ? 158 CYS A N   1 
ATOM   739  C CA  . CYS A 1 110 ? 0.840   9.626   -5.232  1.00 28.56 ? 158 CYS A CA  1 
ATOM   740  C C   . CYS A 1 110 ? -0.028  10.863  -4.950  1.00 32.84 ? 158 CYS A C   1 
ATOM   741  O O   . CYS A 1 110 ? 0.009   11.847  -5.717  1.00 30.08 ? 158 CYS A O   1 
ATOM   742  C CB  . CYS A 1 110 ? -0.033  8.513   -5.768  1.00 26.25 ? 158 CYS A CB  1 
ATOM   743  S SG  . CYS A 1 110 ? 0.914   7.165   -6.481  1.00 24.90 ? 158 CYS A SG  1 
ATOM   744  N N   . VAL A 1 111 ? -0.780  10.812  -3.837  1.00 34.70 ? 159 VAL A N   1 
ATOM   745  C CA  . VAL A 1 111 ? -1.574  11.935  -3.358  1.00 33.89 ? 159 VAL A CA  1 
ATOM   746  C C   . VAL A 1 111 ? -0.680  13.162  -3.174  1.00 37.35 ? 159 VAL A C   1 
ATOM   747  O O   . VAL A 1 111 ? -1.025  14.295  -3.648  1.00 30.35 ? 159 VAL A O   1 
ATOM   748  C CB  . VAL A 1 111 ? -2.368  11.602  -2.080  1.00 37.77 ? 159 VAL A CB  1 
ATOM   749  C CG1 . VAL A 1 111 ? -2.864  12.876  -1.380  1.00 36.68 ? 159 VAL A CG1 1 
ATOM   750  C CG2 . VAL A 1 111 ? -3.512  10.655  -2.398  1.00 36.05 ? 159 VAL A CG2 1 
ATOM   751  N N   . GLU A 1 112 ? 0.445   12.990  -2.482  1.00 34.39 ? 160 GLU A N   1 
ATOM   752  C CA  . GLU A 1 112 ? 1.325   14.137  -2.209  1.00 38.15 ? 160 GLU A CA  1 
ATOM   753  C C   . GLU A 1 112 ? 1.959   14.638  -3.516  1.00 36.55 ? 160 GLU A C   1 
ATOM   754  O O   . GLU A 1 112 ? 2.183   15.842  -3.669  1.00 39.02 ? 160 GLU A O   1 
ATOM   755  C CB  . GLU A 1 112 ? 2.370   13.781  -1.157  1.00 39.51 ? 160 GLU A CB  1 
ATOM   756  C CG  . GLU A 1 112 ? 1.833   13.894  0.247   1.00 45.54 ? 160 GLU A CG  1 
ATOM   757  C CD  . GLU A 1 112 ? 1.520   15.324  0.654   1.00 56.03 ? 160 GLU A CD  1 
ATOM   758  O OE1 . GLU A 1 112 ? 2.113   15.804  1.644   1.00 73.68 ? 160 GLU A OE1 1 
ATOM   759  O OE2 . GLU A 1 112 ? 0.711   15.968  -0.030  1.00 57.79 ? 160 GLU A OE2 1 
ATOM   760  N N   . SER A 1 113 ? 2.186   13.744  -4.487  1.00 32.16 ? 161 SER A N   1 
ATOM   761  C CA  . SER A 1 113 ? 2.724   14.135  -5.787  1.00 29.67 ? 161 SER A CA  1 
ATOM   762  C C   . SER A 1 113 ? 1.737   15.061  -6.518  1.00 34.73 ? 161 SER A C   1 
ATOM   763  O O   . SER A 1 113 ? 2.135   16.090  -7.072  1.00 33.49 ? 161 SER A O   1 
ATOM   764  C CB  . SER A 1 113 ? 3.072   12.949  -6.654  1.00 29.47 ? 161 SER A CB  1 
ATOM   765  O OG  . SER A 1 113 ? 4.171   12.242  -6.102  1.00 31.55 ? 161 SER A OG  1 
ATOM   766  N N   . VAL A 1 114 ? 0.463   14.688  -6.546  1.00 31.97 ? 162 VAL A N   1 
ATOM   767  C CA  . VAL A 1 114 ? -0.549  15.498  -7.236  1.00 35.32 ? 162 VAL A CA  1 
ATOM   768  C C   . VAL A 1 114 ? -0.720  16.844  -6.516  1.00 35.23 ? 162 VAL A C   1 
ATOM   769  O O   . VAL A 1 114 ? -0.796  17.869  -7.189  1.00 37.16 ? 162 VAL A O   1 
ATOM   770  C CB  . VAL A 1 114 ? -1.880  14.740  -7.346  1.00 36.29 ? 162 VAL A CB  1 
ATOM   771  C CG1 . VAL A 1 114 ? -3.032  15.651  -7.751  1.00 41.82 ? 162 VAL A CG1 1 
ATOM   772  C CG2 . VAL A 1 114 ? -1.723  13.563  -8.286  1.00 39.21 ? 162 VAL A CG2 1 
ATOM   773  N N   . ASN A 1 115 ? -0.720  16.838  -5.176  1.00 34.68 ? 163 ASN A N   1 
ATOM   774  C CA  . ASN A 1 115 ? -0.835  18.062  -4.343  1.00 38.04 ? 163 ASN A CA  1 
ATOM   775  C C   . ASN A 1 115 ? 0.255   19.086  -4.633  1.00 38.56 ? 163 ASN A C   1 
ATOM   776  O O   . ASN A 1 115 ? 0.012   20.289  -4.503  1.00 41.21 ? 163 ASN A O   1 
ATOM   777  C CB  . ASN A 1 115 ? -0.671  17.819  -2.844  1.00 41.82 ? 163 ASN A CB  1 
ATOM   778  C CG  . ASN A 1 115 ? -1.843  17.086  -2.238  1.00 49.85 ? 163 ASN A CG  1 
ATOM   779  O OD1 . ASN A 1 115 ? -2.893  16.916  -2.888  1.00 49.17 ? 163 ASN A OD1 1 
ATOM   780  N ND2 . ASN A 1 115 ? -1.658  16.656  -0.999  1.00 40.50 ? 163 ASN A ND2 1 
ATOM   781  N N   . ARG A 1 116 ? 1.471   18.618  -4.931  1.00 34.86 ? 164 ARG A N   1 
ATOM   782  C CA  . ARG A 1 116 ? 2.639   19.450  -5.116  1.00 35.15 ? 164 ARG A CA  1 
ATOM   783  C C   . ARG A 1 116 ? 2.905   19.713  -6.602  1.00 37.34 ? 164 ARG A C   1 
ATOM   784  O O   . ARG A 1 116 ? 3.979   20.165  -6.938  1.00 34.78 ? 164 ARG A O   1 
ATOM   785  C CB  . ARG A 1 116 ? 3.855   18.779  -4.464  1.00 35.51 ? 164 ARG A CB  1 
ATOM   786  C CG  . ARG A 1 116 ? 3.714   18.657  -2.960  1.00 37.01 ? 164 ARG A CG  1 
ATOM   787  C CD  . ARG A 1 116 ? 4.851   17.993  -2.165  1.00 39.20 ? 164 ARG A CD  1 
ATOM   788  N NE  . ARG A 1 116 ? 4.301   17.728  -0.828  1.00 38.33 ? 164 ARG A NE  1 
ATOM   789  C CZ  . ARG A 1 116 ? 4.978   17.299  0.221   1.00 36.81 ? 164 ARG A CZ  1 
ATOM   790  N NH1 . ARG A 1 116 ? 6.290   17.343  0.190   1.00 35.63 ? 164 ARG A NH1 1 
ATOM   791  N NH2 . ARG A 1 116 ? 4.338   16.787  1.270   1.00 43.72 ? 164 ARG A NH2 1 
ATOM   792  N N   . GLU A 1 117 ? 1.942   19.368  -7.466  1.00 33.97 ? 165 GLU A N   1 
ATOM   793  C CA  . GLU A 1 117 ? 2.005   19.581  -8.937  1.00 39.90 ? 165 GLU A CA  1 
ATOM   794  C C   . GLU A 1 117 ? 3.190   18.821  -9.525  1.00 41.43 ? 165 GLU A C   1 
ATOM   795  O O   . GLU A 1 117 ? 3.935   19.323  -10.371 1.00 38.86 ? 165 GLU A O   1 
ATOM   796  C CB  . GLU A 1 117 ? 2.062   21.077  -9.285  1.00 39.68 ? 165 GLU A CB  1 
ATOM   797  C CG  . GLU A 1 117 ? 0.830   21.791  -8.809  1.00 39.24 ? 165 GLU A CG  1 
ATOM   798  C CD  . GLU A 1 117 ? 0.734   23.294  -9.078  1.00 37.43 ? 165 GLU A CD  1 
ATOM   799  O OE1 . GLU A 1 117 ? -0.110  23.894  -8.420  1.00 44.18 ? 165 GLU A OE1 1 
ATOM   800  O OE2 . GLU A 1 117 ? 1.499   23.840  -9.918  1.00 37.22 ? 165 GLU A OE2 1 
ATOM   801  N N   . MET A 1 118 ? 3.342   17.567  -9.082  1.00 34.46 ? 166 MET A N   1 
ATOM   802  C CA  . MET A 1 118 ? 4.309   16.710  -9.627  1.00 33.37 ? 166 MET A CA  1 
ATOM   803  C C   . MET A 1 118 ? 3.609   15.443  -10.088 1.00 38.55 ? 166 MET A C   1 
ATOM   804  O O   . MET A 1 118 ? 4.063   14.349  -9.717  1.00 35.29 ? 166 MET A O   1 
ATOM   805  C CB  . MET A 1 118 ? 5.362   16.337  -8.581  1.00 37.91 ? 166 MET A CB  1 
ATOM   806  C CG  . MET A 1 118 ? 6.156   17.506  -8.069  1.00 40.20 ? 166 MET A CG  1 
ATOM   807  S SD  . MET A 1 118 ? 7.075   16.977  -6.614  1.00 41.01 ? 166 MET A SD  1 
ATOM   808  C CE  . MET A 1 118 ? 7.621   18.618  -6.120  1.00 51.02 ? 166 MET A CE  1 
ATOM   809  N N   . SER A 1 119 ? 2.535   15.597  -10.889 1.00 35.05 ? 167 SER A N   1 
ATOM   810  C CA  . SER A 1 119 ? 1.634   14.490  -11.178 1.00 37.39 ? 167 SER A CA  1 
ATOM   811  C C   . SER A 1 119 ? 2.337   13.439  -12.023 1.00 36.72 ? 167 SER A C   1 
ATOM   812  O O   . SER A 1 119 ? 1.881   12.287  -12.048 1.00 36.51 ? 167 SER A O   1 
ATOM   813  C CB  . SER A 1 119 ? 0.369   14.972  -11.831 1.00 43.29 ? 167 SER A CB  1 
ATOM   814  O OG  . SER A 1 119 ? 0.691   15.663  -13.014 1.00 45.80 ? 167 SER A OG  1 
ATOM   815  N N   . VAL A 1 120 ? 3.427   13.838  -12.702 1.00 38.19 ? 168 VAL A N   1 
ATOM   816  C CA  . VAL A 1 120 ? 4.299   12.963  -13.492 1.00 38.76 ? 168 VAL A CA  1 
ATOM   817  C C   . VAL A 1 120 ? 4.747   11.768  -12.651 1.00 39.42 ? 168 VAL A C   1 
ATOM   818  O O   . VAL A 1 120 ? 5.015   10.682  -13.189 1.00 37.15 ? 168 VAL A O   1 
ATOM   819  C CB  . VAL A 1 120 ? 5.560   13.680  -14.039 1.00 49.58 ? 168 VAL A CB  1 
ATOM   820  C CG1 . VAL A 1 120 ? 6.398   14.360  -12.952 1.00 50.14 ? 168 VAL A CG1 1 
ATOM   821  C CG2 . VAL A 1 120 ? 6.454   12.710  -14.797 1.00 52.27 ? 168 VAL A CG2 1 
ATOM   822  N N   . LEU A 1 121 ? 4.877   11.984  -11.334 1.00 33.23 ? 169 LEU A N   1 
ATOM   823  C CA  . LEU A 1 121 ? 5.398   10.967  -10.473 1.00 33.77 ? 169 LEU A CA  1 
ATOM   824  C C   . LEU A 1 121 ? 4.426   9.821   -10.276 1.00 26.17 ? 169 LEU A C   1 
ATOM   825  O O   . LEU A 1 121 ? 4.877   8.788   -9.900  1.00 30.61 ? 169 LEU A O   1 
ATOM   826  C CB  . LEU A 1 121 ? 5.752   11.540  -9.099  1.00 32.65 ? 169 LEU A CB  1 
ATOM   827  C CG  . LEU A 1 121 ? 7.038   12.346  -9.055  1.00 38.39 ? 169 LEU A CG  1 
ATOM   828  C CD1 . LEU A 1 121 ? 7.241   12.944  -7.680  1.00 39.38 ? 169 LEU A CD1 1 
ATOM   829  C CD2 . LEU A 1 121 ? 8.236   11.504  -9.472  1.00 43.58 ? 169 LEU A CD2 1 
ATOM   830  N N   . VAL A 1 122 ? 3.113   10.026  -10.428 1.00 28.80 ? 170 VAL A N   1 
ATOM   831  C CA  . VAL A 1 122 ? 2.135   8.988   -10.110 1.00 29.83 ? 170 VAL A CA  1 
ATOM   832  C C   . VAL A 1 122 ? 2.425   7.722   -10.905 1.00 29.11 ? 170 VAL A C   1 
ATOM   833  O O   . VAL A 1 122 ? 2.410   6.633   -10.354 1.00 24.66 ? 170 VAL A O   1 
ATOM   834  C CB  . VAL A 1 122 ? 0.692   9.468   -10.363 1.00 30.13 ? 170 VAL A CB  1 
ATOM   835  C CG1 . VAL A 1 122 ? -0.303  8.320   -10.288 1.00 28.88 ? 170 VAL A CG1 1 
ATOM   836  C CG2 . VAL A 1 122 ? 0.320   10.625  -9.434  1.00 27.89 ? 170 VAL A CG2 1 
ATOM   837  N N   . ASP A 1 123 ? 2.667   7.857   -12.212 1.00 27.19 ? 171 ASP A N   1 
ATOM   838  C CA  . ASP A 1 123 ? 2.902   6.678   -13.060 1.00 31.74 ? 171 ASP A CA  1 
ATOM   839  C C   . ASP A 1 123 ? 4.201   6.005   -12.635 1.00 28.03 ? 171 ASP A C   1 
ATOM   840  O O   . ASP A 1 123 ? 4.345   4.815   -12.777 1.00 26.23 ? 171 ASP A O   1 
ATOM   841  C CB  . ASP A 1 123 ? 3.058   7.033   -14.554 1.00 36.45 ? 171 ASP A CB  1 
ATOM   842  C CG  . ASP A 1 123 ? 1.762   7.479   -15.189 1.00 38.82 ? 171 ASP A CG  1 
ATOM   843  O OD1 . ASP A 1 123 ? 0.712   6.947   -14.798 1.00 41.32 ? 171 ASP A OD1 1 
ATOM   844  O OD2 . ASP A 1 123 ? 1.821   8.339   -16.060 1.00 51.71 ? 171 ASP A OD2 1 
ATOM   845  N N   . ASN A 1 124 ? 5.185   6.815   -12.196 1.00 26.90 ? 172 ASN A N   1 
ATOM   846  C CA  . ASN A 1 124 ? 6.463   6.270   -11.769 1.00 27.51 ? 172 ASN A CA  1 
ATOM   847  C C   . ASN A 1 124 ? 6.278   5.425   -10.490 1.00 26.73 ? 172 ASN A C   1 
ATOM   848  O O   . ASN A 1 124 ? 6.799   4.363   -10.396 1.00 24.68 ? 172 ASN A O   1 
ATOM   849  C CB  . ASN A 1 124 ? 7.527   7.341   -11.493 1.00 32.28 ? 172 ASN A CB  1 
ATOM   850  C CG  . ASN A 1 124 ? 8.048   8.069   -12.729 1.00 37.23 ? 172 ASN A CG  1 
ATOM   851  O OD1 . ASN A 1 124 ? 7.638   7.827   -13.862 1.00 38.40 ? 172 ASN A OD1 1 
ATOM   852  N ND2 . ASN A 1 124 ? 9.005   8.939   -12.519 1.00 40.68 ? 172 ASN A ND2 1 
ATOM   853  N N   . ILE A 1 125 ? 5.566   5.968   -9.507  1.00 26.90 ? 173 ILE A N   1 
ATOM   854  C CA  . ILE A 1 125 ? 5.311   5.322   -8.219  1.00 27.03 ? 173 ILE A CA  1 
ATOM   855  C C   . ILE A 1 125 ? 4.532   4.040   -8.472  1.00 27.30 ? 173 ILE A C   1 
ATOM   856  O O   . ILE A 1 125 ? 4.880   2.987   -7.942  1.00 28.49 ? 173 ILE A O   1 
ATOM   857  C CB  . ILE A 1 125 ? 4.586   6.259   -7.229  1.00 26.00 ? 173 ILE A CB  1 
ATOM   858  C CG1 . ILE A 1 125 ? 5.423   7.498   -6.909  1.00 28.20 ? 173 ILE A CG1 1 
ATOM   859  C CG2 . ILE A 1 125 ? 4.156   5.498   -5.967  1.00 24.23 ? 173 ILE A CG2 1 
ATOM   860  C CD1 . ILE A 1 125 ? 4.619   8.701   -6.506  1.00 25.76 ? 173 ILE A CD1 1 
ATOM   861  N N   . ALA A 1 126 ? 3.517   4.113   -9.348  1.00 26.98 ? 174 ALA A N   1 
ATOM   862  C CA  . ALA A 1 126 ? 2.753   2.885   -9.731  1.00 27.56 ? 174 ALA A CA  1 
ATOM   863  C C   . ALA A 1 126 ? 3.697   1.804   -10.257 1.00 27.92 ? 174 ALA A C   1 
ATOM   864  O O   . ALA A 1 126 ? 3.554   0.619   -9.902  1.00 25.87 ? 174 ALA A O   1 
ATOM   865  C CB  . ALA A 1 126 ? 1.668   3.236   -10.749 1.00 30.38 ? 174 ALA A CB  1 
ATOM   866  N N   . ALA A 1 127 ? 4.649   2.186   -11.145 1.00 25.81 ? 175 ALA A N   1 
ATOM   867  C CA  . ALA A 1 127 ? 5.597   1.249   -11.672 1.00 26.01 ? 175 ALA A CA  1 
ATOM   868  C C   . ALA A 1 127 ? 6.496   0.680   -10.581 1.00 25.98 ? 175 ALA A C   1 
ATOM   869  O O   . ALA A 1 127 ? 6.781   -0.553  -10.524 1.00 23.29 ? 175 ALA A O   1 
ATOM   870  C CB  . ALA A 1 127 ? 6.402   1.905   -12.797 1.00 32.05 ? 175 ALA A CB  1 
ATOM   871  N N   . TRP A 1 128 ? 7.025   1.547   -9.722  1.00 23.40 ? 176 TRP A N   1 
ATOM   872  C CA  . TRP A 1 128 ? 7.872   1.062   -8.683  1.00 22.11 ? 176 TRP A CA  1 
ATOM   873  C C   . TRP A 1 128 ? 7.121   0.082   -7.774  1.00 22.58 ? 176 TRP A C   1 
ATOM   874  O O   . TRP A 1 128 ? 7.717   -0.852  -7.307  1.00 26.18 ? 176 TRP A O   1 
ATOM   875  C CB  . TRP A 1 128 ? 8.482   2.206   -7.850  1.00 23.60 ? 176 TRP A CB  1 
ATOM   876  C CG  . TRP A 1 128 ? 9.238   3.225   -8.661  1.00 23.29 ? 176 TRP A CG  1 
ATOM   877  C CD1 . TRP A 1 128 ? 10.011  2.961   -9.761  1.00 21.36 ? 176 TRP A CD1 1 
ATOM   878  C CD2 . TRP A 1 128 ? 9.394   4.640   -8.385  1.00 24.10 ? 176 TRP A CD2 1 
ATOM   879  N NE1 . TRP A 1 128 ? 10.602  4.119   -10.215 1.00 24.74 ? 176 TRP A NE1 1 
ATOM   880  C CE2 . TRP A 1 128 ? 10.202  5.179   -9.423  1.00 23.56 ? 176 TRP A CE2 1 
ATOM   881  C CE3 . TRP A 1 128 ? 8.886   5.536   -7.433  1.00 24.32 ? 176 TRP A CE3 1 
ATOM   882  C CZ2 . TRP A 1 128 ? 10.564  6.529   -9.472  1.00 26.60 ? 176 TRP A CZ2 1 
ATOM   883  C CZ3 . TRP A 1 128 ? 9.232   6.879   -7.496  1.00 25.38 ? 176 TRP A CZ3 1 
ATOM   884  C CH2 . TRP A 1 128 ? 10.041  7.377   -8.513  1.00 24.46 ? 176 TRP A CH2 1 
ATOM   885  N N   . MET A 1 129 ? 5.850   0.358   -7.476  1.00 23.91 ? 177 MET A N   1 
ATOM   886  C CA  . MET A 1 129 ? 5.064   -0.485  -6.619  1.00 23.73 ? 177 MET A CA  1 
ATOM   887  C C   . MET A 1 129 ? 4.875   -1.845  -7.299  1.00 22.50 ? 177 MET A C   1 
ATOM   888  O O   . MET A 1 129 ? 5.034   -2.872  -6.714  1.00 22.80 ? 177 MET A O   1 
ATOM   889  C CB  . MET A 1 129 ? 3.711   0.150   -6.294  1.00 24.51 ? 177 MET A CB  1 
ATOM   890  C CG  . MET A 1 129 ? 3.785   1.346   -5.336  1.00 21.31 ? 177 MET A CG  1 
ATOM   891  S SD  . MET A 1 129 ? 2.206   2.149   -5.056  1.00 22.56 ? 177 MET A SD  1 
ATOM   892  C CE  . MET A 1 129 ? 1.327   0.889   -4.127  1.00 20.76 ? 177 MET A CE  1 
ATOM   893  N N   . ALA A 1 130 ? 4.478   -1.815  -8.581  1.00 24.47 ? 178 ALA A N   1 
ATOM   894  C CA  . ALA A 1 130 ? 4.205   -3.055  -9.309  1.00 25.54 ? 178 ALA A CA  1 
ATOM   895  C C   . ALA A 1 130 ? 5.462   -3.903  -9.393  1.00 24.45 ? 178 ALA A C   1 
ATOM   896  O O   . ALA A 1 130 ? 5.439   -5.125  -9.189  1.00 27.30 ? 178 ALA A O   1 
ATOM   897  C CB  . ALA A 1 130 ? 3.645   -2.694  -10.678 1.00 28.34 ? 178 ALA A CB  1 
ATOM   898  N N   . THR A 1 131 ? 6.610   -3.253  -9.633  1.00 29.65 ? 179 THR A N   1 
ATOM   899  C CA  . THR A 1 131 ? 7.887   -3.934  -9.676  1.00 28.20 ? 179 THR A CA  1 
ATOM   900  C C   . THR A 1 131 ? 8.232   -4.529  -8.312  1.00 29.65 ? 179 THR A C   1 
ATOM   901  O O   . THR A 1 131 ? 8.675   -5.645  -8.229  1.00 29.11 ? 179 THR A O   1 
ATOM   902  C CB  . THR A 1 131 ? 9.016   -3.009  -10.180 1.00 34.78 ? 179 THR A CB  1 
ATOM   903  O OG1 . THR A 1 131 ? 8.706   -2.788  -11.544 1.00 34.34 ? 179 THR A OG1 1 
ATOM   904  C CG2 . THR A 1 131 ? 10.404  -3.584  -10.050 1.00 37.69 ? 179 THR A CG2 1 
ATOM   905  N N   . TYR A 1 132 ? 8.011   -3.787  -7.222  1.00 26.10 ? 180 TYR A N   1 
ATOM   906  C CA  . TYR A 1 132 ? 8.321   -4.347  -5.900  1.00 24.37 ? 180 TYR A CA  1 
ATOM   907  C C   . TYR A 1 132 ? 7.402   -5.555  -5.595  1.00 22.93 ? 180 TYR A C   1 
ATOM   908  O O   . TYR A 1 132 ? 7.823   -6.622  -5.069  1.00 23.57 ? 180 TYR A O   1 
ATOM   909  C CB  . TYR A 1 132 ? 8.273   -3.260  -4.815  1.00 24.63 ? 180 TYR A CB  1 
ATOM   910  C CG  . TYR A 1 132 ? 8.855   -3.749  -3.511  1.00 25.54 ? 180 TYR A CG  1 
ATOM   911  C CD1 . TYR A 1 132 ? 10.224  -3.730  -3.259  1.00 28.49 ? 180 TYR A CD1 1 
ATOM   912  C CD2 . TYR A 1 132 ? 8.066   -4.381  -2.567  1.00 26.44 ? 180 TYR A CD2 1 
ATOM   913  C CE1 . TYR A 1 132 ? 10.757  -4.256  -2.082  1.00 27.72 ? 180 TYR A CE1 1 
ATOM   914  C CE2 . TYR A 1 132 ? 8.593   -4.944  -1.414  1.00 25.64 ? 180 TYR A CE2 1 
ATOM   915  C CZ  . TYR A 1 132 ? 9.949   -4.896  -1.166  1.00 27.85 ? 180 TYR A CZ  1 
ATOM   916  O OH  . TYR A 1 132 ? 10.413  -5.454  0.012   1.00 30.51 ? 180 TYR A OH  1 
ATOM   917  N N   . LEU A 1 133 ? 6.125   -5.429  -5.933  1.00 24.98 ? 181 LEU A N   1 
ATOM   918  C CA  . LEU A 1 133 ? 5.202   -6.508  -5.703  1.00 27.92 ? 181 LEU A CA  1 
ATOM   919  C C   . LEU A 1 133 ? 5.655   -7.764  -6.463  1.00 31.53 ? 181 LEU A C   1 
ATOM   920  O O   . LEU A 1 133 ? 5.695   -8.879  -5.884  1.00 30.56 ? 181 LEU A O   1 
ATOM   921  C CB  . LEU A 1 133 ? 3.822   -6.079  -6.178  1.00 31.06 ? 181 LEU A CB  1 
ATOM   922  C CG  . LEU A 1 133 ? 2.978   -5.400  -5.126  1.00 39.11 ? 181 LEU A CG  1 
ATOM   923  C CD1 . LEU A 1 133 ? 1.941   -4.540  -5.818  1.00 42.79 ? 181 LEU A CD1 1 
ATOM   924  C CD2 . LEU A 1 133 ? 2.337   -6.444  -4.185  1.00 35.44 ? 181 LEU A CD2 1 
ATOM   925  N N   . ASN A 1 134 ? 5.929   -7.584  -7.762  1.00 30.01 ? 182 ASN A N   1 
ATOM   926  C CA  . ASN A 1 134 ? 6.303   -8.709  -8.659  1.00 34.93 ? 182 ASN A CA  1 
ATOM   927  C C   . ASN A 1 134 ? 7.595   -9.355  -8.187  1.00 36.24 ? 182 ASN A C   1 
ATOM   928  O O   . ASN A 1 134 ? 7.635   -10.570 -8.059  1.00 33.81 ? 182 ASN A O   1 
ATOM   929  C CB  . ASN A 1 134 ? 6.477   -8.288  -10.120 1.00 35.77 ? 182 ASN A CB  1 
ATOM   930  C CG  . ASN A 1 134 ? 5.183   -7.867  -10.781 1.00 40.59 ? 182 ASN A CG  1 
ATOM   931  O OD1 . ASN A 1 134 ? 4.113   -8.392  -10.471 1.00 41.55 ? 182 ASN A OD1 1 
ATOM   932  N ND2 . ASN A 1 134 ? 5.277   -6.952  -11.737 1.00 50.68 ? 182 ASN A ND2 1 
ATOM   933  N N   . ASP A 1 135 ? 8.624   -8.540  -7.910  1.00 31.69 ? 183 ASP A N   1 
ATOM   934  C CA  . ASP A 1 135 ? 9.978   -9.016  -7.665  1.00 31.89 ? 183 ASP A CA  1 
ATOM   935  C C   . ASP A 1 135 ? 10.235  -9.438  -6.204  1.00 35.72 ? 183 ASP A C   1 
ATOM   936  O O   . ASP A 1 135 ? 11.134  -10.266 -5.965  1.00 32.33 ? 183 ASP A O   1 
ATOM   937  C CB  . ASP A 1 135 ? 11.015  -7.955  -8.070  1.00 33.86 ? 183 ASP A CB  1 
ATOM   938  C CG  . ASP A 1 135 ? 11.115  -7.653  -9.555  1.00 40.21 ? 183 ASP A CG  1 
ATOM   939  O OD1 . ASP A 1 135 ? 10.434  -8.318  -10.347 1.00 41.39 ? 183 ASP A OD1 1 
ATOM   940  O OD2 . ASP A 1 135 ? 11.858  -6.739  -9.894  1.00 40.58 ? 183 ASP A OD2 1 
ATOM   941  N N   . HIS A 1 136 ? 9.556   -8.847  -5.206  1.00 27.73 ? 184 HIS A N   1 
ATOM   942  C CA  . HIS A 1 136 ? 9.911   -9.103  -3.793  1.00 29.84 ? 184 HIS A CA  1 
ATOM   943  C C   . HIS A 1 136 ? 8.730   -9.560  -2.907  1.00 31.71 ? 184 HIS A C   1 
ATOM   944  O O   . HIS A 1 136 ? 8.984   -9.931  -1.750  1.00 38.86 ? 184 HIS A O   1 
ATOM   945  C CB  . HIS A 1 136 ? 10.543  -7.863  -3.166  1.00 31.86 ? 184 HIS A CB  1 
ATOM   946  C CG  . HIS A 1 136 ? 11.768  -7.446  -3.907  1.00 38.46 ? 184 HIS A CG  1 
ATOM   947  N ND1 . HIS A 1 136 ? 12.922  -8.203  -3.867  1.00 44.74 ? 184 HIS A ND1 1 
ATOM   948  C CD2 . HIS A 1 136 ? 11.995  -6.450  -4.786  1.00 40.42 ? 184 HIS A CD2 1 
ATOM   949  C CE1 . HIS A 1 136 ? 13.832  -7.667  -4.668  1.00 46.69 ? 184 HIS A CE1 1 
ATOM   950  N NE2 . HIS A 1 136 ? 13.293  -6.599  -5.252  1.00 41.91 ? 184 HIS A NE2 1 
ATOM   951  N N   . LEU A 1 137 ? 7.468   -9.433  -3.347  1.00 28.38 ? 185 LEU A N   1 
ATOM   952  C CA  . LEU A 1 137 ? 6.312   -9.843  -2.481  1.00 27.85 ? 185 LEU A CA  1 
ATOM   953  C C   . LEU A 1 137 ? 5.585   -11.075 -3.025  1.00 30.52 ? 185 LEU A C   1 
ATOM   954  O O   . LEU A 1 137 ? 4.994   -11.805 -2.244  1.00 26.37 ? 185 LEU A O   1 
ATOM   955  C CB  . LEU A 1 137 ? 5.364   -8.657  -2.340  1.00 26.55 ? 185 LEU A CB  1 
ATOM   956  C CG  . LEU A 1 137 ? 5.921   -7.486  -1.504  1.00 26.25 ? 185 LEU A CG  1 
ATOM   957  C CD1 . LEU A 1 137 ? 4.962   -6.300  -1.514  1.00 26.83 ? 185 LEU A CD1 1 
ATOM   958  C CD2 . LEU A 1 137 ? 6.183   -7.914  -0.086  1.00 28.57 ? 185 LEU A CD2 1 
ATOM   959  N N   . HIS A 1 138 ? 5.715   -11.329 -4.341  1.00 32.82 ? 186 HIS A N   1 
ATOM   960  C CA  . HIS A 1 138 ? 4.950   -12.382 -5.032  1.00 35.71 ? 186 HIS A CA  1 
ATOM   961  C C   . HIS A 1 138 ? 5.260   -13.738 -4.407  1.00 31.45 ? 186 HIS A C   1 
ATOM   962  O O   . HIS A 1 138 ? 4.331   -14.487 -4.122  1.00 33.39 ? 186 HIS A O   1 
ATOM   963  C CB  . HIS A 1 138 ? 5.270   -12.436 -6.534  1.00 35.87 ? 186 HIS A CB  1 
ATOM   964  C CG  . HIS A 1 138 ? 4.480   -13.464 -7.284  1.00 41.27 ? 186 HIS A CG  1 
ATOM   965  N ND1 . HIS A 1 138 ? 3.189   -13.229 -7.713  1.00 46.38 ? 186 HIS A ND1 1 
ATOM   966  C CD2 . HIS A 1 138 ? 4.785   -14.723 -7.678  1.00 40.94 ? 186 HIS A CD2 1 
ATOM   967  C CE1 . HIS A 1 138 ? 2.736   -14.293 -8.365  1.00 47.35 ? 186 HIS A CE1 1 
ATOM   968  N NE2 . HIS A 1 138 ? 3.708   -15.210 -8.390  1.00 40.92 ? 186 HIS A NE2 1 
ATOM   969  N N   . THR A 1 139 ? 6.536   -14.040 -4.170  1.00 30.98 ? 187 THR A N   1 
ATOM   970  C CA  . THR A 1 139 ? 6.871   -15.326 -3.582  1.00 32.62 ? 187 THR A CA  1 
ATOM   971  C C   . THR A 1 139 ? 6.199   -15.526 -2.201  1.00 31.27 ? 187 THR A C   1 
ATOM   972  O O   . THR A 1 139 ? 5.557   -16.563 -1.954  1.00 28.60 ? 187 THR A O   1 
ATOM   973  C CB  . THR A 1 139 ? 8.388   -15.553 -3.556  1.00 39.15 ? 187 THR A CB  1 
ATOM   974  O OG1 . THR A 1 139 ? 8.791   -15.562 -4.926  1.00 41.88 ? 187 THR A OG1 1 
ATOM   975  C CG2 . THR A 1 139 ? 8.778   -16.855 -2.890  1.00 38.41 ? 187 THR A CG2 1 
ATOM   976  N N   . TRP A 1 140 ? 6.343   -14.552 -1.296  1.00 29.02 ? 188 TRP A N   1 
ATOM   977  C CA  . TRP A 1 140 ? 5.722   -14.613 0.039   1.00 30.60 ? 188 TRP A CA  1 
ATOM   978  C C   . TRP A 1 140 ? 4.194   -14.789 -0.079  1.00 27.44 ? 188 TRP A C   1 
ATOM   979  O O   . TRP A 1 140 ? 3.582   -15.632 0.595   1.00 27.73 ? 188 TRP A O   1 
ATOM   980  C CB  . TRP A 1 140 ? 6.101   -13.362 0.867   1.00 28.73 ? 188 TRP A CB  1 
ATOM   981  C CG  . TRP A 1 140 ? 5.605   -13.430 2.274   1.00 31.56 ? 188 TRP A CG  1 
ATOM   982  C CD1 . TRP A 1 140 ? 6.289   -13.906 3.356   1.00 30.59 ? 188 TRP A CD1 1 
ATOM   983  C CD2 . TRP A 1 140 ? 4.285   -13.097 2.744   1.00 30.05 ? 188 TRP A CD2 1 
ATOM   984  N NE1 . TRP A 1 140 ? 5.515   -13.834 4.475   1.00 29.11 ? 188 TRP A NE1 1 
ATOM   985  C CE2 . TRP A 1 140 ? 4.277   -13.353 4.133   1.00 32.06 ? 188 TRP A CE2 1 
ATOM   986  C CE3 . TRP A 1 140 ? 3.144   -12.550 2.152   1.00 26.78 ? 188 TRP A CE3 1 
ATOM   987  C CZ2 . TRP A 1 140 ? 3.164   -13.082 4.936   1.00 34.97 ? 188 TRP A CZ2 1 
ATOM   988  C CZ3 . TRP A 1 140 ? 2.038   -12.307 2.937   1.00 29.99 ? 188 TRP A CZ3 1 
ATOM   989  C CH2 . TRP A 1 140 ? 2.046   -12.584 4.313   1.00 31.78 ? 188 TRP A CH2 1 
ATOM   990  N N   . ILE A 1 141 ? 3.559   -13.986 -0.934  1.00 28.24 ? 189 ILE A N   1 
ATOM   991  C CA  . ILE A 1 141 ? 2.104   -14.035 -1.090  1.00 28.94 ? 189 ILE A CA  1 
ATOM   992  C C   . ILE A 1 141 ? 1.672   -15.454 -1.504  1.00 34.75 ? 189 ILE A C   1 
ATOM   993  O O   . ILE A 1 141 ? 0.734   -15.992 -0.955  1.00 33.85 ? 189 ILE A O   1 
ATOM   994  C CB  . ILE A 1 141 ? 1.633   -12.955 -2.086  1.00 30.20 ? 189 ILE A CB  1 
ATOM   995  C CG1 . ILE A 1 141 ? 1.815   -11.536 -1.507  1.00 26.83 ? 189 ILE A CG1 1 
ATOM   996  C CG2 . ILE A 1 141 ? 0.204   -13.224 -2.533  1.00 31.62 ? 189 ILE A CG2 1 
ATOM   997  C CD1 . ILE A 1 141 ? 1.619   -10.390 -2.533  1.00 27.34 ? 189 ILE A CD1 1 
ATOM   998  N N   . GLN A 1 142 ? 2.352   -16.054 -2.488  1.00 34.40 ? 190 GLN A N   1 
ATOM   999  C CA  . GLN A 1 142 ? 2.006   -17.384 -2.956  1.00 36.27 ? 190 GLN A CA  1 
ATOM   1000 C C   . GLN A 1 142 ? 2.201   -18.399 -1.832  1.00 35.73 ? 190 GLN A C   1 
ATOM   1001 O O   . GLN A 1 142 ? 1.347   -19.246 -1.641  1.00 40.51 ? 190 GLN A O   1 
ATOM   1002 C CB  . GLN A 1 142 ? 2.815   -17.753 -4.191  1.00 42.94 ? 190 GLN A CB  1 
ATOM   1003 C CG  . GLN A 1 142 ? 2.390   -16.946 -5.405  1.00 50.40 ? 190 GLN A CG  1 
ATOM   1004 C CD  . GLN A 1 142 ? 1.011   -17.350 -5.871  1.00 58.53 ? 190 GLN A CD  1 
ATOM   1005 O OE1 . GLN A 1 142 ? 0.028   -16.624 -5.690  1.00 65.29 ? 190 GLN A OE1 1 
ATOM   1006 N NE2 . GLN A 1 142 ? 0.934   -18.543 -6.445  1.00 62.52 ? 190 GLN A NE2 1 
ATOM   1007 N N   . ASP A 1 143 ? 3.297   -18.272 -1.083  1.00 31.42 ? 191 ASP A N   1 
ATOM   1008 C CA  . ASP A 1 143 ? 3.641   -19.202 -0.043  1.00 34.03 ? 191 ASP A CA  1 
ATOM   1009 C C   . ASP A 1 143 ? 2.701   -19.021 1.146   1.00 33.30 ? 191 ASP A C   1 
ATOM   1010 O O   . ASP A 1 143 ? 2.682   -19.881 2.010   1.00 33.03 ? 191 ASP A O   1 
ATOM   1011 C CB  . ASP A 1 143 ? 5.066   -19.031 0.486   1.00 35.17 ? 191 ASP A CB  1 
ATOM   1012 C CG  . ASP A 1 143 ? 6.167   -19.462 -0.467  1.00 44.98 ? 191 ASP A CG  1 
ATOM   1013 O OD1 . ASP A 1 143 ? 5.854   -20.232 -1.403  1.00 46.34 ? 191 ASP A OD1 1 
ATOM   1014 O OD2 . ASP A 1 143 ? 7.329   -18.975 -0.303  1.00 45.44 ? 191 ASP A OD2 1 
ATOM   1015 N N   . ASN A 1 144 ? 1.979   -17.893 1.216   1.00 30.80 ? 192 ASN A N   1 
ATOM   1016 C CA  . ASN A 1 144 ? 1.133   -17.608 2.427   1.00 29.81 ? 192 ASN A CA  1 
ATOM   1017 C C   . ASN A 1 144 ? -0.361  -17.657 2.070   1.00 30.84 ? 192 ASN A C   1 
ATOM   1018 O O   . ASN A 1 144 ? -1.190  -17.149 2.782   1.00 29.97 ? 192 ASN A O   1 
ATOM   1019 C CB  . ASN A 1 144 ? 1.606   -16.358 3.170   1.00 30.84 ? 192 ASN A CB  1 
ATOM   1020 C CG  . ASN A 1 144 ? 2.912   -16.623 3.871   1.00 37.25 ? 192 ASN A CG  1 
ATOM   1021 O OD1 . ASN A 1 144 ? 2.943   -16.945 5.063   1.00 36.69 ? 192 ASN A OD1 1 
ATOM   1022 N ND2 . ASN A 1 144 ? 3.997   -16.534 3.124   1.00 29.32 ? 192 ASN A ND2 1 
ATOM   1023 N N   . GLY A 1 145 ? -0.712  -18.325 0.963   1.00 28.87 ? 193 GLY A N   1 
ATOM   1024 C CA  . GLY A 1 145 ? -2.073  -18.652 0.687   1.00 28.86 ? 193 GLY A CA  1 
ATOM   1025 C C   . GLY A 1 145 ? -2.743  -17.735 -0.314  1.00 27.04 ? 193 GLY A C   1 
ATOM   1026 O O   . GLY A 1 145 ? -3.954  -17.792 -0.458  1.00 31.60 ? 193 GLY A O   1 
ATOM   1027 N N   . GLY A 1 146 ? -1.967  -16.829 -0.919  1.00 26.92 ? 194 GLY A N   1 
ATOM   1028 C CA  . GLY A 1 146 ? -2.416  -15.886 -1.895  1.00 29.01 ? 194 GLY A CA  1 
ATOM   1029 C C   . GLY A 1 146 ? -3.288  -14.801 -1.291  1.00 27.61 ? 194 GLY A C   1 
ATOM   1030 O O   . GLY A 1 146 ? -3.485  -14.729 -0.084  1.00 26.21 ? 194 GLY A O   1 
ATOM   1031 N N   . TRP A 1 147 ? -3.803  -13.946 -2.158  1.00 28.03 ? 195 TRP A N   1 
ATOM   1032 C CA  . TRP A 1 147 ? -4.730  -12.874 -1.757  1.00 30.33 ? 195 TRP A CA  1 
ATOM   1033 C C   . TRP A 1 147 ? -6.023  -13.456 -1.160  1.00 31.77 ? 195 TRP A C   1 
ATOM   1034 O O   . TRP A 1 147 ? -6.690  -12.810 -0.375  1.00 29.32 ? 195 TRP A O   1 
ATOM   1035 C CB  . TRP A 1 147 ? -4.999  -11.968 -2.949  1.00 30.86 ? 195 TRP A CB  1 
ATOM   1036 C CG  . TRP A 1 147 ? -3.855  -11.040 -3.229  1.00 30.84 ? 195 TRP A CG  1 
ATOM   1037 C CD1 . TRP A 1 147 ? -2.916  -11.136 -4.231  1.00 32.33 ? 195 TRP A CD1 1 
ATOM   1038 C CD2 . TRP A 1 147 ? -3.524  -9.868  -2.474  1.00 31.55 ? 195 TRP A CD2 1 
ATOM   1039 N NE1 . TRP A 1 147 ? -2.052  -10.081 -4.159  1.00 30.84 ? 195 TRP A NE1 1 
ATOM   1040 C CE2 . TRP A 1 147 ? -2.378  -9.300  -3.074  1.00 30.82 ? 195 TRP A CE2 1 
ATOM   1041 C CE3 . TRP A 1 147 ? -4.063  -9.258  -1.335  1.00 28.52 ? 195 TRP A CE3 1 
ATOM   1042 C CZ2 . TRP A 1 147 ? -1.801  -8.129  -2.594  1.00 31.18 ? 195 TRP A CZ2 1 
ATOM   1043 C CZ3 . TRP A 1 147 ? -3.483  -8.095  -0.871  1.00 29.70 ? 195 TRP A CZ3 1 
ATOM   1044 C CH2 . TRP A 1 147 ? -2.370  -7.531  -1.494  1.00 28.95 ? 195 TRP A CH2 1 
ATOM   1045 N N   . ASP A 1 148 ? -6.361  -14.696 -1.510  1.00 28.97 ? 196 ASP A N   1 
ATOM   1046 C CA  . ASP A 1 148 ? -7.492  -15.368 -0.856  1.00 30.84 ? 196 ASP A CA  1 
ATOM   1047 C C   . ASP A 1 148 ? -7.271  -15.451 0.667   1.00 31.40 ? 196 ASP A C   1 
ATOM   1048 O O   . ASP A 1 148 ? -8.228  -15.291 1.439   1.00 29.27 ? 196 ASP A O   1 
ATOM   1049 C CB  . ASP A 1 148 ? -7.752  -16.742 -1.446  1.00 29.00 ? 196 ASP A CB  1 
ATOM   1050 C CG  . ASP A 1 148 ? -8.328  -16.708 -2.853  1.00 34.20 ? 196 ASP A CG  1 
ATOM   1051 O OD1 . ASP A 1 148 ? -8.899  -15.665 -3.258  1.00 35.15 ? 196 ASP A OD1 1 
ATOM   1052 O OD2 . ASP A 1 148 ? -8.165  -17.704 -3.545  1.00 40.79 ? 196 ASP A OD2 1 
ATOM   1053 N N   . ALA A 1 149 ? -6.017  -15.664 1.113   1.00 31.69 ? 197 ALA A N   1 
ATOM   1054 C CA  . ALA A 1 149 ? -5.764  -15.821 2.551   1.00 27.22 ? 197 ALA A CA  1 
ATOM   1055 C C   . ALA A 1 149 ? -5.801  -14.445 3.210   1.00 25.92 ? 197 ALA A C   1 
ATOM   1056 O O   . ALA A 1 149 ? -6.109  -14.340 4.398   1.00 24.35 ? 197 ALA A O   1 
ATOM   1057 C CB  . ALA A 1 149 ? -4.454  -16.532 2.843   1.00 29.96 ? 197 ALA A CB  1 
ATOM   1058 N N   . PHE A 1 150 ? -5.407  -13.407 2.465   1.00 24.52 ? 198 PHE A N   1 
ATOM   1059 C CA  . PHE A 1 150 ? -5.555  -12.017 2.941   1.00 24.53 ? 198 PHE A CA  1 
ATOM   1060 C C   . PHE A 1 150 ? -7.024  -11.706 3.288   1.00 25.95 ? 198 PHE A C   1 
ATOM   1061 O O   . PHE A 1 150 ? -7.334  -11.103 4.323   1.00 22.88 ? 198 PHE A O   1 
ATOM   1062 C CB  . PHE A 1 150 ? -5.024  -11.035 1.899   1.00 25.00 ? 198 PHE A CB  1 
ATOM   1063 C CG  . PHE A 1 150 ? -5.312  -9.590  2.189   1.00 23.62 ? 198 PHE A CG  1 
ATOM   1064 C CD1 . PHE A 1 150 ? -4.629  -8.921  3.195   1.00 27.73 ? 198 PHE A CD1 1 
ATOM   1065 C CD2 . PHE A 1 150 ? -6.260  -8.904  1.454   1.00 25.83 ? 198 PHE A CD2 1 
ATOM   1066 C CE1 . PHE A 1 150 ? -4.865  -7.584  3.428   1.00 27.99 ? 198 PHE A CE1 1 
ATOM   1067 C CE2 . PHE A 1 150 ? -6.531  -7.581  1.727   1.00 23.55 ? 198 PHE A CE2 1 
ATOM   1068 C CZ  . PHE A 1 150 ? -5.834  -6.926  2.713   1.00 26.22 ? 198 PHE A CZ  1 
ATOM   1069 N N   . VAL A 1 151 ? -7.930  -12.038 2.367   1.00 23.15 ? 199 VAL A N   1 
ATOM   1070 C CA  . VAL A 1 151 ? -9.350  -11.736 2.502   1.00 23.01 ? 199 VAL A CA  1 
ATOM   1071 C C   . VAL A 1 151 ? -9.937  -12.531 3.691   1.00 24.31 ? 199 VAL A C   1 
ATOM   1072 O O   . VAL A 1 151 ? -10.630 -11.961 4.480   1.00 23.65 ? 199 VAL A O   1 
ATOM   1073 C CB  . VAL A 1 151 ? -10.099 -12.012 1.181   1.00 23.38 ? 199 VAL A CB  1 
ATOM   1074 C CG1 . VAL A 1 151 ? -11.591 -11.927 1.386   1.00 25.39 ? 199 VAL A CG1 1 
ATOM   1075 C CG2 . VAL A 1 151 ? -9.695  -11.017 0.094   1.00 25.92 ? 199 VAL A CG2 1 
ATOM   1076 N N   . GLU A 1 152 ? -9.553  -13.802 3.840   1.00 23.13 ? 200 GLU A N   1 
ATOM   1077 C CA  . GLU A 1 152 ? -9.924  -14.674 4.960   1.00 24.45 ? 200 GLU A CA  1 
ATOM   1078 C C   . GLU A 1 152 ? -9.489  -14.016 6.278   1.00 26.04 ? 200 GLU A C   1 
ATOM   1079 O O   . GLU A 1 152 ? -10.301 -13.907 7.209   1.00 28.63 ? 200 GLU A O   1 
ATOM   1080 C CB  . GLU A 1 152 ? -9.330  -16.064 4.773   1.00 25.07 ? 200 GLU A CB  1 
ATOM   1081 C CG  . GLU A 1 152 ? -9.533  -16.944 5.999   1.00 30.75 ? 200 GLU A CG  1 
ATOM   1082 C CD  . GLU A 1 152 ? -8.831  -18.283 5.954   1.00 32.15 ? 200 GLU A CD  1 
ATOM   1083 O OE1 . GLU A 1 152 ? -8.064  -18.519 5.004   1.00 35.41 ? 200 GLU A OE1 1 
ATOM   1084 O OE2 . GLU A 1 152 ? -9.136  -19.095 6.824   1.00 32.49 ? 200 GLU A OE2 1 
ATOM   1085 N N   . LEU A 1 153 ? -8.251  -13.522 6.345   1.00 27.50 ? 201 LEU A N   1 
ATOM   1086 C CA  . LEU A 1 153 ? -7.714  -12.909 7.569   1.00 27.73 ? 201 LEU A CA  1 
ATOM   1087 C C   . LEU A 1 153 ? -8.492  -11.631 7.925   1.00 25.16 ? 201 LEU A C   1 
ATOM   1088 O O   . LEU A 1 153 ? -8.792  -11.377 9.069   1.00 26.78 ? 201 LEU A O   1 
ATOM   1089 C CB  . LEU A 1 153 ? -6.240  -12.541 7.367   1.00 30.33 ? 201 LEU A CB  1 
ATOM   1090 C CG  . LEU A 1 153 ? -5.602  -11.778 8.517   1.00 37.82 ? 201 LEU A CG  1 
ATOM   1091 C CD1 . LEU A 1 153 ? -5.600  -12.637 9.768   1.00 41.60 ? 201 LEU A CD1 1 
ATOM   1092 C CD2 . LEU A 1 153 ? -4.170  -11.374 8.162   1.00 43.08 ? 201 LEU A CD2 1 
ATOM   1093 N N   . TYR A 1 154 ? -8.755  -10.787 6.936   1.00 22.91 ? 202 TYR A N   1 
ATOM   1094 C CA  . TYR A 1 154 ? -9.503  -9.593  7.119   1.00 24.06 ? 202 TYR A CA  1 
ATOM   1095 C C   . TYR A 1 154 ? -10.878 -9.920  7.738   1.00 23.15 ? 202 TYR A C   1 
ATOM   1096 O O   . TYR A 1 154 ? -11.335 -9.249  8.717   1.00 23.00 ? 202 TYR A O   1 
ATOM   1097 C CB  . TYR A 1 154 ? -9.747  -8.881  5.783   1.00 25.49 ? 202 TYR A CB  1 
ATOM   1098 C CG  . TYR A 1 154 ? -10.417 -7.564  6.004   1.00 24.55 ? 202 TYR A CG  1 
ATOM   1099 C CD1 . TYR A 1 154 ? -9.689  -6.485  6.447   1.00 26.85 ? 202 TYR A CD1 1 
ATOM   1100 C CD2 . TYR A 1 154 ? -11.782 -7.404  5.835   1.00 25.96 ? 202 TYR A CD2 1 
ATOM   1101 C CE1 . TYR A 1 154 ? -10.292 -5.275  6.711   1.00 33.73 ? 202 TYR A CE1 1 
ATOM   1102 C CE2 . TYR A 1 154 ? -12.409 -6.187  6.104   1.00 32.70 ? 202 TYR A CE2 1 
ATOM   1103 C CZ  . TYR A 1 154 ? -11.653 -5.122  6.545   1.00 34.55 ? 202 TYR A CZ  1 
ATOM   1104 O OH  . TYR A 1 154 ? -12.181 -3.890  6.798   1.00 42.49 ? 202 TYR A OH  1 
ATOM   1105 N N   . GLY A 1 155 ? -11.547 -10.939 7.206   1.00 21.54 ? 203 GLY A N   1 
ATOM   1106 C CA  . GLY A 1 155 ? -12.871 -11.327 7.760   1.00 24.04 ? 203 GLY A CA  1 
ATOM   1107 C C   . GLY A 1 155 ? -12.818 -11.765 9.222   1.00 23.98 ? 203 GLY A C   1 
ATOM   1108 O O   . GLY A 1 155 ? -13.766 -11.551 9.980   1.00 22.76 ? 203 GLY A O   1 
ATOM   1109 N N   . ASN A 1 156 ? -11.760 -12.477 9.614   1.00 26.83 ? 204 ASN A N   1 
ATOM   1110 C CA  . ASN A 1 156 ? -11.638 -12.989 10.960  1.00 27.63 ? 204 ASN A CA  1 
ATOM   1111 C C   . ASN A 1 156 ? -11.368 -11.842 11.953  1.00 30.32 ? 204 ASN A C   1 
ATOM   1112 O O   . ASN A 1 156 ? -10.635 -10.853 11.676  1.00 29.87 ? 204 ASN A O   1 
ATOM   1113 C CB  . ASN A 1 156 ? -10.611 -14.132 11.011  1.00 32.04 ? 204 ASN A CB  1 
ATOM   1114 C CG  . ASN A 1 156 ? -11.207 -15.417 10.479  1.00 37.73 ? 204 ASN A CG  1 
ATOM   1115 O OD1 . ASN A 1 156 ? -12.428 -15.601 10.460  1.00 47.51 ? 204 ASN A OD1 1 
ATOM   1116 N ND2 . ASN A 1 156 ? -10.364 -16.300 10.005  1.00 42.67 ? 204 ASN A ND2 1 
ATOM   1117 N N   . ASN A 1 157 ? -11.972 -11.972 13.139  1.00 30.31 ? 205 ASN A N   1 
ATOM   1118 C CA  A ASN A 1 157 ? -11.778 -11.009 14.235  0.50 37.04 ? 205 ASN A CA  1 
ATOM   1119 C CA  B ASN A 1 157 ? -11.772 -11.025 14.254  0.50 38.10 ? 205 ASN A CA  1 
ATOM   1120 C C   . ASN A 1 157 ? -10.370 -11.269 14.845  1.00 42.12 ? 205 ASN A C   1 
ATOM   1121 O O   . ASN A 1 157 ? -9.695  -12.349 14.596  1.00 42.22 ? 205 ASN A O   1 
ATOM   1122 C CB  A ASN A 1 157 ? -13.025 -11.002 15.151  0.50 37.31 ? 205 ASN A CB  1 
ATOM   1123 C CB  B ASN A 1 157 ? -12.929 -11.081 15.268  0.50 40.02 ? 205 ASN A CB  1 
ATOM   1124 C CG  A ASN A 1 157 ? -14.339 -10.719 14.433  0.50 36.44 ? 205 ASN A CG  1 
ATOM   1125 C CG  B ASN A 1 157 ? -12.969 -12.359 16.088  0.50 39.36 ? 205 ASN A CG  1 
ATOM   1126 O OD1 A ASN A 1 157 ? -14.382 -10.571 13.210  0.50 44.13 ? 205 ASN A OD1 1 
ATOM   1127 O OD1 B ASN A 1 157 ? -11.931 -12.906 16.439  0.50 39.24 ? 205 ASN A OD1 1 
ATOM   1128 N ND2 A ASN A 1 157 ? -15.442 -10.623 15.162  0.50 33.14 ? 205 ASN A ND2 1 
ATOM   1129 N ND2 B ASN A 1 157 ? -14.164 -12.860 16.367  0.50 43.40 ? 205 ASN A ND2 1 
ATOM   1130 N N   . ALA A 1 158 ? -9.839  -10.282 15.591  1.00 37.65 ? 206 ALA A N   1 
ATOM   1131 C CA  . ALA A 1 158 ? -8.433  -10.306 16.060  1.00 40.84 ? 206 ALA A CA  1 
ATOM   1132 C C   . ALA A 1 158 ? -8.089  -11.654 16.703  1.00 37.22 ? 206 ALA A C   1 
ATOM   1133 O O   . ALA A 1 158 ? -6.999  -12.216 16.472  1.00 41.16 ? 206 ALA A O   1 
ATOM   1134 C CB  . ALA A 1 158 ? -8.169  -9.181  17.041  1.00 40.11 ? 206 ALA A CB  1 
ATOM   1135 N N   . ALA A 1 159 ? -8.988  -12.150 17.564  1.00 36.72 ? 207 ALA A N   1 
ATOM   1136 C CA  . ALA A 1 159 ? -8.710  -13.399 18.303  1.00 40.60 ? 207 ALA A CA  1 
ATOM   1137 C C   . ALA A 1 159 ? -8.579  -14.568 17.315  1.00 37.89 ? 207 ALA A C   1 
ATOM   1138 O O   . ALA A 1 159 ? -7.714  -15.446 17.519  1.00 43.25 ? 207 ALA A O   1 
ATOM   1139 C CB  . ALA A 1 159 ? -9.753  -13.654 19.372  1.00 39.78 ? 207 ALA A CB  1 
ATOM   1140 N N   . ALA A 1 160 ? -9.435  -14.576 16.276  1.00 39.27 ? 208 ALA A N   1 
ATOM   1141 C CA  . ALA A 1 160 ? -9.488  -15.643 15.249  1.00 39.84 ? 208 ALA A CA  1 
ATOM   1142 C C   . ALA A 1 160 ? -8.283  -15.580 14.292  1.00 37.04 ? 208 ALA A C   1 
ATOM   1143 O O   . ALA A 1 160 ? -7.815  -16.612 13.793  1.00 39.23 ? 208 ALA A O   1 
ATOM   1144 C CB  . ALA A 1 160 ? -10.801 -15.544 14.507  1.00 44.52 ? 208 ALA A CB  1 
ATOM   1145 N N   . GLU A 1 161 ? -7.774  -14.368 14.027  1.00 37.04 ? 209 GLU A N   1 
ATOM   1146 C CA  . GLU A 1 161 ? -6.585  -14.150 13.197  1.00 37.27 ? 209 GLU A CA  1 
ATOM   1147 C C   . GLU A 1 161 ? -5.352  -14.732 13.911  1.00 42.10 ? 209 GLU A C   1 
ATOM   1148 O O   . GLU A 1 161 ? -4.508  -15.400 13.281  1.00 40.38 ? 209 GLU A O   1 
ATOM   1149 C CB  . GLU A 1 161 ? -6.393  -12.653 12.957  1.00 38.19 ? 209 GLU A CB  1 
ATOM   1150 C CG  . GLU A 1 161 ? -7.497  -12.008 12.123  1.00 37.30 ? 209 GLU A CG  1 
ATOM   1151 C CD  . GLU A 1 161 ? -7.388  -10.503 11.980  1.00 44.56 ? 209 GLU A CD  1 
ATOM   1152 O OE1 . GLU A 1 161 ? -6.751  -9.869  12.882  1.00 41.52 ? 209 GLU A OE1 1 
ATOM   1153 O OE2 . GLU A 1 161 ? -7.959  -9.950  10.981  1.00 44.75 ? 209 GLU A OE2 1 
ATOM   1154 N N   . SER A 1 162 ? -5.207  -14.454 15.218  1.00 39.02 ? 210 SER A N   1 
ATOM   1155 C CA  . SER A 1 162 ? -4.067  -15.058 15.979  1.00 44.55 ? 210 SER A CA  1 
ATOM   1156 C C   . SER A 1 162 ? -4.163  -16.598 15.948  1.00 45.73 ? 210 SER A C   1 
ATOM   1157 O O   . SER A 1 162 ? -3.155  -17.272 15.738  1.00 46.80 ? 210 SER A O   1 
ATOM   1158 C CB  . SER A 1 162 ? -3.991  -14.535 17.398  1.00 49.71 ? 210 SER A CB  1 
ATOM   1159 O OG  . SER A 1 162 ? -3.960  -13.110 17.423  1.00 49.66 ? 210 SER A OG  1 
ATOM   1160 N N   . ARG A 1 163 ? -5.375  -17.154 16.146  1.00 49.87 ? 211 ARG A N   1 
ATOM   1161 C CA  . ARG A 1 163 ? -5.582  -18.633 16.154  1.00 55.73 ? 211 ARG A CA  1 
ATOM   1162 C C   . ARG A 1 163 ? -5.171  -19.243 14.804  1.00 58.29 ? 211 ARG A C   1 
ATOM   1163 O O   . ARG A 1 163 ? -4.449  -20.260 14.778  1.00 63.73 ? 211 ARG A O   1 
ATOM   1164 C CB  . ARG A 1 163 ? -7.035  -19.000 16.494  1.00 54.75 ? 211 ARG A CB  1 
ATOM   1165 C CG  . ARG A 1 163 ? -7.268  -19.202 17.986  1.00 58.70 ? 211 ARG A CG  1 
ATOM   1166 C CD  . ARG A 1 163 ? -8.654  -19.694 18.368  1.00 55.62 ? 211 ARG A CD  1 
ATOM   1167 N NE  . ARG A 1 163 ? -9.691  -18.694 18.179  1.00 51.40 ? 211 ARG A NE  1 
ATOM   1168 C CZ  . ARG A 1 163 ? -10.165 -17.891 19.134  1.00 57.71 ? 211 ARG A CZ  1 
ATOM   1169 N NH1 . ARG A 1 163 ? -9.566  -17.821 20.313  1.00 49.29 ? 211 ARG A NH1 1 
ATOM   1170 N NH2 . ARG A 1 163 ? -11.246 -17.167 18.899  1.00 54.45 ? 211 ARG A NH2 1 
ATOM   1171 N N   . LYS A 1 164 ? -5.621  -18.629 13.696  1.00 56.15 ? 212 LYS A N   1 
ATOM   1172 C CA  . LYS A 1 164 ? -5.313  -19.129 12.319  1.00 58.81 ? 212 LYS A CA  1 
ATOM   1173 C C   . LYS A 1 164 ? -3.789  -19.171 12.069  1.00 61.67 ? 212 LYS A C   1 
ATOM   1174 O O   . LYS A 1 164 ? -3.274  -20.160 11.526  1.00 55.71 ? 212 LYS A O   1 
ATOM   1175 C CB  . LYS A 1 164 ? -6.029  -18.277 11.265  1.00 57.95 ? 212 LYS A CB  1 
ATOM   1176 N N   . GLY A 1 165 ? -3.065  -18.101 12.438  1.00 59.60 ? 213 GLY A N   1 
ATOM   1177 C CA  . GLY A 1 165 ? -1.595  -18.049 12.295  1.00 59.25 ? 213 GLY A CA  1 
ATOM   1178 C C   . GLY A 1 165 ? -0.907  -19.150 13.098  1.00 59.27 ? 213 GLY A C   1 
ATOM   1179 O O   . GLY A 1 165 ? -0.018  -19.865 12.593  1.00 51.00 ? 213 GLY A O   1 
ATOM   1180 N N   . GLN A 1 166 ? -1.361  -19.317 14.348  1.00 60.18 ? 214 GLN A N   1 
ATOM   1181 C CA  . GLN A 1 166 ? -0.783  -20.284 15.310  1.00 64.37 ? 214 GLN A CA  1 
ATOM   1182 C C   . GLN A 1 166 ? -1.054  -21.735 14.873  1.00 67.69 ? 214 GLN A C   1 
ATOM   1183 O O   . GLN A 1 166 ? -1.913  -22.028 14.024  1.00 68.15 ? 214 GLN A O   1 
ATOM   1184 C CB  . GLN A 1 166 ? -1.342  -20.009 16.709  1.00 63.36 ? 214 GLN A CB  1 
ATOM   1185 C CG  . GLN A 1 166 ? -0.479  -19.056 17.529  1.00 63.45 ? 214 GLN A CG  1 
ATOM   1186 C CD  . GLN A 1 166 ? -1.273  -17.956 18.199  1.00 65.02 ? 214 GLN A CD  1 
ATOM   1187 O OE1 . GLN A 1 166 ? -2.293  -18.218 18.855  1.00 47.78 ? 214 GLN A OE1 1 
ATOM   1188 N NE2 . GLN A 1 166 ? -0.813  -16.711 18.020  1.00 52.16 ? 214 GLN A NE2 1 
HETATM 1189 C C63 . J1T B 2 .   ? -11.949 -7.929  11.827  1.00 47.10 ? 301 J1T A C63 1 
HETATM 1190 C C64 . J1T B 2 .   ? -13.304 -8.475  11.407  1.00 46.24 ? 301 J1T A C64 1 
HETATM 1191 O O65 . J1T B 2 .   ? -14.105 -7.570  10.527  1.00 40.07 ? 301 J1T A O65 1 
HETATM 1192 C C66 . J1T B 2 .   ? -13.372 -6.769  9.545   1.00 46.00 ? 301 J1T A C66 1 
HETATM 1193 C C67 . J1T B 2 .   ? -11.999 -6.208  10.012  1.00 52.43 ? 301 J1T A C67 1 
HETATM 1194 N N62 . J1T B 2 .   ? -11.217 -7.219  10.755  1.00 52.88 ? 301 J1T A N62 1 
HETATM 1195 C C61 . J1T B 2 .   ? -10.039 -6.614  11.404  1.00 50.15 ? 301 J1T A C61 1 
HETATM 1196 C C52 . J1T B 2 .   ? -8.920  -6.508  10.348  1.00 50.77 ? 301 J1T A C52 1 
HETATM 1197 C C51 . J1T B 2 .   ? -7.485  -6.621  10.903  1.00 48.86 ? 301 J1T A C51 1 
HETATM 1198 C C53 . J1T B 2 .   ? -6.998  -5.415  11.732  1.00 47.32 ? 301 J1T A C53 1 
HETATM 1199 S S54 . J1T B 2 .   ? -7.082  -3.962  10.631  1.00 47.60 ? 301 J1T A S54 1 
HETATM 1200 C C55 . J1T B 2 .   ? -5.330  -3.722  10.201  1.00 46.79 ? 301 J1T A C55 1 
HETATM 1201 C C56 . J1T B 2 .   ? -5.013  -3.339  8.893   1.00 41.33 ? 301 J1T A C56 1 
HETATM 1202 C C57 . J1T B 2 .   ? -3.710  -3.122  8.435   1.00 37.48 ? 301 J1T A C57 1 
HETATM 1203 C C58 . J1T B 2 .   ? -2.617  -3.274  9.279   1.00 38.04 ? 301 J1T A C58 1 
HETATM 1204 C C59 . J1T B 2 .   ? -2.914  -3.650  10.591  1.00 47.40 ? 301 J1T A C59 1 
HETATM 1205 C C60 . J1T B 2 .   ? -4.222  -3.869  11.037  1.00 47.87 ? 301 J1T A C60 1 
HETATM 1206 N N50 . J1T B 2 .   ? -6.546  -6.773  9.781   1.00 37.14 ? 301 J1T A N50 1 
HETATM 1207 C C40 . J1T B 2 .   ? -5.226  -7.099  10.097  1.00 40.45 ? 301 J1T A C40 1 
HETATM 1208 C C41 . J1T B 2 .   ? -4.345  -7.221  9.036   1.00 41.19 ? 301 J1T A C41 1 
HETATM 1209 C C42 . J1T B 2 .   ? -3.022  -7.546  9.256   1.00 36.06 ? 301 J1T A C42 1 
HETATM 1210 S S43 . J1T B 2 .   ? -4.887  -6.967  7.400   1.00 35.59 ? 301 J1T A S43 1 
HETATM 1211 O O48 . J1T B 2 .   ? -5.888  -5.884  7.406   1.00 36.61 ? 301 J1T A O48 1 
HETATM 1212 O O49 . J1T B 2 .   ? -3.654  -6.778  6.566   1.00 36.67 ? 301 J1T A O49 1 
HETATM 1213 C C44 . J1T B 2 .   ? -5.666  -8.556  6.935   1.00 45.65 ? 301 J1T A C44 1 
HETATM 1214 F F46 . J1T B 2 .   ? -6.388  -8.868  8.009   1.00 43.17 ? 301 J1T A F46 1 
HETATM 1215 F F47 . J1T B 2 .   ? -4.715  -9.484  6.761   1.00 48.57 ? 301 J1T A F47 1 
HETATM 1216 F F45 . J1T B 2 .   ? -6.369  -8.522  5.800   1.00 40.02 ? 301 J1T A F45 1 
HETATM 1217 C C39 . J1T B 2 .   ? -4.788  -7.303  11.413  1.00 40.85 ? 301 J1T A C39 1 
HETATM 1218 C C38 . J1T B 2 .   ? -3.460  -7.634  11.674  1.00 37.03 ? 301 J1T A C38 1 
HETATM 1219 C C37 . J1T B 2 .   ? -2.615  -7.744  10.572  1.00 37.21 ? 301 J1T A C37 1 
HETATM 1220 S S34 . J1T B 2 .   ? -0.954  -8.148  10.731  1.00 31.01 ? 301 J1T A S34 1 
HETATM 1221 O O35 . J1T B 2 .   ? -0.630  -9.049  9.589   1.00 31.20 ? 301 J1T A O35 1 
HETATM 1222 O O36 . J1T B 2 .   ? -0.802  -9.026  11.949  1.00 32.56 ? 301 J1T A O36 1 
HETATM 1223 N N32 . J1T B 2 .   ? -0.030  -6.908  10.667  1.00 29.27 ? 301 J1T A N32 1 
HETATM 1224 C C31 . J1T B 2 .   ? -0.103  -6.064  11.672  1.00 31.31 ? 301 J1T A C31 1 
HETATM 1225 O O33 . J1T B 2 .   ? -0.940  -6.313  12.520  1.00 32.56 ? 301 J1T A O33 1 
HETATM 1226 C C5  . J1T B 2 .   ? 0.719   -4.797  11.532  1.00 29.84 ? 301 J1T A C5  1 
HETATM 1227 C C6  . J1T B 2 .   ? 1.648   -4.669  10.509  1.00 28.03 ? 301 J1T A C6  1 
HETATM 1228 C C1  . J1T B 2 .   ? 2.411   -3.515  10.361  1.00 29.25 ? 301 J1T A C1  1 
HETATM 1229 C C4  . J1T B 2 .   ? 0.568   -3.726  12.410  1.00 31.10 ? 301 J1T A C4  1 
HETATM 1230 C C3  . J1T B 2 .   ? 1.326   -2.570  12.275  1.00 28.05 ? 301 J1T A C3  1 
HETATM 1231 C C2  . J1T B 2 .   ? 2.260   -2.457  11.242  1.00 31.63 ? 301 J1T A C2  1 
HETATM 1232 C C7  . J1T B 2 .   ? 3.095   -1.248  11.035  1.00 33.70 ? 301 J1T A C7  1 
HETATM 1233 C C12 . J1T B 2 .   ? 2.687   -0.062  11.626  1.00 36.85 ? 301 J1T A C12 1 
HETATM 1234 C C11 . J1T B 2 .   ? 3.431   1.101   11.456  1.00 38.57 ? 301 J1T A C11 1 
HETATM 1235 C C8  . J1T B 2 .   ? 4.261   -1.210  10.277  1.00 39.94 ? 301 J1T A C8  1 
HETATM 1236 C C9  . J1T B 2 .   ? 5.022   -0.058  10.096  1.00 36.35 ? 301 J1T A C9  1 
HETATM 1237 C C10 . J1T B 2 .   ? 4.596   1.115   10.701  1.00 41.20 ? 301 J1T A C10 1 
HETATM 1238 C C13 . J1T B 2 .   ? 5.355   2.434   10.559  1.00 47.26 ? 301 J1T A C13 1 
HETATM 1239 C C14 . J1T B 2 .   ? 6.786   2.505   11.061  1.00 52.98 ? 301 J1T A C14 1 
HETATM 1240 N N16 . J1T B 2 .   ? 6.706   3.241   12.325  1.00 67.71 ? 301 J1T A N16 1 
HETATM 1241 C C17 . J1T B 2 .   ? 7.136   4.617   12.044  1.00 70.95 ? 301 J1T A C17 1 
HETATM 1242 C C18 . J1T B 2 .   ? 8.647   4.543   12.281  1.00 78.79 ? 301 J1T A C18 1 
HETATM 1243 C C19 . J1T B 2 .   ? 8.929   3.070   12.612  1.00 76.46 ? 301 J1T A C19 1 
HETATM 1244 C C20 . J1T B 2 .   ? 7.631   2.618   13.278  1.00 71.30 ? 301 J1T A C20 1 
HETATM 1245 C C15 . J1T B 2 .   ? 5.157   2.823   9.094   1.00 48.91 ? 301 J1T A C15 1 
HETATM 1246 C C23 . J1T B 2 .   ? 4.001   3.570   8.901   1.00 53.72 ? 301 J1T A C23 1 
HETATM 1247 C C26 . J1T B 2 .   ? 3.700   3.990   7.613   1.00 57.55 ? 301 J1T A C26 1 
HETATM 1248 O O30 . J1T B 2 .   ? 2.618   4.740   7.149   1.00 61.18 ? 301 J1T A O30 1 
HETATM 1249 C C29 . J1T B 2 .   ? 2.554   4.364   5.729   1.00 62.97 ? 301 J1T A C29 1 
HETATM 1250 O O28 . J1T B 2 .   ? 3.986   4.210   5.420   1.00 63.55 ? 301 J1T A O28 1 
HETATM 1251 C C27 . J1T B 2 .   ? 4.548   3.656   6.562   1.00 56.79 ? 301 J1T A C27 1 
HETATM 1252 C C22 . J1T B 2 .   ? 5.706   2.909   6.720   1.00 49.69 ? 301 J1T A C22 1 
HETATM 1253 C C21 . J1T B 2 .   ? 5.998   2.499   8.021   1.00 55.70 ? 301 J1T A C21 1 
HETATM 1254 O O24 . J1T B 2 .   ? 7.130   1.766   8.213   1.00 59.07 ? 301 J1T A O24 1 
HETATM 1255 C C25 . J1T B 2 .   ? 8.346   2.178   7.544   1.00 54.87 ? 301 J1T A C25 1 
HETATM 1256 O O   . HOH C 3 .   ? -13.872 -7.859  11.391  1.00 89.15 ? 401 HOH A O   1 
HETATM 1257 O O   . HOH C 3 .   ? 7.729   18.172  -1.302  1.00 45.19 ? 402 HOH A O   1 
HETATM 1258 O O   . HOH C 3 .   ? 11.457  12.462  -1.810  1.00 45.14 ? 403 HOH A O   1 
HETATM 1259 O O   . HOH C 3 .   ? -6.500  9.378   -0.607  1.00 52.97 ? 404 HOH A O   1 
HETATM 1260 O O   . HOH C 3 .   ? 9.226   -7.603  -12.265 1.00 53.14 ? 405 HOH A O   1 
HETATM 1261 O O   . HOH C 3 .   ? 13.010  -5.192  -8.462  1.00 35.24 ? 406 HOH A O   1 
HETATM 1262 O O   . HOH C 3 .   ? -5.000  -9.138  14.447  1.00 43.37 ? 407 HOH A O   1 
HETATM 1263 O O   . HOH C 3 .   ? 2.340   -11.096 10.939  1.00 60.44 ? 408 HOH A O   1 
HETATM 1264 O O   . HOH C 3 .   ? 9.067   18.953  8.974   1.00 52.75 ? 409 HOH A O   1 
HETATM 1265 O O   . HOH C 3 .   ? 1.629   -13.673 -5.807  1.00 65.45 ? 410 HOH A O   1 
HETATM 1266 O O   . HOH C 3 .   ? 13.119  -0.510  -1.346  1.00 42.36 ? 411 HOH A O   1 
HETATM 1267 O O   . HOH C 3 .   ? -10.694 -18.555 8.880   1.00 49.21 ? 412 HOH A O   1 
HETATM 1268 O O   . HOH C 3 .   ? 11.797  17.317  7.658   1.00 45.77 ? 413 HOH A O   1 
HETATM 1269 O O   . HOH C 3 .   ? 12.925  -5.005  0.601   1.00 33.17 ? 414 HOH A O   1 
HETATM 1270 O O   . HOH C 3 .   ? -1.527  -15.905 5.085   1.00 29.79 ? 415 HOH A O   1 
HETATM 1271 O O   . HOH C 3 .   ? -4.870  -10.631 16.715  1.00 47.15 ? 416 HOH A O   1 
HETATM 1272 O O   . HOH C 3 .   ? 8.542   -12.556 -1.553  1.00 30.71 ? 417 HOH A O   1 
HETATM 1273 O O   . HOH C 3 .   ? -6.565  -15.582 19.927  1.00 35.20 ? 418 HOH A O   1 
HETATM 1274 O O   . HOH C 3 .   ? -6.026  -16.436 6.058   1.00 35.02 ? 419 HOH A O   1 
HETATM 1275 O O   . HOH C 3 .   ? -5.459  -19.779 0.522   1.00 36.32 ? 420 HOH A O   1 
HETATM 1276 O O   . HOH C 3 .   ? -17.644 -4.129  3.157   1.00 41.89 ? 421 HOH A O   1 
HETATM 1277 O O   . HOH C 3 .   ? -19.240 -4.035  -0.724  1.00 46.71 ? 422 HOH A O   1 
HETATM 1278 O O   . HOH C 3 .   ? -10.788 -15.969 0.885   1.00 32.92 ? 423 HOH A O   1 
HETATM 1279 O O   . HOH C 3 .   ? -6.397  -2.962  -5.708  1.00 41.05 ? 424 HOH A O   1 
HETATM 1280 O O   . HOH C 3 .   ? -12.835 -14.903 7.437   1.00 24.61 ? 425 HOH A O   1 
HETATM 1281 O O   . HOH C 3 .   ? -13.017 -15.480 17.657  1.00 50.40 ? 426 HOH A O   1 
HETATM 1282 O O   . HOH C 3 .   ? -14.154 -6.582  2.170   1.00 32.48 ? 427 HOH A O   1 
HETATM 1283 O O   . HOH C 3 .   ? 1.988   10.157  -14.005 1.00 41.24 ? 428 HOH A O   1 
HETATM 1284 O O   . HOH C 3 .   ? 13.804  9.853   -8.185  1.00 27.92 ? 429 HOH A O   1 
HETATM 1285 O O   . HOH C 3 .   ? -7.121  -18.326 21.475  1.00 50.48 ? 430 HOH A O   1 
HETATM 1286 O O   . HOH C 3 .   ? -7.860  -18.418 2.251   1.00 38.65 ? 431 HOH A O   1 
HETATM 1287 O O   . HOH C 3 .   ? 10.443  -1.144  -6.956  1.00 29.77 ? 432 HOH A O   1 
HETATM 1288 O O   . HOH C 3 .   ? 13.626  -4.824  3.094   1.00 38.44 ? 433 HOH A O   1 
HETATM 1289 O O   . HOH C 3 .   ? -0.547  12.538  2.635   1.00 44.71 ? 434 HOH A O   1 
HETATM 1290 O O   . HOH C 3 .   ? -7.361  2.402   1.037   1.00 30.84 ? 435 HOH A O   1 
HETATM 1291 O O   . HOH C 3 .   ? 9.943   -8.120  0.610   1.00 39.99 ? 436 HOH A O   1 
HETATM 1292 O O   . HOH C 3 .   ? 17.248  7.770   1.807   1.00 54.10 ? 437 HOH A O   1 
HETATM 1293 O O   . HOH C 3 .   ? 9.583   -6.086  8.441   1.00 41.45 ? 438 HOH A O   1 
HETATM 1294 O O   . HOH C 3 .   ? -5.496  -16.170 -3.756  1.00 35.63 ? 439 HOH A O   1 
HETATM 1295 O O   . HOH C 3 .   ? 7.775   19.991  6.181   1.00 33.63 ? 440 HOH A O   1 
HETATM 1296 O O   . HOH C 3 .   ? 8.743   -12.573 -5.221  1.00 38.54 ? 441 HOH A O   1 
HETATM 1297 O O   . HOH C 3 .   ? 11.175  10.465  -11.032 1.00 45.81 ? 442 HOH A O   1 
HETATM 1298 O O   . HOH C 3 .   ? 15.801  9.199   -6.227  1.00 25.64 ? 443 HOH A O   1 
HETATM 1299 O O   . HOH C 3 .   ? -11.092 -14.102 -2.158  1.00 34.16 ? 444 HOH A O   1 
HETATM 1300 O O   . HOH C 3 .   ? 15.067  -6.133  -7.512  1.00 52.25 ? 445 HOH A O   1 
HETATM 1301 O O   . HOH C 3 .   ? -0.751  -19.463 -3.662  1.00 50.98 ? 446 HOH A O   1 
HETATM 1302 O O   . HOH C 3 .   ? -2.806  -7.184  -10.179 1.00 39.48 ? 447 HOH A O   1 
HETATM 1303 O O   . HOH C 3 .   ? 1.238   18.323  -11.902 1.00 48.38 ? 448 HOH A O   1 
HETATM 1304 O O   . HOH C 3 .   ? -3.270  11.231  9.473   1.00 46.82 ? 449 HOH A O   1 
HETATM 1305 O O   . HOH C 3 .   ? -8.038  -1.507  -4.218  1.00 42.85 ? 450 HOH A O   1 
HETATM 1306 O O   . HOH C 3 .   ? -2.300  -7.174  -13.414 1.00 54.14 ? 451 HOH A O   1 
HETATM 1307 O O   . HOH C 3 .   ? -2.874  -14.445 -4.956  1.00 38.99 ? 452 HOH A O   1 
HETATM 1308 O O   . HOH C 3 .   ? 4.157   16.661  -13.393 1.00 47.04 ? 453 HOH A O   1 
HETATM 1309 O O   . HOH C 3 .   ? 15.018  10.383  -0.312  1.00 50.93 ? 454 HOH A O   1 
HETATM 1310 O O   . HOH C 3 .   ? 1.163   -22.518 11.691  1.00 62.20 ? 455 HOH A O   1 
HETATM 1311 O O   . HOH C 3 .   ? -0.422  5.039   7.203   1.00 55.39 ? 456 HOH A O   1 
HETATM 1312 O O   . HOH C 3 .   ? 0.791   6.123   14.405  1.00 41.80 ? 457 HOH A O   1 
HETATM 1313 O O   . HOH C 3 .   ? 18.403  4.518   2.525   1.00 44.93 ? 458 HOH A O   1 
HETATM 1314 O O   . HOH C 3 .   ? 9.391   -11.089 -11.170 1.00 57.48 ? 459 HOH A O   1 
HETATM 1315 O O   . HOH C 3 .   ? -12.621 -6.018  -10.158 1.00 54.77 ? 460 HOH A O   1 
HETATM 1316 O O   . HOH C 3 .   ? 12.012  0.128   -4.798  1.00 37.15 ? 461 HOH A O   1 
HETATM 1317 O O   . HOH C 3 .   ? 10.903  -12.765 8.872   1.00 39.75 ? 462 HOH A O   1 
HETATM 1318 O O   . HOH C 3 .   ? 13.838  17.321  -8.763  1.00 49.31 ? 463 HOH A O   1 
HETATM 1319 O O   . HOH C 3 .   ? -16.593 -14.363 18.032  1.00 54.57 ? 464 HOH A O   1 
HETATM 1320 O O   . HOH C 3 .   ? -18.770 -6.495  2.295   1.00 47.82 ? 465 HOH A O   1 
HETATM 1321 O O   . HOH C 3 .   ? 5.543   6.848   6.779   1.00 51.35 ? 466 HOH A O   1 
HETATM 1322 O O   . HOH C 3 .   ? -12.870 0.322   5.997   1.00 42.04 ? 467 HOH A O   1 
HETATM 1323 O O   . HOH C 3 .   ? 11.482  -8.906  2.476   1.00 50.12 ? 468 HOH A O   1 
HETATM 1324 O O   . HOH C 3 .   ? 11.638  -3.650  -6.472  1.00 32.49 ? 469 HOH A O   1 
HETATM 1325 O O   . HOH C 3 .   ? -13.685 -9.490  18.103  1.00 41.49 ? 470 HOH A O   1 
HETATM 1326 O O   . HOH C 3 .   ? -13.453 -7.829  16.341  1.00 50.92 ? 471 HOH A O   1 
HETATM 1327 O O   . HOH C 3 .   ? 2.810   -22.220 12.746  1.00 56.97 ? 472 HOH A O   1 
HETATM 1328 O O   . HOH C 3 .   ? -14.434 -3.824  10.549  1.00 48.08 ? 473 HOH A O   1 
HETATM 1329 O O   . HOH C 3 .   ? -11.508 -17.341 -1.069  1.00 42.34 ? 474 HOH A O   1 
HETATM 1330 O O   . HOH C 3 .   ? -5.546  -1.482  11.824  1.00 39.97 ? 475 HOH A O   1 
HETATM 1331 O O   . HOH C 3 .   ? -17.024 -9.675  18.575  1.00 54.04 ? 476 HOH A O   1 
HETATM 1332 O O   . HOH C 3 .   ? -11.621 -4.188  13.544  1.00 48.66 ? 477 HOH A O   1 
HETATM 1333 O O   . HOH C 3 .   ? -6.729  -21.109 -1.647  1.00 42.42 ? 478 HOH A O   1 
HETATM 1334 O O   . HOH C 3 .   ? -5.338  -6.257  14.567  1.00 45.72 ? 479 HOH A O   1 
HETATM 1335 O O   . HOH C 3 .   ? 12.476  -13.023 7.046   1.00 54.75 ? 480 HOH A O   1 
HETATM 1336 O O   . HOH C 3 .   ? -9.056  -2.155  13.073  1.00 61.37 ? 481 HOH A O   1 
HETATM 1337 O O   . HOH C 3 .   ? -7.290  -5.836  15.416  1.00 54.15 ? 482 HOH A O   1 
HETATM 1338 O O   . HOH C 3 .   ? -12.508 -4.674  19.015  1.00 58.05 ? 483 HOH A O   1 
# 
